data_6XDW
# 
_entry.id   6XDW 
# 
_audit_conform.dict_name       mmcif_pdbx.dic 
_audit_conform.dict_version    5.380 
_audit_conform.dict_location   http://mmcif.pdb.org/dictionaries/ascii/mmcif_pdbx.dic 
# 
loop_
_database_2.database_id 
_database_2.database_code 
_database_2.pdbx_database_accession 
_database_2.pdbx_DOI 
PDB   6XDW         pdb_00006xdw 10.2210/pdb6xdw/pdb 
WWPDB D_1000249246 ?            ?                   
# 
_pdbx_database_status.status_code                     REL 
_pdbx_database_status.status_code_sf                  REL 
_pdbx_database_status.status_code_mr                  ? 
_pdbx_database_status.entry_id                        6XDW 
_pdbx_database_status.recvd_initial_deposition_date   2020-06-11 
_pdbx_database_status.SG_entry                        N 
_pdbx_database_status.deposit_site                    RCSB 
_pdbx_database_status.process_site                    RCSB 
_pdbx_database_status.status_code_cs                  ? 
_pdbx_database_status.status_code_nmr_data            ? 
_pdbx_database_status.methods_development_category    ? 
_pdbx_database_status.pdb_format_compatible           Y 
# 
loop_
_audit_author.name 
_audit_author.pdbx_ordinal 
_audit_author.identifier_ORCID 
'Simmons, C.R.'      1 0000-0002-2290-6132 
'MacCulloch, T.'     2 0000-0001-5875-3361 
'Stephanopoulos, N.' 3 0000-0001-7859-410X 
'Yan, H.'            4 0000-0001-7397-9852 
# 
_citation.abstract                  ? 
_citation.abstract_id_CAS           ? 
_citation.book_id_ISBN              ? 
_citation.book_publisher            ? 
_citation.book_publisher_city       ? 
_citation.book_title                ? 
_citation.coordinate_linkage        ? 
_citation.country                   UK 
_citation.database_id_Medline       ? 
_citation.details                   ? 
_citation.id                        primary 
_citation.journal_abbrev            'Nat Commun' 
_citation.journal_id_ASTM           ? 
_citation.journal_id_CSD            ? 
_citation.journal_id_ISSN           2041-1723 
_citation.journal_full              ? 
_citation.journal_issue             ? 
_citation.journal_volume            13 
_citation.language                  ? 
_citation.page_first                3112 
_citation.page_last                 3112 
_citation.title                     'The influence of Holliday junction sequence and dynamics on DNA crystal self-assembly.' 
_citation.year                      2022 
_citation.database_id_CSD           ? 
_citation.pdbx_database_id_DOI      10.1038/s41467-022-30779-6 
_citation.pdbx_database_id_PubMed   35662248 
_citation.unpublished_flag          ? 
# 
loop_
_citation_author.citation_id 
_citation_author.name 
_citation_author.ordinal 
_citation_author.identifier_ORCID 
primary 'Simmons, C.R.'      1  ?                   
primary 'MacCulloch, T.'     2  ?                   
primary 'Krepl, M.'          3  0000-0002-9833-4281 
primary 'Matthies, M.'       4  ?                   
primary 'Buchberger, A.'     5  ?                   
primary 'Crawford, I.'       6  ?                   
primary 'Sponer, J.'         7  0000-0001-6558-6186 
primary 'Sulc, P.'           8  0000-0003-1565-6769 
primary 'Stephanopoulos, N.' 9  0000-0001-7859-410X 
primary 'Yan, H.'            10 0000-0001-7397-9852 
# 
_cell.angle_alpha                  90.000 
_cell.angle_alpha_esd              ? 
_cell.angle_beta                   90.000 
_cell.angle_beta_esd               ? 
_cell.angle_gamma                  120.000 
_cell.angle_gamma_esd              ? 
_cell.entry_id                     6XDW 
_cell.details                      ? 
_cell.formula_units_Z              ? 
_cell.length_a                     67.918 
_cell.length_a_esd                 ? 
_cell.length_b                     67.918 
_cell.length_b_esd                 ? 
_cell.length_c                     59.511 
_cell.length_c_esd                 ? 
_cell.volume                       ? 
_cell.volume_esd                   ? 
_cell.Z_PDB                        6 
_cell.reciprocal_angle_alpha       ? 
_cell.reciprocal_angle_beta        ? 
_cell.reciprocal_angle_gamma       ? 
_cell.reciprocal_angle_alpha_esd   ? 
_cell.reciprocal_angle_beta_esd    ? 
_cell.reciprocal_angle_gamma_esd   ? 
_cell.reciprocal_length_a          ? 
_cell.reciprocal_length_b          ? 
_cell.reciprocal_length_c          ? 
_cell.reciprocal_length_a_esd      ? 
_cell.reciprocal_length_b_esd      ? 
_cell.reciprocal_length_c_esd      ? 
_cell.pdbx_unique_axis             ? 
# 
_symmetry.entry_id                         6XDW 
_symmetry.cell_setting                     ? 
_symmetry.Int_Tables_number                154 
_symmetry.space_group_name_Hall            ? 
_symmetry.space_group_name_H-M             'P 32 2 1' 
_symmetry.pdbx_full_space_group_name_H-M   ? 
# 
loop_
_entity.id 
_entity.type 
_entity.src_method 
_entity.pdbx_description 
_entity.formula_weight 
_entity.pdbx_number_of_molecules 
_entity.pdbx_ec 
_entity.pdbx_mutation 
_entity.pdbx_fragment 
_entity.details 
1 polymer     syn 
;DNA (5'-D(*GP*AP*GP*CP*AP*GP*AP*CP*CP*CP*G)-3')
;
3368.213 1 ? ? ? ? 
2 polymer     syn 
;DNA (5'-D(P*AP*CP*GP*GP*CP*AP*CP*TP*CP*A)-3')
;
3013.995 1 ? ? ? ? 
3 polymer     syn 
;DNA (5'-D(P*CP*GP*CP*GP*T)-3')
;
1496.011 1 ? ? ? ? 
4 polymer     syn 
;DNA (5'-D(*TP*CP*TP*GP*AP*GP*TP*GP*CP*GP*GP*TP*CP*TP*GP*C)-3')
;
4921.175 1 ? ? ? ? 
5 non-polymer syn 'CACODYLATE ION'                                                 136.989  1 ? ? ? ? 
# 
loop_
_entity_poly.entity_id 
_entity_poly.type 
_entity_poly.nstd_linkage 
_entity_poly.nstd_monomer 
_entity_poly.pdbx_seq_one_letter_code 
_entity_poly.pdbx_seq_one_letter_code_can 
_entity_poly.pdbx_strand_id 
_entity_poly.pdbx_target_identifier 
1 polydeoxyribonucleotide no no '(DG)(DA)(DG)(DC)(DA)(DG)(DA)(DC)(DC)(DC)(DG)'                     GAGCAGACCCG      A ? 
2 polydeoxyribonucleotide no no '(DA)(DC)(DG)(DG)(DC)(DA)(DC)(DT)(DC)(DA)'                         ACGGCACTCA       B ? 
3 polydeoxyribonucleotide no no '(DC)(DG)(DC)(DG)(DT)'                                             CGCGT            C ? 
4 polydeoxyribonucleotide no no '(DT)(DC)(DT)(DG)(DA)(DG)(DT)(DG)(DC)(DG)(DG)(DT)(DC)(DT)(DG)(DC)' TCTGAGTGCGGTCTGC D ? 
# 
loop_
_entity_poly_seq.entity_id 
_entity_poly_seq.num 
_entity_poly_seq.mon_id 
_entity_poly_seq.hetero 
1 1  DG n 
1 2  DA n 
1 3  DG n 
1 4  DC n 
1 5  DA n 
1 6  DG n 
1 7  DA n 
1 8  DC n 
1 9  DC n 
1 10 DC n 
1 11 DG n 
2 1  DA n 
2 2  DC n 
2 3  DG n 
2 4  DG n 
2 5  DC n 
2 6  DA n 
2 7  DC n 
2 8  DT n 
2 9  DC n 
2 10 DA n 
3 1  DC n 
3 2  DG n 
3 3  DC n 
3 4  DG n 
3 5  DT n 
4 1  DT n 
4 2  DC n 
4 3  DT n 
4 4  DG n 
4 5  DA n 
4 6  DG n 
4 7  DT n 
4 8  DG n 
4 9  DC n 
4 10 DG n 
4 11 DG n 
4 12 DT n 
4 13 DC n 
4 14 DT n 
4 15 DG n 
4 16 DC n 
# 
loop_
_pdbx_entity_src_syn.entity_id 
_pdbx_entity_src_syn.pdbx_src_id 
_pdbx_entity_src_syn.pdbx_alt_source_flag 
_pdbx_entity_src_syn.pdbx_beg_seq_num 
_pdbx_entity_src_syn.pdbx_end_seq_num 
_pdbx_entity_src_syn.organism_scientific 
_pdbx_entity_src_syn.organism_common_name 
_pdbx_entity_src_syn.ncbi_taxonomy_id 
_pdbx_entity_src_syn.details 
1 1 sample 1 11 'synthetic construct' ? 32630 ? 
2 1 sample 1 10 'synthetic construct' ? 32630 ? 
3 1 sample 1 5  'synthetic construct' ? 32630 ? 
4 1 sample 1 16 'synthetic construct' ? 32630 ? 
# 
loop_
_struct_ref.id 
_struct_ref.db_name 
_struct_ref.db_code 
_struct_ref.pdbx_db_accession 
_struct_ref.pdbx_db_isoform 
_struct_ref.entity_id 
_struct_ref.pdbx_seq_one_letter_code 
_struct_ref.pdbx_align_begin 
1 PDB 6XDW 6XDW ? 1 ? 1 
2 PDB 6XDW 6XDW ? 2 ? 1 
3 PDB 6XDW 6XDW ? 3 ? 1 
4 PDB 6XDW 6XDW ? 4 ? 1 
# 
loop_
_struct_ref_seq.align_id 
_struct_ref_seq.ref_id 
_struct_ref_seq.pdbx_PDB_id_code 
_struct_ref_seq.pdbx_strand_id 
_struct_ref_seq.seq_align_beg 
_struct_ref_seq.pdbx_seq_align_beg_ins_code 
_struct_ref_seq.seq_align_end 
_struct_ref_seq.pdbx_seq_align_end_ins_code 
_struct_ref_seq.pdbx_db_accession 
_struct_ref_seq.db_align_beg 
_struct_ref_seq.pdbx_db_align_beg_ins_code 
_struct_ref_seq.db_align_end 
_struct_ref_seq.pdbx_db_align_end_ins_code 
_struct_ref_seq.pdbx_auth_seq_align_beg 
_struct_ref_seq.pdbx_auth_seq_align_end 
1 1 6XDW A 1 ? 11 ? 6XDW 1  ? 11 ? 1  11 
2 2 6XDW B 1 ? 10 ? 6XDW 12 ? 21 ? 12 21 
3 3 6XDW C 1 ? 5  ? 6XDW 1  ? 5  ? 1  5  
4 4 6XDW D 1 ? 16 ? 6XDW 1  ? 16 ? 1  16 
# 
loop_
_chem_comp.id 
_chem_comp.type 
_chem_comp.mon_nstd_flag 
_chem_comp.name 
_chem_comp.pdbx_synonyms 
_chem_comp.formula 
_chem_comp.formula_weight 
CAC non-polymer   . 'CACODYLATE ION'                     dimethylarsinate 'C2 H6 As O2 -1'  136.989 
DA  'DNA linking' y "2'-DEOXYADENOSINE-5'-MONOPHOSPHATE" ?                'C10 H14 N5 O6 P' 331.222 
DC  'DNA linking' y "2'-DEOXYCYTIDINE-5'-MONOPHOSPHATE"  ?                'C9 H14 N3 O7 P'  307.197 
DG  'DNA linking' y "2'-DEOXYGUANOSINE-5'-MONOPHOSPHATE" ?                'C10 H14 N5 O7 P' 347.221 
DT  'DNA linking' y "THYMIDINE-5'-MONOPHOSPHATE"         ?                'C10 H15 N2 O8 P' 322.208 
# 
_exptl.absorpt_coefficient_mu     ? 
_exptl.absorpt_correction_T_max   ? 
_exptl.absorpt_correction_T_min   ? 
_exptl.absorpt_correction_type    ? 
_exptl.absorpt_process_details    ? 
_exptl.entry_id                   6XDW 
_exptl.crystals_number            1 
_exptl.details                    ? 
_exptl.method                     'X-RAY DIFFRACTION' 
_exptl.method_details             ? 
# 
_exptl_crystal.colour                      ? 
_exptl_crystal.density_diffrn              ? 
_exptl_crystal.density_Matthews            3.10 
_exptl_crystal.density_method              ? 
_exptl_crystal.density_percent_sol         60.27 
_exptl_crystal.description                 ? 
_exptl_crystal.F_000                       ? 
_exptl_crystal.id                          1 
_exptl_crystal.preparation                 ? 
_exptl_crystal.size_max                    ? 
_exptl_crystal.size_mid                    ? 
_exptl_crystal.size_min                    ? 
_exptl_crystal.size_rad                    ? 
_exptl_crystal.colour_lustre               ? 
_exptl_crystal.colour_modifier             ? 
_exptl_crystal.colour_primary              ? 
_exptl_crystal.density_meas                ? 
_exptl_crystal.density_meas_esd            ? 
_exptl_crystal.density_meas_gt             ? 
_exptl_crystal.density_meas_lt             ? 
_exptl_crystal.density_meas_temp           ? 
_exptl_crystal.density_meas_temp_esd       ? 
_exptl_crystal.density_meas_temp_gt        ? 
_exptl_crystal.density_meas_temp_lt        ? 
_exptl_crystal.pdbx_crystal_image_url      ? 
_exptl_crystal.pdbx_crystal_image_format   ? 
_exptl_crystal.pdbx_mosaicity              ? 
_exptl_crystal.pdbx_mosaicity_esd          ? 
# 
_exptl_crystal_grow.apparatus       ? 
_exptl_crystal_grow.atmosphere      ? 
_exptl_crystal_grow.crystal_id      1 
_exptl_crystal_grow.details         ? 
_exptl_crystal_grow.method          'VAPOR DIFFUSION, SITTING DROP' 
_exptl_crystal_grow.method_ref      ? 
_exptl_crystal_grow.pH              ? 
_exptl_crystal_grow.pressure        ? 
_exptl_crystal_grow.pressure_esd    ? 
_exptl_crystal_grow.seeding         ? 
_exptl_crystal_grow.seeding_ref     ? 
_exptl_crystal_grow.temp            298 
_exptl_crystal_grow.temp_details    'temperature gradient generated from 60 to 25 C at 0.3 degrees per hour' 
_exptl_crystal_grow.temp_esd        ? 
_exptl_crystal_grow.time            ? 
_exptl_crystal_grow.pdbx_details    
;0.5 mL of 0.05 M Cacodylate pH 6.5 with 36 mM MgCl2, 2.25 mM spermine, and 5% PEG 400 was added to the reservoir with 2 uL added to the drop containing 4 uL of DNA stock
;
_exptl_crystal_grow.pdbx_pH_range   ? 
# 
_diffrn.ambient_environment              ? 
_diffrn.ambient_temp                     100 
_diffrn.ambient_temp_details             ? 
_diffrn.ambient_temp_esd                 ? 
_diffrn.crystal_id                       1 
_diffrn.crystal_support                  ? 
_diffrn.crystal_treatment                ? 
_diffrn.details                          ? 
_diffrn.id                               1 
_diffrn.ambient_pressure                 ? 
_diffrn.ambient_pressure_esd             ? 
_diffrn.ambient_pressure_gt              ? 
_diffrn.ambient_pressure_lt              ? 
_diffrn.ambient_temp_gt                  ? 
_diffrn.ambient_temp_lt                  ? 
_diffrn.pdbx_serial_crystal_experiment   N 
# 
_diffrn_detector.details                      ? 
_diffrn_detector.detector                     CCD 
_diffrn_detector.diffrn_id                    1 
_diffrn_detector.type                         'ADSC QUANTUM 210r' 
_diffrn_detector.area_resol_mean              ? 
_diffrn_detector.dtime                        ? 
_diffrn_detector.pdbx_frames_total            ? 
_diffrn_detector.pdbx_collection_time_total   ? 
_diffrn_detector.pdbx_collection_date         2017-12-15 
_diffrn_detector.pdbx_frequency               ? 
# 
_diffrn_radiation.collimation                      ? 
_diffrn_radiation.diffrn_id                        1 
_diffrn_radiation.filter_edge                      ? 
_diffrn_radiation.inhomogeneity                    ? 
_diffrn_radiation.monochromator                    ? 
_diffrn_radiation.polarisn_norm                    ? 
_diffrn_radiation.polarisn_ratio                   ? 
_diffrn_radiation.probe                            ? 
_diffrn_radiation.type                             ? 
_diffrn_radiation.xray_symbol                      ? 
_diffrn_radiation.wavelength_id                    1 
_diffrn_radiation.pdbx_monochromatic_or_laue_m_l   M 
_diffrn_radiation.pdbx_wavelength_list             ? 
_diffrn_radiation.pdbx_wavelength                  ? 
_diffrn_radiation.pdbx_diffrn_protocol             'SINGLE WAVELENGTH' 
_diffrn_radiation.pdbx_analyzer                    ? 
_diffrn_radiation.pdbx_scattering_type             x-ray 
# 
_diffrn_radiation_wavelength.id           1 
_diffrn_radiation_wavelength.wavelength   1 
_diffrn_radiation_wavelength.wt           1.0 
# 
_diffrn_source.current                     ? 
_diffrn_source.details                     ? 
_diffrn_source.diffrn_id                   1 
_diffrn_source.power                       ? 
_diffrn_source.size                        ? 
_diffrn_source.source                      SYNCHROTRON 
_diffrn_source.target                      ? 
_diffrn_source.type                        'APS BEAMLINE 19-BM' 
_diffrn_source.voltage                     ? 
_diffrn_source.take-off_angle              ? 
_diffrn_source.pdbx_wavelength_list        1 
_diffrn_source.pdbx_wavelength             ? 
_diffrn_source.pdbx_synchrotron_beamline   19-BM 
_diffrn_source.pdbx_synchrotron_site       APS 
# 
_reflns.B_iso_Wilson_estimate            77.650 
_reflns.entry_id                         6XDW 
_reflns.data_reduction_details           ? 
_reflns.data_reduction_method            ? 
_reflns.d_resolution_high                3.148 
_reflns.d_resolution_low                 50.000 
_reflns.details                          ? 
_reflns.limit_h_max                      ? 
_reflns.limit_h_min                      ? 
_reflns.limit_k_max                      ? 
_reflns.limit_k_min                      ? 
_reflns.limit_l_max                      ? 
_reflns.limit_l_min                      ? 
_reflns.number_all                       ? 
_reflns.number_obs                       2891 
_reflns.observed_criterion               ? 
_reflns.observed_criterion_F_max         ? 
_reflns.observed_criterion_F_min         ? 
_reflns.observed_criterion_I_max         ? 
_reflns.observed_criterion_I_min         ? 
_reflns.observed_criterion_sigma_F       ? 
_reflns.observed_criterion_sigma_I       ? 
_reflns.percent_possible_obs             98.000 
_reflns.R_free_details                   ? 
_reflns.Rmerge_F_all                     ? 
_reflns.Rmerge_F_obs                     ? 
_reflns.Friedel_coverage                 ? 
_reflns.number_gt                        ? 
_reflns.threshold_expression             ? 
_reflns.pdbx_redundancy                  12.300 
_reflns.pdbx_Rmerge_I_obs                0.149 
_reflns.pdbx_Rmerge_I_all                ? 
_reflns.pdbx_Rsym_value                  ? 
_reflns.pdbx_netI_over_av_sigmaI         ? 
_reflns.pdbx_netI_over_sigmaI            5.400 
_reflns.pdbx_res_netI_over_av_sigmaI_2   ? 
_reflns.pdbx_res_netI_over_sigmaI_2      ? 
_reflns.pdbx_chi_squared                 1.297 
_reflns.pdbx_scaling_rejects             ? 
_reflns.pdbx_d_res_high_opt              ? 
_reflns.pdbx_d_res_low_opt               ? 
_reflns.pdbx_d_res_opt_method            ? 
_reflns.phase_calculation_details        ? 
_reflns.pdbx_Rrim_I_all                  0.156 
_reflns.pdbx_Rpim_I_all                  0.044 
_reflns.pdbx_d_opt                       ? 
_reflns.pdbx_number_measured_all         ? 
_reflns.pdbx_diffrn_id                   1 
_reflns.pdbx_ordinal                     1 
_reflns.pdbx_CC_half                     1.00 
_reflns.pdbx_CC_star                     ? 
_reflns.pdbx_R_split                     ? 
# 
loop_
_reflns_shell.d_res_high 
_reflns_shell.d_res_low 
_reflns_shell.meanI_over_sigI_all 
_reflns_shell.meanI_over_sigI_obs 
_reflns_shell.number_measured_all 
_reflns_shell.number_measured_obs 
_reflns_shell.number_possible 
_reflns_shell.number_unique_all 
_reflns_shell.number_unique_obs 
_reflns_shell.percent_possible_all 
_reflns_shell.percent_possible_obs 
_reflns_shell.Rmerge_F_all 
_reflns_shell.Rmerge_F_obs 
_reflns_shell.Rmerge_I_all 
_reflns_shell.Rmerge_I_obs 
_reflns_shell.meanI_over_sigI_gt 
_reflns_shell.meanI_over_uI_all 
_reflns_shell.meanI_over_uI_gt 
_reflns_shell.number_measured_gt 
_reflns_shell.number_unique_gt 
_reflns_shell.percent_possible_gt 
_reflns_shell.Rmerge_F_gt 
_reflns_shell.Rmerge_I_gt 
_reflns_shell.pdbx_redundancy 
_reflns_shell.pdbx_Rsym_value 
_reflns_shell.pdbx_chi_squared 
_reflns_shell.pdbx_netI_over_sigmaI_all 
_reflns_shell.pdbx_netI_over_sigmaI_obs 
_reflns_shell.pdbx_Rrim_I_all 
_reflns_shell.pdbx_Rpim_I_all 
_reflns_shell.pdbx_rejects 
_reflns_shell.pdbx_ordinal 
_reflns_shell.pdbx_diffrn_id 
_reflns_shell.pdbx_CC_half 
_reflns_shell.pdbx_CC_star 
_reflns_shell.pdbx_R_split 
3.150 3.200  ? ? ? ? ? ? 120 82.800  ? ? ? ? 0.641 ? ? ? ? ? ? ? ? 7.300  ? 1.369 ? ? 0.678 0.209 ? 1  1 0.882 ? ? 
3.200 3.260  ? ? ? ? ? ? 130 88.400  ? ? ? ? 0.385 ? ? ? ? ? ? ? ? 8.100  ? 1.179 ? ? 0.406 0.121 ? 2  1 0.968 ? ? 
3.260 3.330  ? ? ? ? ? ? 137 96.500  ? ? ? ? 0.761 ? ? ? ? ? ? ? ? 8.300  ? 1.291 ? ? 0.803 0.243 ? 3  1 0.860 ? ? 
3.330 3.390  ? ? ? ? ? ? 137 97.200  ? ? ? ? 0.615 ? ? ? ? ? ? ? ? 10.100 ? 1.326 ? ? 0.645 0.185 ? 4  1 0.933 ? ? 
3.390 3.470  ? ? ? ? ? ? 144 100.000 ? ? ? ? 0.853 ? ? ? ? ? ? ? ? 10.300 ? 1.513 ? ? 0.895 0.262 ? 5  1 0.842 ? ? 
3.470 3.550  ? ? ? ? ? ? 142 98.600  ? ? ? ? 0.703 ? ? ? ? ? ? ? ? 11.600 ? 1.414 ? ? 0.732 0.202 ? 6  1 0.913 ? ? 
3.550 3.640  ? ? ? ? ? ? 143 100.000 ? ? ? ? 0.865 ? ? ? ? ? ? ? ? 12.300 ? 1.340 ? ? 0.902 0.248 ? 7  1 0.861 ? ? 
3.640 3.730  ? ? ? ? ? ? 142 100.000 ? ? ? ? 0.857 ? ? ? ? ? ? ? ? 12.700 ? 1.665 ? ? 0.892 0.242 ? 8  1 0.817 ? ? 
3.730 3.840  ? ? ? ? ? ? 139 100.000 ? ? ? ? 0.807 ? ? ? ? ? ? ? ? 13.700 ? 1.711 ? ? 0.837 0.221 ? 9  1 0.915 ? ? 
3.840 3.970  ? ? ? ? ? ? 152 100.000 ? ? ? ? 0.822 ? ? ? ? ? ? ? ? 13.600 ? 1.429 ? ? 0.854 0.229 ? 10 1 0.895 ? ? 
3.970 4.110  ? ? ? ? ? ? 136 100.000 ? ? ? ? 0.631 ? ? ? ? ? ? ? ? 14.600 ? 1.372 ? ? 0.653 0.169 ? 11 1 0.957 ? ? 
4.110 4.270  ? ? ? ? ? ? 165 100.000 ? ? ? ? 0.495 ? ? ? ? ? ? ? ? 13.500 ? 1.408 ? ? 0.514 0.137 ? 12 1 0.967 ? ? 
4.270 4.470  ? ? ? ? ? ? 130 100.000 ? ? ? ? 0.379 ? ? ? ? ? ? ? ? 14.400 ? 1.694 ? ? 0.393 0.102 ? 13 1 0.962 ? ? 
4.470 4.700  ? ? ? ? ? ? 152 100.000 ? ? ? ? 0.378 ? ? ? ? ? ? ? ? 13.900 ? 1.327 ? ? 0.392 0.103 ? 14 1 0.982 ? ? 
4.700 5.000  ? ? ? ? ? ? 150 100.000 ? ? ? ? 0.240 ? ? ? ? ? ? ? ? 13.900 ? 1.338 ? ? 0.249 0.066 ? 15 1 0.992 ? ? 
5.000 5.380  ? ? ? ? ? ? 144 100.000 ? ? ? ? 0.128 ? ? ? ? ? ? ? ? 14.000 ? 1.139 ? ? 0.132 0.035 ? 16 1 0.997 ? ? 
5.380 5.930  ? ? ? ? ? ? 153 100.000 ? ? ? ? 0.084 ? ? ? ? ? ? ? ? 13.700 ? 1.019 ? ? 0.088 0.023 ? 17 1 0.999 ? ? 
5.930 6.780  ? ? ? ? ? ? 153 100.000 ? ? ? ? 0.088 ? ? ? ? ? ? ? ? 13.700 ? 1.013 ? ? 0.091 0.024 ? 18 1 0.998 ? ? 
6.780 8.540  ? ? ? ? ? ? 157 100.000 ? ? ? ? 0.041 ? ? ? ? ? ? ? ? 13.000 ? 0.681 ? ? 0.043 0.012 ? 19 1 1.000 ? ? 
8.540 50.000 ? ? ? ? ? ? 165 97.100  ? ? ? ? 0.035 ? ? ? ? ? ? ? ? 11.700 ? 0.864 ? ? 0.037 0.012 ? 20 1 0.997 ? ? 
# 
_refine.aniso_B[1][1]                            ? 
_refine.aniso_B[1][2]                            ? 
_refine.aniso_B[1][3]                            ? 
_refine.aniso_B[2][2]                            ? 
_refine.aniso_B[2][3]                            ? 
_refine.aniso_B[3][3]                            ? 
_refine.B_iso_max                                150.110 
_refine.B_iso_mean                               86.5101 
_refine.B_iso_min                                42.780 
_refine.correlation_coeff_Fo_to_Fc               ? 
_refine.correlation_coeff_Fo_to_Fc_free          ? 
_refine.details                                  ? 
_refine.diff_density_max                         ? 
_refine.diff_density_max_esd                     ? 
_refine.diff_density_min                         ? 
_refine.diff_density_min_esd                     ? 
_refine.diff_density_rms                         ? 
_refine.diff_density_rms_esd                     ? 
_refine.entry_id                                 6XDW 
_refine.pdbx_refine_id                           'X-RAY DIFFRACTION' 
_refine.ls_abs_structure_details                 ? 
_refine.ls_abs_structure_Flack                   ? 
_refine.ls_abs_structure_Flack_esd               ? 
_refine.ls_abs_structure_Rogers                  ? 
_refine.ls_abs_structure_Rogers_esd              ? 
_refine.ls_d_res_high                            3.1480 
_refine.ls_d_res_low                             41.8340 
_refine.ls_extinction_coef                       ? 
_refine.ls_extinction_coef_esd                   ? 
_refine.ls_extinction_expression                 ? 
_refine.ls_extinction_method                     ? 
_refine.ls_goodness_of_fit_all                   ? 
_refine.ls_goodness_of_fit_all_esd               ? 
_refine.ls_goodness_of_fit_obs                   ? 
_refine.ls_goodness_of_fit_obs_esd               ? 
_refine.ls_hydrogen_treatment                    ? 
_refine.ls_matrix_type                           ? 
_refine.ls_number_constraints                    ? 
_refine.ls_number_parameters                     ? 
_refine.ls_number_reflns_all                     ? 
_refine.ls_number_reflns_obs                     2873 
_refine.ls_number_reflns_R_free                  135 
_refine.ls_number_reflns_R_work                  2738 
_refine.ls_number_restraints                     ? 
_refine.ls_percent_reflns_obs                    97.7200 
_refine.ls_percent_reflns_R_free                 4.7000 
_refine.ls_R_factor_all                          ? 
_refine.ls_R_factor_obs                          0.2259 
_refine.ls_R_factor_R_free                       0.2599 
_refine.ls_R_factor_R_free_error                 ? 
_refine.ls_R_factor_R_free_error_details         ? 
_refine.ls_R_factor_R_work                       0.2240 
_refine.ls_R_Fsqd_factor_obs                     ? 
_refine.ls_R_I_factor_obs                        ? 
_refine.ls_redundancy_reflns_all                 ? 
_refine.ls_redundancy_reflns_obs                 ? 
_refine.ls_restrained_S_all                      ? 
_refine.ls_restrained_S_obs                      ? 
_refine.ls_shift_over_esd_max                    ? 
_refine.ls_shift_over_esd_mean                   ? 
_refine.ls_structure_factor_coef                 ? 
_refine.ls_weighting_details                     ? 
_refine.ls_weighting_scheme                      ? 
_refine.ls_wR_factor_all                         ? 
_refine.ls_wR_factor_obs                         ? 
_refine.ls_wR_factor_R_free                      ? 
_refine.ls_wR_factor_R_work                      ? 
_refine.occupancy_max                            ? 
_refine.occupancy_min                            ? 
_refine.solvent_model_details                    'FLAT BULK SOLVENT MODEL' 
_refine.solvent_model_param_bsol                 ? 
_refine.solvent_model_param_ksol                 ? 
_refine.pdbx_R_complete                          ? 
_refine.ls_R_factor_gt                           ? 
_refine.ls_goodness_of_fit_gt                    ? 
_refine.ls_goodness_of_fit_ref                   ? 
_refine.ls_shift_over_su_max                     ? 
_refine.ls_shift_over_su_max_lt                  ? 
_refine.ls_shift_over_su_mean                    ? 
_refine.ls_shift_over_su_mean_lt                 ? 
_refine.pdbx_ls_sigma_I                          ? 
_refine.pdbx_ls_sigma_F                          1.980 
_refine.pdbx_ls_sigma_Fsqd                       ? 
_refine.pdbx_data_cutoff_high_absF               ? 
_refine.pdbx_data_cutoff_high_rms_absF           ? 
_refine.pdbx_data_cutoff_low_absF                ? 
_refine.pdbx_isotropic_thermal_model             ? 
_refine.pdbx_ls_cross_valid_method               THROUGHOUT 
_refine.pdbx_method_to_determine_struct          'MOLECULAR REPLACEMENT' 
_refine.pdbx_starting_model                      6x8c 
_refine.pdbx_stereochemistry_target_values       ML 
_refine.pdbx_R_Free_selection_details            ? 
_refine.pdbx_stereochem_target_val_spec_case     ? 
_refine.pdbx_overall_ESU_R                       ? 
_refine.pdbx_overall_ESU_R_Free                  ? 
_refine.pdbx_solvent_vdw_probe_radii             1.1100 
_refine.pdbx_solvent_ion_probe_radii             ? 
_refine.pdbx_solvent_shrinkage_radii             0.9000 
_refine.pdbx_real_space_R                        ? 
_refine.pdbx_density_correlation                 ? 
_refine.pdbx_pd_number_of_powder_patterns        ? 
_refine.pdbx_pd_number_of_points                 ? 
_refine.pdbx_pd_meas_number_of_points            ? 
_refine.pdbx_pd_proc_ls_prof_R_factor            ? 
_refine.pdbx_pd_proc_ls_prof_wR_factor           ? 
_refine.pdbx_pd_Marquardt_correlation_coeff      ? 
_refine.pdbx_pd_Fsqrd_R_factor                   ? 
_refine.pdbx_pd_ls_matrix_band_width             ? 
_refine.pdbx_overall_phase_error                 24.6600 
_refine.pdbx_overall_SU_R_free_Cruickshank_DPI   ? 
_refine.pdbx_overall_SU_R_free_Blow_DPI          ? 
_refine.pdbx_overall_SU_R_Blow_DPI               ? 
_refine.pdbx_TLS_residual_ADP_flag               ? 
_refine.pdbx_diffrn_id                           1 
_refine.overall_SU_B                             ? 
_refine.overall_SU_ML                            0.2700 
_refine.overall_SU_R_Cruickshank_DPI             ? 
_refine.overall_SU_R_free                        ? 
_refine.overall_FOM_free_R_set                   ? 
_refine.overall_FOM_work_R_set                   ? 
_refine.pdbx_average_fsc_overall                 ? 
_refine.pdbx_average_fsc_work                    ? 
_refine.pdbx_average_fsc_free                    ? 
# 
_refine_hist.pdbx_refine_id                   'X-RAY DIFFRACTION' 
_refine_hist.cycle_id                         final 
_refine_hist.details                          ? 
_refine_hist.d_res_high                       3.1480 
_refine_hist.d_res_low                        41.8340 
_refine_hist.number_atoms_solvent             0 
_refine_hist.number_atoms_total               856 
_refine_hist.number_reflns_all                ? 
_refine_hist.number_reflns_obs                ? 
_refine_hist.number_reflns_R_free             ? 
_refine_hist.number_reflns_R_work             ? 
_refine_hist.R_factor_all                     ? 
_refine_hist.R_factor_obs                     ? 
_refine_hist.R_factor_R_free                  ? 
_refine_hist.R_factor_R_work                  ? 
_refine_hist.pdbx_number_residues_total       42 
_refine_hist.pdbx_B_iso_mean_ligand           150.11 
_refine_hist.pdbx_B_iso_mean_solvent          ? 
_refine_hist.pdbx_number_atoms_protein        0 
_refine_hist.pdbx_number_atoms_nucleic_acid   855 
_refine_hist.pdbx_number_atoms_ligand         1 
_refine_hist.pdbx_number_atoms_lipid          ? 
_refine_hist.pdbx_number_atoms_carb           ? 
_refine_hist.pdbx_pseudo_atom_details         ? 
# 
loop_
_refine_ls_restr.pdbx_refine_id 
_refine_ls_restr.criterion 
_refine_ls_restr.dev_ideal 
_refine_ls_restr.dev_ideal_target 
_refine_ls_restr.number 
_refine_ls_restr.rejects 
_refine_ls_restr.type 
_refine_ls_restr.weight 
_refine_ls_restr.pdbx_restraint_function 
'X-RAY DIFFRACTION' ? 0.012  ? 956  ? f_bond_d           ? ? 
'X-RAY DIFFRACTION' ? 1.231  ? 1467 ? f_angle_d          ? ? 
'X-RAY DIFFRACTION' ? 0.061  ? 166  ? f_chiral_restr     ? ? 
'X-RAY DIFFRACTION' ? 0.006  ? 42   ? f_plane_restr      ? ? 
'X-RAY DIFFRACTION' ? 37.038 ? 406  ? f_dihedral_angle_d ? ? 
# 
_refine_ls_shell.pdbx_refine_id                   'X-RAY DIFFRACTION' 
_refine_ls_shell.d_res_high                       3.1485 
_refine_ls_shell.d_res_low                        41.8340 
_refine_ls_shell.number_reflns_all                ? 
_refine_ls_shell.number_reflns_obs                ? 
_refine_ls_shell.number_reflns_R_free             135 
_refine_ls_shell.number_reflns_R_work             2738 
_refine_ls_shell.percent_reflns_obs               98.0000 
_refine_ls_shell.percent_reflns_R_free            ? 
_refine_ls_shell.R_factor_all                     ? 
_refine_ls_shell.R_factor_obs                     ? 
_refine_ls_shell.R_factor_R_free                  0.2599 
_refine_ls_shell.R_factor_R_free_error            0.0000 
_refine_ls_shell.R_factor_R_work                  0.2240 
_refine_ls_shell.redundancy_reflns_all            ? 
_refine_ls_shell.redundancy_reflns_obs            ? 
_refine_ls_shell.wR_factor_all                    ? 
_refine_ls_shell.wR_factor_obs                    ? 
_refine_ls_shell.wR_factor_R_free                 ? 
_refine_ls_shell.wR_factor_R_work                 ? 
_refine_ls_shell.pdbx_R_complete                  ? 
_refine_ls_shell.pdbx_total_number_of_bins_used   ? 
_refine_ls_shell.pdbx_phase_error                 ? 
_refine_ls_shell.pdbx_fsc_work                    ? 
_refine_ls_shell.pdbx_fsc_free                    ? 
# 
_struct.entry_id                     6XDW 
_struct.title                        
'Self-assembly of a 3D DNA crystal lattice (4x5 junction version) containing the J5 immobile Holliday junction' 
_struct.pdbx_model_details           ? 
_struct.pdbx_formula_weight          ? 
_struct.pdbx_formula_weight_method   ? 
_struct.pdbx_model_type_details      ? 
_struct.pdbx_CASP_flag               N 
# 
_struct_keywords.entry_id        6XDW 
_struct_keywords.text            
'Structural DNA nanotechnology, immobile Holliday junctions, 3D DNA self-assembly, designer DNA crystals, DNA' 
_struct_keywords.pdbx_keywords   DNA 
# 
loop_
_struct_asym.id 
_struct_asym.pdbx_blank_PDB_chainid_flag 
_struct_asym.pdbx_modified 
_struct_asym.entity_id 
_struct_asym.details 
A N N 1 ? 
B N N 2 ? 
C N N 3 ? 
D N N 4 ? 
E N N 5 ? 
# 
loop_
_struct_conn.id 
_struct_conn.conn_type_id 
_struct_conn.pdbx_leaving_atom_flag 
_struct_conn.pdbx_PDB_id 
_struct_conn.ptnr1_label_asym_id 
_struct_conn.ptnr1_label_comp_id 
_struct_conn.ptnr1_label_seq_id 
_struct_conn.ptnr1_label_atom_id 
_struct_conn.pdbx_ptnr1_label_alt_id 
_struct_conn.pdbx_ptnr1_PDB_ins_code 
_struct_conn.pdbx_ptnr1_standard_comp_id 
_struct_conn.ptnr1_symmetry 
_struct_conn.ptnr2_label_asym_id 
_struct_conn.ptnr2_label_comp_id 
_struct_conn.ptnr2_label_seq_id 
_struct_conn.ptnr2_label_atom_id 
_struct_conn.pdbx_ptnr2_label_alt_id 
_struct_conn.pdbx_ptnr2_PDB_ins_code 
_struct_conn.ptnr1_auth_asym_id 
_struct_conn.ptnr1_auth_comp_id 
_struct_conn.ptnr1_auth_seq_id 
_struct_conn.ptnr2_auth_asym_id 
_struct_conn.ptnr2_auth_comp_id 
_struct_conn.ptnr2_auth_seq_id 
_struct_conn.ptnr2_symmetry 
_struct_conn.pdbx_ptnr3_label_atom_id 
_struct_conn.pdbx_ptnr3_label_seq_id 
_struct_conn.pdbx_ptnr3_label_comp_id 
_struct_conn.pdbx_ptnr3_label_asym_id 
_struct_conn.pdbx_ptnr3_label_alt_id 
_struct_conn.pdbx_ptnr3_PDB_ins_code 
_struct_conn.details 
_struct_conn.pdbx_dist_value 
_struct_conn.pdbx_value_order 
_struct_conn.pdbx_role 
hydrog1  hydrog ? ? A DG 3  N1 ? ? ? 1_555 D DC 16 N3 ? ? A DG 3  D DC 16 1_555 ? ? ? ? ? ? WATSON-CRICK            ? ? ? 
hydrog2  hydrog ? ? A DG 3  N2 ? ? ? 1_555 D DC 16 O2 ? ? A DG 3  D DC 16 1_555 ? ? ? ? ? ? WATSON-CRICK            ? ? ? 
hydrog3  hydrog ? ? A DG 3  O6 ? ? ? 1_555 D DC 16 N4 ? ? A DG 3  D DC 16 1_555 ? ? ? ? ? ? WATSON-CRICK            ? ? ? 
hydrog4  hydrog ? ? A DC 4  N3 ? ? ? 1_555 D DG 15 N1 ? ? A DC 4  D DG 15 1_555 ? ? ? ? ? ? WATSON-CRICK            ? ? ? 
hydrog5  hydrog ? ? A DC 4  N4 ? ? ? 1_555 D DG 15 O6 ? ? A DC 4  D DG 15 1_555 ? ? ? ? ? ? WATSON-CRICK            ? ? ? 
hydrog6  hydrog ? ? A DC 4  O2 ? ? ? 1_555 D DG 15 N2 ? ? A DC 4  D DG 15 1_555 ? ? ? ? ? ? WATSON-CRICK            ? ? ? 
hydrog7  hydrog ? ? A DA 5  N1 ? ? ? 1_555 D DT 14 N3 ? ? A DA 5  D DT 14 1_555 ? ? ? ? ? ? WATSON-CRICK            ? ? ? 
hydrog8  hydrog ? ? A DA 5  N6 ? ? ? 1_555 D DT 14 O4 ? ? A DA 5  D DT 14 1_555 ? ? ? ? ? ? WATSON-CRICK            ? ? ? 
hydrog9  hydrog ? ? A DG 6  N1 ? ? ? 1_555 D DC 13 O2 ? ? A DG 6  D DC 13 1_555 ? ? ? ? ? ? 'REVERSED WATSON-CRICK' ? ? ? 
hydrog10 hydrog ? ? A DG 6  N2 ? ? ? 1_555 D DC 13 N3 ? ? A DG 6  D DC 13 1_555 ? ? ? ? ? ? 'REVERSED WATSON-CRICK' ? ? ? 
hydrog11 hydrog ? ? A DA 7  N1 ? ? ? 1_555 D DT 12 N3 ? ? A DA 7  D DT 12 1_555 ? ? ? ? ? ? WATSON-CRICK            ? ? ? 
hydrog12 hydrog ? ? A DA 7  N6 ? ? ? 1_555 D DT 12 O4 ? ? A DA 7  D DT 12 1_555 ? ? ? ? ? ? WATSON-CRICK            ? ? ? 
hydrog13 hydrog ? ? A DC 8  N3 ? ? ? 1_555 D DG 11 N1 ? ? A DC 8  D DG 11 1_555 ? ? ? ? ? ? WATSON-CRICK            ? ? ? 
hydrog14 hydrog ? ? A DC 8  N4 ? ? ? 1_555 D DG 11 O6 ? ? A DC 8  D DG 11 1_555 ? ? ? ? ? ? WATSON-CRICK            ? ? ? 
hydrog15 hydrog ? ? A DC 8  O2 ? ? ? 1_555 D DG 11 N2 ? ? A DC 8  D DG 11 1_555 ? ? ? ? ? ? WATSON-CRICK            ? ? ? 
hydrog16 hydrog ? ? A DC 9  N3 ? ? ? 1_555 D DG 10 N1 ? ? A DC 9  D DG 10 1_555 ? ? ? ? ? ? WATSON-CRICK            ? ? ? 
hydrog17 hydrog ? ? A DC 9  N4 ? ? ? 1_555 D DG 10 O6 ? ? A DC 9  D DG 10 1_555 ? ? ? ? ? ? WATSON-CRICK            ? ? ? 
hydrog18 hydrog ? ? A DC 9  O2 ? ? ? 1_555 D DG 10 N2 ? ? A DC 9  D DG 10 1_555 ? ? ? ? ? ? WATSON-CRICK            ? ? ? 
hydrog19 hydrog ? ? A DC 10 N3 ? ? ? 1_555 C DG 2  N1 ? ? A DC 10 C DG 2  1_555 ? ? ? ? ? ? WATSON-CRICK            ? ? ? 
hydrog20 hydrog ? ? A DC 10 N4 ? ? ? 1_555 C DG 2  O6 ? ? A DC 10 C DG 2  1_555 ? ? ? ? ? ? WATSON-CRICK            ? ? ? 
hydrog21 hydrog ? ? A DC 10 O2 ? ? ? 1_555 C DG 2  N2 ? ? A DC 10 C DG 2  1_555 ? ? ? ? ? ? WATSON-CRICK            ? ? ? 
hydrog22 hydrog ? ? A DG 11 N1 ? ? ? 1_555 C DC 1  N3 ? ? A DG 11 C DC 1  1_555 ? ? ? ? ? ? WATSON-CRICK            ? ? ? 
hydrog23 hydrog ? ? A DG 11 N2 ? ? ? 1_555 C DC 1  O2 ? ? A DG 11 C DC 1  1_555 ? ? ? ? ? ? WATSON-CRICK            ? ? ? 
hydrog24 hydrog ? ? A DG 11 O6 ? ? ? 1_555 C DC 1  N4 ? ? A DG 11 C DC 1  1_555 ? ? ? ? ? ? WATSON-CRICK            ? ? ? 
hydrog25 hydrog ? ? B DA 1  N1 ? ? ? 1_555 C DG 4  N1 ? ? B DA 12 C DG 4  1_555 ? ? ? ? ? ? TYPE_8_PAIR             ? ? ? 
hydrog26 hydrog ? ? B DA 1  N6 ? ? ? 1_555 C DG 4  O6 ? ? B DA 12 C DG 4  1_555 ? ? ? ? ? ? TYPE_8_PAIR             ? ? ? 
hydrog27 hydrog ? ? B DA 1  N1 ? ? ? 1_555 C DT 5  N3 ? ? B DA 12 C DT 5  1_555 ? ? ? ? ? ? WATSON-CRICK            ? ? ? 
hydrog28 hydrog ? ? B DA 1  N6 ? ? ? 1_555 C DT 5  O4 ? ? B DA 12 C DT 5  1_555 ? ? ? ? ? ? WATSON-CRICK            ? ? ? 
hydrog29 hydrog ? ? B DC 2  N3 ? ? ? 1_555 C DG 4  N1 ? ? B DC 13 C DG 4  1_555 ? ? ? ? ? ? WATSON-CRICK            ? ? ? 
hydrog30 hydrog ? ? B DC 2  N4 ? ? ? 1_555 C DG 4  O6 ? ? B DC 13 C DG 4  1_555 ? ? ? ? ? ? WATSON-CRICK            ? ? ? 
hydrog31 hydrog ? ? B DC 2  O2 ? ? ? 1_555 C DG 4  N2 ? ? B DC 13 C DG 4  1_555 ? ? ? ? ? ? WATSON-CRICK            ? ? ? 
hydrog32 hydrog ? ? B DG 3  N1 ? ? ? 1_555 C DC 3  N3 ? ? B DG 14 C DC 3  1_555 ? ? ? ? ? ? WATSON-CRICK            ? ? ? 
hydrog33 hydrog ? ? B DG 3  N2 ? ? ? 1_555 C DC 3  O2 ? ? B DG 14 C DC 3  1_555 ? ? ? ? ? ? WATSON-CRICK            ? ? ? 
hydrog34 hydrog ? ? B DG 3  O6 ? ? ? 1_555 C DC 3  N4 ? ? B DG 14 C DC 3  1_555 ? ? ? ? ? ? WATSON-CRICK            ? ? ? 
hydrog35 hydrog ? ? B DG 4  N2 ? ? ? 1_555 D DC 9  O2 ? ? B DG 15 D DC 9  1_555 ? ? ? ? ? ? 'DG-DC PAIR'            ? ? ? 
hydrog36 hydrog ? ? B DC 5  N3 ? ? ? 1_555 D DG 8  N1 ? ? B DC 16 D DG 8  1_555 ? ? ? ? ? ? WATSON-CRICK            ? ? ? 
hydrog37 hydrog ? ? B DC 5  N4 ? ? ? 1_555 D DG 8  O6 ? ? B DC 16 D DG 8  1_555 ? ? ? ? ? ? WATSON-CRICK            ? ? ? 
hydrog38 hydrog ? ? B DC 5  O2 ? ? ? 1_555 D DG 8  N2 ? ? B DC 16 D DG 8  1_555 ? ? ? ? ? ? WATSON-CRICK            ? ? ? 
hydrog39 hydrog ? ? B DA 6  N1 ? ? ? 1_555 D DT 7  N3 ? ? B DA 17 D DT 7  1_555 ? ? ? ? ? ? WATSON-CRICK            ? ? ? 
hydrog40 hydrog ? ? B DA 6  N6 ? ? ? 1_555 D DT 7  O4 ? ? B DA 17 D DT 7  1_555 ? ? ? ? ? ? WATSON-CRICK            ? ? ? 
hydrog41 hydrog ? ? B DC 7  N3 ? ? ? 1_555 D DG 6  N1 ? ? B DC 18 D DG 6  1_555 ? ? ? ? ? ? WATSON-CRICK            ? ? ? 
hydrog42 hydrog ? ? B DC 7  N4 ? ? ? 1_555 D DG 6  O6 ? ? B DC 18 D DG 6  1_555 ? ? ? ? ? ? WATSON-CRICK            ? ? ? 
hydrog43 hydrog ? ? B DC 7  O2 ? ? ? 1_555 D DG 6  N2 ? ? B DC 18 D DG 6  1_555 ? ? ? ? ? ? WATSON-CRICK            ? ? ? 
hydrog44 hydrog ? ? B DT 8  N3 ? ? ? 1_555 D DA 5  N1 ? ? B DT 19 D DA 5  1_555 ? ? ? ? ? ? WATSON-CRICK            ? ? ? 
hydrog45 hydrog ? ? B DT 8  O4 ? ? ? 1_555 D DA 5  N6 ? ? B DT 19 D DA 5  1_555 ? ? ? ? ? ? WATSON-CRICK            ? ? ? 
hydrog46 hydrog ? ? B DC 9  N3 ? ? ? 1_555 D DG 4  N1 ? ? B DC 20 D DG 4  1_555 ? ? ? ? ? ? WATSON-CRICK            ? ? ? 
hydrog47 hydrog ? ? B DC 9  N4 ? ? ? 1_555 D DG 4  O6 ? ? B DC 20 D DG 4  1_555 ? ? ? ? ? ? WATSON-CRICK            ? ? ? 
hydrog48 hydrog ? ? B DC 9  O2 ? ? ? 1_555 D DG 4  N2 ? ? B DC 20 D DG 4  1_555 ? ? ? ? ? ? WATSON-CRICK            ? ? ? 
hydrog49 hydrog ? ? B DA 10 N1 ? ? ? 1_555 D DT 3  N3 ? ? B DA 21 D DT 3  1_555 ? ? ? ? ? ? WATSON-CRICK            ? ? ? 
hydrog50 hydrog ? ? B DA 10 N6 ? ? ? 1_555 D DT 3  O4 ? ? B DA 21 D DT 3  1_555 ? ? ? ? ? ? WATSON-CRICK            ? ? ? 
# 
_struct_conn_type.id          hydrog 
_struct_conn_type.criteria    ? 
_struct_conn_type.reference   ? 
# 
_atom_sites.entry_id                    6XDW 
_atom_sites.Cartn_transf_matrix[1][1]   ? 
_atom_sites.Cartn_transf_matrix[1][2]   ? 
_atom_sites.Cartn_transf_matrix[1][3]   ? 
_atom_sites.Cartn_transf_matrix[2][1]   ? 
_atom_sites.Cartn_transf_matrix[2][2]   ? 
_atom_sites.Cartn_transf_matrix[2][3]   ? 
_atom_sites.Cartn_transf_matrix[3][1]   ? 
_atom_sites.Cartn_transf_matrix[3][2]   ? 
_atom_sites.Cartn_transf_matrix[3][3]   ? 
_atom_sites.Cartn_transf_vector[1]      ? 
_atom_sites.Cartn_transf_vector[2]      ? 
_atom_sites.Cartn_transf_vector[3]      ? 
_atom_sites.fract_transf_matrix[1][1]   0.00801865 
_atom_sites.fract_transf_matrix[1][2]   0.01414332 
_atom_sites.fract_transf_matrix[1][3]   -0.00497303 
_atom_sites.fract_transf_matrix[2][1]   0.01605969 
_atom_sites.fract_transf_matrix[2][2]   -0.00082639 
_atom_sites.fract_transf_matrix[2][3]   -0.00551702 
_atom_sites.fract_transf_matrix[3][1]   -0.00551391 
_atom_sites.fract_transf_matrix[3][2]   -0.00239156 
_atom_sites.fract_transf_matrix[3][3]   -0.01569241 
_atom_sites.fract_transf_vector[1]      -0.197059 
_atom_sites.fract_transf_vector[2]      -0.383021 
_atom_sites.fract_transf_vector[3]      0.151993 
_atom_sites.solution_primary            ? 
_atom_sites.solution_secondary          ? 
_atom_sites.solution_hydrogens          ? 
_atom_sites.special_details             ? 
# 
loop_
_atom_type.symbol 
AS 
C  
N  
O  
P  
# 
loop_
_atom_site.group_PDB 
_atom_site.id 
_atom_site.type_symbol 
_atom_site.label_atom_id 
_atom_site.label_alt_id 
_atom_site.label_comp_id 
_atom_site.label_asym_id 
_atom_site.label_entity_id 
_atom_site.label_seq_id 
_atom_site.pdbx_PDB_ins_code 
_atom_site.Cartn_x 
_atom_site.Cartn_y 
_atom_site.Cartn_z 
_atom_site.occupancy 
_atom_site.B_iso_or_equiv 
_atom_site.pdbx_formal_charge 
_atom_site.auth_seq_id 
_atom_site.auth_comp_id 
_atom_site.auth_asym_id 
_atom_site.auth_atom_id 
_atom_site.pdbx_PDB_model_num 
ATOM   1   O  "O5'" . DG  A 1 1  ? 4.210   -22.169 -12.047 1.00 110.37 ? 1   DG  A "O5'" 1 
ATOM   2   C  "C5'" . DG  A 1 1  ? 5.307   -22.687 -12.810 1.00 97.35  ? 1   DG  A "C5'" 1 
ATOM   3   C  "C4'" . DG  A 1 1  ? 6.622   -22.374 -12.127 1.00 95.40  ? 1   DG  A "C4'" 1 
ATOM   4   O  "O4'" . DG  A 1 1  ? 7.594   -22.007 -13.115 1.00 98.45  ? 1   DG  A "O4'" 1 
ATOM   5   C  "C3'" . DG  A 1 1  ? 6.568   -21.178 -11.209 1.00 100.56 ? 1   DG  A "C3'" 1 
ATOM   6   O  "O3'" . DG  A 1 1  ? 6.152   -21.577 -9.938  1.00 110.99 ? 1   DG  A "O3'" 1 
ATOM   7   C  "C2'" . DG  A 1 1  ? 8.008   -20.691 -11.182 1.00 96.09  ? 1   DG  A "C2'" 1 
ATOM   8   C  "C1'" . DG  A 1 1  ? 8.524   -21.107 -12.544 1.00 93.43  ? 1   DG  A "C1'" 1 
ATOM   9   N  N9    . DG  A 1 1  ? 8.741   -20.003 -13.463 1.00 88.49  ? 1   DG  A N9    1 
ATOM   10  C  C8    . DG  A 1 1  ? 8.278   -19.898 -14.747 1.00 84.94  ? 1   DG  A C8    1 
ATOM   11  N  N7    . DG  A 1 1  ? 8.673   -18.817 -15.350 1.00 78.37  ? 1   DG  A N7    1 
ATOM   12  C  C5    . DG  A 1 1  ? 9.455   -18.174 -14.411 1.00 82.30  ? 1   DG  A C5    1 
ATOM   13  C  C6    . DG  A 1 1  ? 10.155  -16.956 -14.501 1.00 84.37  ? 1   DG  A C6    1 
ATOM   14  O  O6    . DG  A 1 1  ? 10.217  -16.184 -15.462 1.00 82.11  ? 1   DG  A O6    1 
ATOM   15  N  N1    . DG  A 1 1  ? 10.831  -16.662 -13.323 1.00 85.36  ? 1   DG  A N1    1 
ATOM   16  C  C2    . DG  A 1 1  ? 10.820  -17.452 -12.196 1.00 89.64  ? 1   DG  A C2    1 
ATOM   17  N  N2    . DG  A 1 1  ? 11.526  -17.005 -11.147 1.00 92.60  ? 1   DG  A N2    1 
ATOM   18  N  N3    . DG  A 1 1  ? 10.165  -18.600 -12.103 1.00 86.77  ? 1   DG  A N3    1 
ATOM   19  C  C4    . DG  A 1 1  ? 9.507   -18.893 -13.243 1.00 85.03  ? 1   DG  A C4    1 
ATOM   20  P  P     . DA  A 1 2  ? 5.073   -20.681 -9.168  1.00 122.17 ? 2   DA  A P     1 
ATOM   21  O  OP1   . DA  A 1 2  ? 4.025   -21.631 -8.687  1.00 108.71 ? 2   DA  A OP1   1 
ATOM   22  O  OP2   . DA  A 1 2  ? 4.756   -19.544 -10.080 1.00 99.93  ? 2   DA  A OP2   1 
ATOM   23  O  "O5'" . DA  A 1 2  ? 5.885   -20.051 -7.929  1.00 111.64 ? 2   DA  A "O5'" 1 
ATOM   24  C  "C5'" . DA  A 1 2  ? 7.301   -20.206 -7.832  1.00 106.14 ? 2   DA  A "C5'" 1 
ATOM   25  C  "C4'" . DA  A 1 2  ? 7.993   -18.858 -7.709  1.00 104.50 ? 2   DA  A "C4'" 1 
ATOM   26  O  "O4'" . DA  A 1 2  ? 8.269   -18.324 -9.024  1.00 98.01  ? 2   DA  A "O4'" 1 
ATOM   27  C  "C3'" . DA  A 1 2  ? 7.202   -17.767 -6.977  1.00 105.82 ? 2   DA  A "C3'" 1 
ATOM   28  O  "O3'" . DA  A 1 2  ? 8.101   -17.000 -6.155  1.00 110.85 ? 2   DA  A "O3'" 1 
ATOM   29  C  "C2'" . DA  A 1 2  ? 6.650   -16.934 -8.128  1.00 93.86  ? 2   DA  A "C2'" 1 
ATOM   30  C  "C1'" . DA  A 1 2  ? 7.820   -16.992 -9.078  1.00 92.01  ? 2   DA  A "C1'" 1 
ATOM   31  N  N9    . DA  A 1 2  ? 7.469   -16.695 -10.450 1.00 91.89  ? 2   DA  A N9    1 
ATOM   32  C  C8    . DA  A 1 2  ? 6.612   -17.394 -11.241 1.00 92.74  ? 2   DA  A C8    1 
ATOM   33  N  N7    . DA  A 1 2  ? 6.495   -16.905 -12.449 1.00 89.87  ? 2   DA  A N7    1 
ATOM   34  C  C5    . DA  A 1 2  ? 7.338   -15.811 -12.450 1.00 84.48  ? 2   DA  A C5    1 
ATOM   35  C  C6    . DA  A 1 2  ? 7.661   -14.870 -13.444 1.00 84.85  ? 2   DA  A C6    1 
ATOM   36  N  N6    . DA  A 1 2  ? 7.134   -14.897 -14.672 1.00 82.51  ? 2   DA  A N6    1 
ATOM   37  N  N1    . DA  A 1 2  ? 8.550   -13.897 -13.128 1.00 83.43  ? 2   DA  A N1    1 
ATOM   38  C  C2    . DA  A 1 2  ? 9.071   -13.880 -11.898 1.00 87.77  ? 2   DA  A C2    1 
ATOM   39  N  N3    . DA  A 1 2  ? 8.841   -14.717 -10.880 1.00 91.87  ? 2   DA  A N3    1 
ATOM   40  C  C4    . DA  A 1 2  ? 7.952   -15.667 -11.228 1.00 88.39  ? 2   DA  A C4    1 
ATOM   41  P  P     . DG  A 1 3  ? 7.554   -15.859 -5.161  1.00 114.51 ? 3   DG  A P     1 
ATOM   42  O  OP1   . DG  A 1 3  ? 8.334   -15.910 -3.903  1.00 115.01 ? 3   DG  A OP1   1 
ATOM   43  O  OP2   . DG  A 1 3  ? 6.079   -15.965 -5.096  1.00 116.60 ? 3   DG  A OP2   1 
ATOM   44  O  "O5'" . DG  A 1 3  ? 7.944   -14.512 -5.901  1.00 88.00  ? 3   DG  A "O5'" 1 
ATOM   45  C  "C5'" . DG  A 1 3  ? 9.281   -14.140 -5.976  1.00 91.58  ? 3   DG  A "C5'" 1 
ATOM   46  C  "C4'" . DG  A 1 3  ? 9.395   -12.733 -6.503  1.00 98.75  ? 3   DG  A "C4'" 1 
ATOM   47  O  "O4'" . DG  A 1 3  ? 9.025   -12.712 -7.908  1.00 102.94 ? 3   DG  A "O4'" 1 
ATOM   48  C  "C3'" . DG  A 1 3  ? 8.481   -11.710 -5.830  1.00 95.18  ? 3   DG  A "C3'" 1 
ATOM   49  O  "O3'" . DG  A 1 3  ? 9.097   -10.445 -5.891  1.00 98.70  ? 3   DG  A "O3'" 1 
ATOM   50  C  "C2'" . DG  A 1 3  ? 7.260   -11.737 -6.733  1.00 98.80  ? 3   DG  A "C2'" 1 
ATOM   51  C  "C1'" . DG  A 1 3  ? 7.944   -11.802 -8.088  1.00 98.59  ? 3   DG  A "C1'" 1 
ATOM   52  N  N9    . DG  A 1 3  ? 7.076   -12.266 -9.184  1.00 95.51  ? 3   DG  A N9    1 
ATOM   53  C  C8    . DG  A 1 3  ? 6.170   -13.309 -9.152  1.00 96.23  ? 3   DG  A C8    1 
ATOM   54  N  N7    . DG  A 1 3  ? 5.544   -13.490 -10.278 1.00 84.49  ? 3   DG  A N7    1 
ATOM   55  C  C5    . DG  A 1 3  ? 6.059   -12.504 -11.105 1.00 83.58  ? 3   DG  A C5    1 
ATOM   56  C  C6    . DG  A 1 3  ? 5.757   -12.214 -12.439 1.00 87.00  ? 3   DG  A C6    1 
ATOM   57  O  O6    . DG  A 1 3  ? 4.940   -12.796 -13.177 1.00 89.24  ? 3   DG  A O6    1 
ATOM   58  N  N1    . DG  A 1 3  ? 6.506   -11.134 -12.915 1.00 83.12  ? 3   DG  A N1    1 
ATOM   59  C  C2    . DG  A 1 3  ? 7.428   -10.438 -12.185 1.00 82.06  ? 3   DG  A C2    1 
ATOM   60  N  N2    . DG  A 1 3  ? 8.045   -9.432  -12.814 1.00 83.78  ? 3   DG  A N2    1 
ATOM   61  N  N3    . DG  A 1 3  ? 7.720   -10.705 -10.926 1.00 81.52  ? 3   DG  A N3    1 
ATOM   62  C  C4    . DG  A 1 3  ? 7.002   -11.746 -10.454 1.00 82.49  ? 3   DG  A C4    1 
ATOM   63  P  P     . DC  A 1 4  ? 8.524   -9.212  -5.035  1.00 111.56 ? 4   DC  A P     1 
ATOM   64  O  OP1   . DC  A 1 4  ? 8.647   -9.655  -3.624  1.00 118.49 ? 4   DC  A OP1   1 
ATOM   65  O  OP2   . DC  A 1 4  ? 7.208   -8.777  -5.566  1.00 108.13 ? 4   DC  A OP2   1 
ATOM   66  O  "O5'" . DC  A 1 4  ? 9.538   -8.028  -5.378  1.00 88.35  ? 4   DC  A "O5'" 1 
ATOM   67  C  "C5'" . DC  A 1 4  ? 10.129  -8.004  -6.654  1.00 90.27  ? 4   DC  A "C5'" 1 
ATOM   68  C  "C4'" . DC  A 1 4  ? 9.538   -6.892  -7.490  1.00 94.38  ? 4   DC  A "C4'" 1 
ATOM   69  O  "O4'" . DC  A 1 4  ? 8.807   -7.427  -8.626  1.00 99.26  ? 4   DC  A "O4'" 1 
ATOM   70  C  "C3'" . DC  A 1 4  ? 8.577   -6.000  -6.748  1.00 89.36  ? 4   DC  A "C3'" 1 
ATOM   71  O  "O3'" . DC  A 1 4  ? 8.997   -4.694  -6.935  1.00 96.08  ? 4   DC  A "O3'" 1 
ATOM   72  C  "C2'" . DC  A 1 4  ? 7.217   -6.283  -7.406  1.00 90.96  ? 4   DC  A "C2'" 1 
ATOM   73  C  "C1'" . DC  A 1 4  ? 7.614   -6.701  -8.803  1.00 93.77  ? 4   DC  A "C1'" 1 
ATOM   74  N  N1    . DC  A 1 4  ? 6.597   -7.611  -9.476  1.00 98.89  ? 4   DC  A N1    1 
ATOM   75  C  C2    . DC  A 1 4  ? 6.228   -7.413  -10.831 1.00 92.30  ? 4   DC  A C2    1 
ATOM   76  O  O2    . DC  A 1 4  ? 6.740   -6.486  -11.476 1.00 89.21  ? 4   DC  A O2    1 
ATOM   77  N  N3    . DC  A 1 4  ? 5.313   -8.256  -11.394 1.00 86.47  ? 4   DC  A N3    1 
ATOM   78  C  C4    . DC  A 1 4  ? 4.778   -9.245  -10.670 1.00 84.87  ? 4   DC  A C4    1 
ATOM   79  N  N4    . DC  A 1 4  ? 3.885   -10.044 -11.255 1.00 79.23  ? 4   DC  A N4    1 
ATOM   80  C  C5    . DC  A 1 4  ? 5.133   -9.453  -9.307  1.00 90.44  ? 4   DC  A C5    1 
ATOM   81  C  C6    . DC  A 1 4  ? 6.034   -8.628  -8.756  1.00 94.41  ? 4   DC  A C6    1 
ATOM   82  P  P     . DA  A 1 5  ? 7.969   -3.474  -6.815  1.00 118.12 ? 5   DA  A P     1 
ATOM   83  O  OP1   . DA  A 1 5  ? 8.795   -2.283  -6.463  1.00 103.06 ? 5   DA  A OP1   1 
ATOM   84  O  OP2   . DA  A 1 5  ? 6.813   -3.865  -5.954  1.00 102.66 ? 5   DA  A OP2   1 
ATOM   85  O  "O5'" . DA  A 1 5  ? 7.471   -3.261  -8.319  1.00 96.66  ? 5   DA  A "O5'" 1 
ATOM   86  C  "C5'" . DA  A 1 5  ? 8.038   -2.230  -9.101  1.00 82.79  ? 5   DA  A "C5'" 1 
ATOM   87  C  "C4'" . DA  A 1 5  ? 6.993   -1.616  -10.003 1.00 86.79  ? 5   DA  A "C4'" 1 
ATOM   88  O  "O4'" . DA  A 1 5  ? 6.077   -2.645  -10.462 1.00 98.12  ? 5   DA  A "O4'" 1 
ATOM   89  C  "C3'" . DA  A 1 5  ? 6.100   -0.575  -9.359  1.00 87.41  ? 5   DA  A "C3'" 1 
ATOM   90  O  "O3'" . DA  A 1 5  ? 5.601   0.232   -10.373 1.00 90.30  ? 5   DA  A "O3'" 1 
ATOM   91  C  "C2'" . DA  A 1 5  ? 4.989   -1.438  -8.782  1.00 90.89  ? 5   DA  A "C2'" 1 
ATOM   92  C  "C1'" . DA  A 1 5  ? 4.780   -2.386  -9.951  1.00 91.95  ? 5   DA  A "C1'" 1 
ATOM   93  N  N9    . DA  A 1 5  ? 4.148   -3.662  -9.603  1.00 91.95  ? 5   DA  A N9    1 
ATOM   94  C  C8    . DA  A 1 5  ? 4.164   -4.304  -8.390  1.00 92.14  ? 5   DA  A C8    1 
ATOM   95  N  N7    . DA  A 1 5  ? 3.504   -5.447  -8.389  1.00 89.50  ? 5   DA  A N7    1 
ATOM   96  C  C5    . DA  A 1 5  ? 3.031   -5.557  -9.696  1.00 90.01  ? 5   DA  A C5    1 
ATOM   97  C  C6    . DA  A 1 5  ? 2.254   -6.538  -10.362 1.00 89.56  ? 5   DA  A C6    1 
ATOM   98  N  N6    . DA  A 1 5  ? 1.799   -7.653  -9.777  1.00 95.17  ? 5   DA  A N6    1 
ATOM   99  N  N1    . DA  A 1 5  ? 1.961   -6.327  -11.654 1.00 80.18  ? 5   DA  A N1    1 
ATOM   100 C  C2    . DA  A 1 5  ? 2.408   -5.223  -12.242 1.00 80.79  ? 5   DA  A C2    1 
ATOM   101 N  N3    . DA  A 1 5  ? 3.139   -4.239  -11.733 1.00 83.22  ? 5   DA  A N3    1 
ATOM   102 C  C4    . DA  A 1 5  ? 3.419   -4.467  -10.447 1.00 87.21  ? 5   DA  A C4    1 
ATOM   103 P  P     . DG  A 1 6  ? 5.055   1.697   -10.049 1.00 105.48 ? 6   DG  A P     1 
ATOM   104 O  OP1   . DG  A 1 6  ? 6.042   2.632   -10.652 1.00 102.08 ? 6   DG  A OP1   1 
ATOM   105 O  OP2   . DG  A 1 6  ? 4.626   1.713   -8.625  1.00 95.02  ? 6   DG  A OP2   1 
ATOM   106 O  "O5'" . DG  A 1 6  ? 3.727   1.817   -10.916 1.00 103.09 ? 6   DG  A "O5'" 1 
ATOM   107 C  "C5'" . DG  A 1 6  ? 3.780   1.512   -12.280 1.00 102.69 ? 6   DG  A "C5'" 1 
ATOM   108 C  "C4'" . DG  A 1 6  ? 2.530   0.775   -12.700 1.00 101.03 ? 6   DG  A "C4'" 1 
ATOM   109 O  "O4'" . DG  A 1 6  ? 2.391   -0.440  -11.953 1.00 96.04  ? 6   DG  A "O4'" 1 
ATOM   110 C  "C3'" . DG  A 1 6  ? 1.238   1.530   -12.458 1.00 94.52  ? 6   DG  A "C3'" 1 
ATOM   111 O  "O3'" . DG  A 1 6  ? 0.829   2.084   -13.658 1.00 100.94 ? 6   DG  A "O3'" 1 
ATOM   112 C  "C2'" . DG  A 1 6  ? 0.250   0.458   -11.958 1.00 90.29  ? 6   DG  A "C2'" 1 
ATOM   113 C  "C1'" . DG  A 1 6  ? 1.057   -0.824  -12.060 1.00 89.64  ? 6   DG  A "C1'" 1 
ATOM   114 N  N9    . DG  A 1 6  ? 0.789   -1.798  -11.025 1.00 85.00  ? 6   DG  A N9    1 
ATOM   115 C  C8    . DG  A 1 6  ? 1.231   -1.781  -9.729  1.00 85.32  ? 6   DG  A C8    1 
ATOM   116 N  N7    . DG  A 1 6  ? 0.848   -2.824  -9.041  1.00 84.43  ? 6   DG  A N7    1 
ATOM   117 C  C5    . DG  A 1 6  ? 0.121   -3.580  -9.949  1.00 85.12  ? 6   DG  A C5    1 
ATOM   118 C  C6    . DG  A 1 6  ? -0.543  -4.824  -9.790  1.00 81.82  ? 6   DG  A C6    1 
ATOM   119 O  O6    . DG  A 1 6  ? -0.626  -5.533  -8.781  1.00 71.69  ? 6   DG  A O6    1 
ATOM   120 N  N1    . DG  A 1 6  ? -1.153  -5.225  -10.972 1.00 84.28  ? 6   DG  A N1    1 
ATOM   121 C  C2    . DG  A 1 6  ? -1.122  -4.512  -12.157 1.00 86.74  ? 6   DG  A C2    1 
ATOM   122 N  N2    . DG  A 1 6  ? -1.767  -5.050  -13.199 1.00 87.49  ? 6   DG  A N2    1 
ATOM   123 N  N3    . DG  A 1 6  ? -0.507  -3.356  -12.310 1.00 85.01  ? 6   DG  A N3    1 
ATOM   124 C  C4    . DG  A 1 6  ? 0.088   -2.954  -11.175 1.00 85.64  ? 6   DG  A C4    1 
ATOM   125 P  P     . DA  A 1 7  ? -0.388  3.123   -13.699 1.00 120.75 ? 7   DA  A P     1 
ATOM   126 O  OP1   . DA  A 1 7  ? -0.098  3.999   -14.865 1.00 111.08 ? 7   DA  A OP1   1 
ATOM   127 O  OP2   . DA  A 1 7  ? -0.662  3.662   -12.335 1.00 104.10 ? 7   DA  A OP2   1 
ATOM   128 O  "O5'" . DA  A 1 7  ? -1.600  2.202   -14.110 1.00 102.55 ? 7   DA  A "O5'" 1 
ATOM   129 C  "C5'" . DA  A 1 7  ? -1.386  1.236   -15.104 1.00 109.77 ? 7   DA  A "C5'" 1 
ATOM   130 C  "C4'" . DA  A 1 7  ? -2.472  0.204   -15.044 1.00 114.05 ? 7   DA  A "C4'" 1 
ATOM   131 O  "O4'" . DA  A 1 7  ? -2.231  -0.676  -13.922 1.00 103.55 ? 7   DA  A "O4'" 1 
ATOM   132 C  "C3'" . DA  A 1 7  ? -3.863  0.798   -14.836 1.00 115.19 ? 7   DA  A "C3'" 1 
ATOM   133 O  "O3'" . DA  A 1 7  ? -4.658  0.621   -16.044 1.00 123.96 ? 7   DA  A "O3'" 1 
ATOM   134 C  "C2'" . DA  A 1 7  ? -4.421  0.044   -13.612 1.00 102.81 ? 7   DA  A "C2'" 1 
ATOM   135 C  "C1'" . DA  A 1 7  ? -3.458  -1.129  -13.440 1.00 94.40  ? 7   DA  A "C1'" 1 
ATOM   136 N  N9    . DA  A 1 7  ? -3.273  -1.531  -12.049 1.00 92.51  ? 7   DA  A N9    1 
ATOM   137 C  C8    . DA  A 1 7  ? -2.608  -0.839  -11.078 1.00 92.45  ? 7   DA  A C8    1 
ATOM   138 N  N7    . DA  A 1 7  ? -2.593  -1.438  -9.911  1.00 87.03  ? 7   DA  A N7    1 
ATOM   139 C  C5    . DA  A 1 7  ? -3.301  -2.603  -10.129 1.00 85.76  ? 7   DA  A C5    1 
ATOM   140 C  C6    . DA  A 1 7  ? -3.644  -3.670  -9.282  1.00 85.30  ? 7   DA  A C6    1 
ATOM   141 N  N6    . DA  A 1 7  ? -3.297  -3.719  -7.998  1.00 85.71  ? 7   DA  A N6    1 
ATOM   142 N  N1    . DA  A 1 7  ? -4.363  -4.686  -9.806  1.00 86.84  ? 7   DA  A N1    1 
ATOM   143 C  C2    . DA  A 1 7  ? -4.704  -4.629  -11.101 1.00 89.26  ? 7   DA  A C2    1 
ATOM   144 N  N3    . DA  A 1 7  ? -4.438  -3.675  -11.999 1.00 90.36  ? 7   DA  A N3    1 
ATOM   145 C  C4    . DA  A 1 7  ? -3.727  -2.680  -11.442 1.00 89.99  ? 7   DA  A C4    1 
ATOM   146 P  P     . DC  A 1 8  ? -6.121  1.282   -16.206 1.00 129.60 ? 8   DC  A P     1 
ATOM   147 O  OP1   . DC  A 1 8  ? -6.446  1.333   -17.653 1.00 124.62 ? 8   DC  A OP1   1 
ATOM   148 O  OP2   . DC  A 1 8  ? -6.188  2.513   -15.375 1.00 114.05 ? 8   DC  A OP2   1 
ATOM   149 O  "O5'" . DC  A 1 8  ? -7.078  0.167   -15.588 1.00 120.15 ? 8   DC  A "O5'" 1 
ATOM   150 C  "C5'" . DC  A 1 8  ? -6.755  -1.209  -15.764 1.00 113.37 ? 8   DC  A "C5'" 1 
ATOM   151 C  "C4'" . DC  A 1 8  ? -7.413  -2.029  -14.683 1.00 110.27 ? 8   DC  A "C4'" 1 
ATOM   152 O  "O4'" . DC  A 1 8  ? -6.644  -1.979  -13.473 1.00 103.25 ? 8   DC  A "O4'" 1 
ATOM   153 C  "C3'" . DC  A 1 8  ? -8.776  -1.516  -14.266 1.00 116.97 ? 8   DC  A "C3'" 1 
ATOM   154 O  "O3'" . DC  A 1 8  ? -9.765  -2.164  -15.015 1.00 128.57 ? 8   DC  A "O3'" 1 
ATOM   155 C  "C2'" . DC  A 1 8  ? -8.873  -1.866  -12.767 1.00 109.81 ? 8   DC  A "C2'" 1 
ATOM   156 C  "C1'" . DC  A 1 8  ? -7.490  -2.421  -12.442 1.00 102.48 ? 8   DC  A "C1'" 1 
ATOM   157 N  N1    . DC  A 1 8  ? -6.970  -1.961  -11.138 1.00 92.95  ? 8   DC  A N1    1 
ATOM   158 C  C2    . DC  A 1 8  ? -7.120  -2.776  -10.013 1.00 88.15  ? 8   DC  A C2    1 
ATOM   159 O  O2    . DC  A 1 8  ? -7.666  -3.875  -10.136 1.00 86.06  ? 8   DC  A O2    1 
ATOM   160 N  N3    . DC  A 1 8  ? -6.653  -2.341  -8.823  1.00 85.39  ? 8   DC  A N3    1 
ATOM   161 C  C4    . DC  A 1 8  ? -6.069  -1.150  -8.739  1.00 88.72  ? 8   DC  A C4    1 
ATOM   162 N  N4    . DC  A 1 8  ? -5.619  -0.759  -7.548  1.00 92.86  ? 8   DC  A N4    1 
ATOM   163 C  C5    . DC  A 1 8  ? -5.916  -0.304  -9.873  1.00 95.92  ? 8   DC  A C5    1 
ATOM   164 C  C6    . DC  A 1 8  ? -6.387  -0.743  -11.039 1.00 94.37  ? 8   DC  A C6    1 
ATOM   165 P  P     . DC  A 1 9  ? -11.310 -1.828  -14.752 1.00 142.24 ? 9   DC  A P     1 
ATOM   166 O  OP1   . DC  A 1 9  ? -12.028 -2.226  -15.994 1.00 133.58 ? 9   DC  A OP1   1 
ATOM   167 O  OP2   . DC  A 1 9  ? -11.408 -0.444  -14.183 1.00 111.67 ? 9   DC  A OP2   1 
ATOM   168 O  "O5'" . DC  A 1 9  ? -11.718 -2.858  -13.604 1.00 112.87 ? 9   DC  A "O5'" 1 
ATOM   169 C  "C5'" . DC  A 1 9  ? -11.387 -4.215  -13.709 1.00 95.89  ? 9   DC  A "C5'" 1 
ATOM   170 C  "C4'" . DC  A 1 9  ? -11.816 -4.897  -12.445 1.00 105.32 ? 9   DC  A "C4'" 1 
ATOM   171 O  "O4'" . DC  A 1 9  ? -10.948 -4.462  -11.355 1.00 103.59 ? 9   DC  A "O4'" 1 
ATOM   172 C  "C3'" . DC  A 1 9  ? -13.250 -4.547  -12.000 1.00 104.44 ? 9   DC  A "C3'" 1 
ATOM   173 O  "O3'" . DC  A 1 9  ? -13.936 -5.750  -11.584 1.00 104.03 ? 9   DC  A "O3'" 1 
ATOM   174 C  "C2'" . DC  A 1 9  ? -13.022 -3.568  -10.835 1.00 105.47 ? 9   DC  A "C2'" 1 
ATOM   175 C  "C1'" . DC  A 1 9  ? -11.759 -4.165  -10.235 1.00 103.27 ? 9   DC  A "C1'" 1 
ATOM   176 N  N1    . DC  A 1 9  ? -11.004 -3.274  -9.257  1.00 89.47  ? 9   DC  A N1    1 
ATOM   177 C  C2    . DC  A 1 9  ? -10.871 -3.671  -7.903  1.00 82.07  ? 9   DC  A C2    1 
ATOM   178 O  O2    . DC  A 1 9  ? -11.377 -4.738  -7.523  1.00 80.39  ? 9   DC  A O2    1 
ATOM   179 N  N3    . DC  A 1 9  ? -10.188 -2.876  -7.056  1.00 72.24  ? 9   DC  A N3    1 
ATOM   180 C  C4    . DC  A 1 9  ? -9.657  -1.743  -7.499  1.00 77.94  ? 9   DC  A C4    1 
ATOM   181 N  N4    . DC  A 1 9  ? -8.995  -1.001  -6.630  1.00 80.25  ? 9   DC  A N4    1 
ATOM   182 C  C5    . DC  A 1 9  ? -9.782  -1.315  -8.855  1.00 82.28  ? 9   DC  A C5    1 
ATOM   183 C  C6    . DC  A 1 9  ? -10.453 -2.105  -9.692  1.00 84.61  ? 9   DC  A C6    1 
ATOM   184 P  P     . DC  A 1 10 ? -15.233 -5.684  -10.632 1.00 111.52 ? 10  DC  A P     1 
ATOM   185 O  OP1   . DC  A 1 10 ? -15.882 -7.015  -10.697 1.00 105.43 ? 10  DC  A OP1   1 
ATOM   186 O  OP2   . DC  A 1 10 ? -15.976 -4.427  -10.949 1.00 109.24 ? 10  DC  A OP2   1 
ATOM   187 O  "O5'" . DC  A 1 10 ? -14.636 -5.586  -9.150  1.00 100.04 ? 10  DC  A "O5'" 1 
ATOM   188 C  "C5'" . DC  A 1 10 ? -14.187 -6.761  -8.483  1.00 95.55  ? 10  DC  A "C5'" 1 
ATOM   189 C  "C4'" . DC  A 1 10 ? -15.068 -7.053  -7.285  1.00 100.85 ? 10  DC  A "C4'" 1 
ATOM   190 O  "O4'" . DC  A 1 10 ? -14.493 -6.462  -6.089  1.00 97.33  ? 10  DC  A "O4'" 1 
ATOM   191 C  "C3'" . DC  A 1 10 ? -16.490 -6.524  -7.409  1.00 106.75 ? 10  DC  A "C3'" 1 
ATOM   192 O  "O3'" . DC  A 1 10 ? -17.435 -7.545  -7.080  1.00 116.88 ? 10  DC  A "O3'" 1 
ATOM   193 C  "C2'" . DC  A 1 10 ? -16.567 -5.337  -6.442  1.00 104.07 ? 10  DC  A "C2'" 1 
ATOM   194 C  "C1'" . DC  A 1 10 ? -15.294 -5.413  -5.602  1.00 92.37  ? 10  DC  A "C1'" 1 
ATOM   195 N  N1    . DC  A 1 10 ? -14.497 -4.152  -5.648  1.00 91.08  ? 10  DC  A N1    1 
ATOM   196 C  C2    . DC  A 1 10 ? -13.917 -3.662  -4.476  1.00 91.24  ? 10  DC  A C2    1 
ATOM   197 O  O2    . DC  A 1 10 ? -14.065 -4.305  -3.414  1.00 92.12  ? 10  DC  A O2    1 
ATOM   198 N  N3    . DC  A 1 10 ? -13.197 -2.499  -4.533  1.00 81.79  ? 10  DC  A N3    1 
ATOM   199 C  C4    . DC  A 1 10 ? -13.068 -1.852  -5.688  1.00 79.41  ? 10  DC  A C4    1 
ATOM   200 N  N4    . DC  A 1 10 ? -12.356 -0.724  -5.695  1.00 77.09  ? 10  DC  A N4    1 
ATOM   201 C  C5    . DC  A 1 10 ? -13.665 -2.334  -6.885  1.00 85.74  ? 10  DC  A C5    1 
ATOM   202 C  C6    . DC  A 1 10 ? -14.364 -3.473  -6.822  1.00 87.66  ? 10  DC  A C6    1 
ATOM   203 P  P     . DG  A 1 11 ? -18.984 -7.180  -6.850  1.00 118.98 ? 11  DG  A P     1 
ATOM   204 O  OP1   . DG  A 1 11 ? -19.737 -8.447  -7.031  1.00 119.98 ? 11  DG  A OP1   1 
ATOM   205 O  OP2   . DG  A 1 11 ? -19.322 -5.954  -7.626  1.00 103.92 ? 11  DG  A OP2   1 
ATOM   206 O  "O5'" . DG  A 1 11 ? -19.050 -6.849  -5.297  1.00 110.66 ? 11  DG  A "O5'" 1 
ATOM   207 C  "C5'" . DG  A 1 11 ? -18.649 -7.846  -4.357  1.00 112.43 ? 11  DG  A "C5'" 1 
ATOM   208 C  "C4'" . DG  A 1 11 ? -19.111 -7.481  -2.960  1.00 115.41 ? 11  DG  A "C4'" 1 
ATOM   209 O  "O4'" . DG  A 1 11 ? -18.386 -6.320  -2.488  1.00 112.50 ? 11  DG  A "O4'" 1 
ATOM   210 C  "C3'" . DG  A 1 11 ? -20.586 -7.142  -2.847  1.00 115.04 ? 11  DG  A "C3'" 1 
ATOM   211 O  "O3'" . DG  A 1 11 ? -21.104 -7.674  -1.632  1.00 108.89 ? 11  DG  A "O3'" 1 
ATOM   212 C  "C2'" . DG  A 1 11 ? -20.622 -5.603  -2.910  1.00 101.18 ? 11  DG  A "C2'" 1 
ATOM   213 C  "C1'" . DG  A 1 11 ? -19.230 -5.184  -2.409  1.00 104.02 ? 11  DG  A "C1'" 1 
ATOM   214 N  N9    . DG  A 1 11 ? -18.606 -4.074  -3.173  1.00 103.66 ? 11  DG  A N9    1 
ATOM   215 C  C8    . DG  A 1 11 ? -18.787 -3.781  -4.512  1.00 97.82  ? 11  DG  A C8    1 
ATOM   216 N  N7    . DG  A 1 11 ? -18.099 -2.738  -4.917  1.00 89.94  ? 11  DG  A N7    1 
ATOM   217 C  C5    . DG  A 1 11 ? -17.420 -2.307  -3.782  1.00 85.50  ? 11  DG  A C5    1 
ATOM   218 C  C6    . DG  A 1 11 ? -16.531 -1.224  -3.619  1.00 77.00  ? 11  DG  A C6    1 
ATOM   219 O  O6    . DG  A 1 11 ? -16.161 -0.412  -4.469  1.00 79.74  ? 11  DG  A O6    1 
ATOM   220 N  N1    . DG  A 1 11 ? -16.062 -1.133  -2.321  1.00 66.96  ? 11  DG  A N1    1 
ATOM   221 C  C2    . DG  A 1 11 ? -16.411 -1.989  -1.305  1.00 80.05  ? 11  DG  A C2    1 
ATOM   222 N  N2    . DG  A 1 11 ? -15.865 -1.750  -0.113  1.00 87.27  ? 11  DG  A N2    1 
ATOM   223 N  N3    . DG  A 1 11 ? -17.242 -3.009  -1.437  1.00 83.08  ? 11  DG  A N3    1 
ATOM   224 C  C4    . DG  A 1 11 ? -17.712 -3.110  -2.699  1.00 90.32  ? 11  DG  A C4    1 
ATOM   225 P  P     . DA  B 2 1  ? -15.066 9.408   16.672  1.00 110.70 ? 12  DA  B P     1 
ATOM   226 O  OP1   . DA  B 2 1  ? -14.695 10.642  17.415  1.00 114.90 ? 12  DA  B OP1   1 
ATOM   227 O  OP2   . DA  B 2 1  ? -14.354 8.956   15.447  1.00 96.05  ? 12  DA  B OP2   1 
ATOM   228 O  "O5'" . DA  B 2 1  ? -15.086 8.189   17.699  1.00 108.43 ? 12  DA  B "O5'" 1 
ATOM   229 C  "C5'" . DA  B 2 1  ? -14.636 8.391   19.041  1.00 112.25 ? 12  DA  B "C5'" 1 
ATOM   230 C  "C4'" . DA  B 2 1  ? -13.182 7.950   19.218  1.00 102.98 ? 12  DA  B "C4'" 1 
ATOM   231 O  "O4'" . DA  B 2 1  ? -12.961 6.679   18.552  1.00 98.23  ? 12  DA  B "O4'" 1 
ATOM   232 C  "C3'" . DA  B 2 1  ? -12.110 8.908   18.670  1.00 92.22  ? 12  DA  B "C3'" 1 
ATOM   233 O  "O3'" . DA  B 2 1  ? -11.126 9.147   19.676  1.00 96.29  ? 12  DA  B "O3'" 1 
ATOM   234 C  "C2'" . DA  B 2 1  ? -11.519 8.125   17.495  1.00 91.42  ? 12  DA  B "C2'" 1 
ATOM   235 C  "C1'" . DA  B 2 1  ? -11.689 6.703   17.982  1.00 88.35  ? 12  DA  B "C1'" 1 
ATOM   236 N  N9    . DA  B 2 1  ? -11.637 5.699   16.937  1.00 84.37  ? 12  DA  B N9    1 
ATOM   237 C  C8    . DA  B 2 1  ? -12.110 5.803   15.662  1.00 85.23  ? 12  DA  B C8    1 
ATOM   238 N  N7    . DA  B 2 1  ? -11.923 4.722   14.944  1.00 81.23  ? 12  DA  B N7    1 
ATOM   239 C  C5    . DA  B 2 1  ? -11.295 3.849   15.815  1.00 79.74  ? 12  DA  B C5    1 
ATOM   240 C  C6    . DA  B 2 1  ? -10.832 2.530   15.667  1.00 79.95  ? 12  DA  B C6    1 
ATOM   241 N  N6    . DA  B 2 1  ? -10.943 1.835   14.533  1.00 78.21  ? 12  DA  B N6    1 
ATOM   242 N  N1    . DA  B 2 1  ? -10.246 1.949   16.736  1.00 84.10  ? 12  DA  B N1    1 
ATOM   243 C  C2    . DA  B 2 1  ? -10.142 2.649   17.872  1.00 83.05  ? 12  DA  B C2    1 
ATOM   244 N  N3    . DA  B 2 1  ? -10.544 3.893   18.129  1.00 79.86  ? 12  DA  B N3    1 
ATOM   245 C  C4    . DA  B 2 1  ? -11.117 4.439   17.048  1.00 80.29  ? 12  DA  B C4    1 
ATOM   246 P  P     . DC  B 2 2  ? -10.006 10.289  19.490  1.00 106.45 ? 13  DC  B P     1 
ATOM   247 O  OP1   . DC  B 2 2  ? -9.363  10.448  20.816  1.00 95.68  ? 13  DC  B OP1   1 
ATOM   248 O  OP2   . DC  B 2 2  ? -10.603 11.472  18.812  1.00 86.16  ? 13  DC  B OP2   1 
ATOM   249 O  "O5'" . DC  B 2 2  ? -8.934  9.611   18.515  1.00 88.53  ? 13  DC  B "O5'" 1 
ATOM   250 C  "C5'" . DC  B 2 2  ? -7.648  9.296   19.001  1.00 85.70  ? 13  DC  B "C5'" 1 
ATOM   251 C  "C4'" . DC  B 2 2  ? -7.524  7.815   19.243  1.00 83.86  ? 13  DC  B "C4'" 1 
ATOM   252 O  "O4'" . DC  B 2 2  ? -8.389  7.102   18.339  1.00 78.50  ? 13  DC  B "O4'" 1 
ATOM   253 C  "C3'" . DC  B 2 2  ? -6.161  7.225   18.920  1.00 87.41  ? 13  DC  B "C3'" 1 
ATOM   254 O  "O3'" . DC  B 2 2  ? -5.235  7.450   19.934  1.00 77.38  ? 13  DC  B "O3'" 1 
ATOM   255 C  "C2'" . DC  B 2 2  ? -6.468  5.749   18.793  1.00 82.50  ? 13  DC  B "C2'" 1 
ATOM   256 C  "C1'" . DC  B 2 2  ? -7.902  5.760   18.249  1.00 84.56  ? 13  DC  B "C1'" 1 
ATOM   257 N  N1    . DC  B 2 2  ? -8.016  5.269   16.854  1.00 78.12  ? 13  DC  B N1    1 
ATOM   258 C  C2    . DC  B 2 2  ? -7.498  4.005   16.502  1.00 77.24  ? 13  DC  B C2    1 
ATOM   259 O  O2    . DC  B 2 2  ? -6.949  3.308   17.347  1.00 79.54  ? 13  DC  B O2    1 
ATOM   260 N  N3    . DC  B 2 2  ? -7.629  3.575   15.245  1.00 73.40  ? 13  DC  B N3    1 
ATOM   261 C  C4    . DC  B 2 2  ? -8.235  4.336   14.350  1.00 82.18  ? 13  DC  B C4    1 
ATOM   262 N  N4    . DC  B 2 2  ? -8.337  3.863   13.106  1.00 84.15  ? 13  DC  B N4    1 
ATOM   263 C  C5    . DC  B 2 2  ? -8.769  5.622   14.680  1.00 85.91  ? 13  DC  B C5    1 
ATOM   264 C  C6    . DC  B 2 2  ? -8.635  6.040   15.935  1.00 79.73  ? 13  DC  B C6    1 
ATOM   265 P  P     . DG  B 2 3  ? -3.762  7.900   19.508  1.00 79.57  ? 14  DG  B P     1 
ATOM   266 O  OP1   . DG  B 2 3  ? -3.771  9.336   19.862  1.00 92.50  ? 14  DG  B OP1   1 
ATOM   267 O  OP2   . DG  B 2 3  ? -3.468  7.450   18.129  1.00 75.89  ? 14  DG  B OP2   1 
ATOM   268 O  "O5'" . DG  B 2 3  ? -2.774  7.053   20.435  1.00 81.23  ? 14  DG  B "O5'" 1 
ATOM   269 C  "C5'" . DG  B 2 3  ? -3.101  5.737   20.778  1.00 84.30  ? 14  DG  B "C5'" 1 
ATOM   270 C  "C4'" . DG  B 2 3  ? -2.625  4.754   19.727  1.00 85.47  ? 14  DG  B "C4'" 1 
ATOM   271 O  "O4'" . DG  B 2 3  ? -3.563  4.690   18.635  1.00 89.03  ? 14  DG  B "O4'" 1 
ATOM   272 C  "C3'" . DG  B 2 3  ? -1.274  5.057   19.089  1.00 79.41  ? 14  DG  B "C3'" 1 
ATOM   273 O  "O3'" . DG  B 2 3  ? -0.310  4.144   19.606  1.00 89.97  ? 14  DG  B "O3'" 1 
ATOM   274 C  "C2'" . DG  B 2 3  ? -1.521  4.858   17.572  1.00 85.32  ? 14  DG  B "C2'" 1 
ATOM   275 C  "C1'" . DG  B 2 3  ? -2.875  4.152   17.539  1.00 87.80  ? 14  DG  B "C1'" 1 
ATOM   276 N  N9    . DG  B 2 3  ? -3.671  4.377   16.313  1.00 86.17  ? 14  DG  B N9    1 
ATOM   277 C  C8    . DG  B 2 3  ? -4.379  5.511   15.989  1.00 82.56  ? 14  DG  B C8    1 
ATOM   278 N  N7    . DG  B 2 3  ? -5.003  5.432   14.848  1.00 77.44  ? 14  DG  B N7    1 
ATOM   279 C  C5    . DG  B 2 3  ? -4.710  4.161   14.380  1.00 77.06  ? 14  DG  B C5    1 
ATOM   280 C  C6    . DG  B 2 3  ? -5.122  3.520   13.196  1.00 73.31  ? 14  DG  B C6    1 
ATOM   281 O  O6    . DG  B 2 3  ? -5.836  3.972   12.306  1.00 80.22  ? 14  DG  B O6    1 
ATOM   282 N  N1    . DG  B 2 3  ? -4.616  2.231   13.085  1.00 65.91  ? 14  DG  B N1    1 
ATOM   283 C  C2    . DG  B 2 3  ? -3.814  1.628   14.003  1.00 71.46  ? 14  DG  B C2    1 
ATOM   284 N  N2    . DG  B 2 3  ? -3.432  0.383   13.712  1.00 70.48  ? 14  DG  B N2    1 
ATOM   285 N  N3    . DG  B 2 3  ? -3.413  2.211   15.143  1.00 81.06  ? 14  DG  B N3    1 
ATOM   286 C  C4    . DG  B 2 3  ? -3.899  3.485   15.261  1.00 82.57  ? 14  DG  B C4    1 
ATOM   287 P  P     . DG  B 2 4  ? 1.034   3.792   18.788  1.00 116.16 ? 15  DG  B P     1 
ATOM   288 O  OP1   . DG  B 2 4  ? 2.011   3.226   19.749  1.00 114.47 ? 15  DG  B OP1   1 
ATOM   289 O  OP2   . DG  B 2 4  ? 1.440   4.971   17.971  1.00 104.97 ? 15  DG  B OP2   1 
ATOM   290 O  "O5'" . DG  B 2 4  ? 0.587   2.578   17.852  1.00 92.05  ? 15  DG  B "O5'" 1 
ATOM   291 C  "C5'" . DG  B 2 4  ? 0.665   1.245   18.331  1.00 86.07  ? 15  DG  B "C5'" 1 
ATOM   292 C  "C4'" . DG  B 2 4  ? 1.200   0.303   17.261  1.00 88.14  ? 15  DG  B "C4'" 1 
ATOM   293 O  "O4'" . DG  B 2 4  ? 0.395   0.406   16.062  1.00 96.92  ? 15  DG  B "O4'" 1 
ATOM   294 C  "C3'" . DG  B 2 4  ? 2.617   0.575   16.789  1.00 84.16  ? 15  DG  B "C3'" 1 
ATOM   295 O  "O3'" . DG  B 2 4  ? 3.127   -0.611  16.181  1.00 87.54  ? 15  DG  B "O3'" 1 
ATOM   296 C  "C2'" . DG  B 2 4  ? 2.398   1.656   15.750  1.00 85.94  ? 15  DG  B "C2'" 1 
ATOM   297 C  "C1'" . DG  B 2 4  ? 1.117   1.139   15.073  1.00 92.54  ? 15  DG  B "C1'" 1 
ATOM   298 N  N9    . DG  B 2 4  ? 0.256   2.208   14.524  1.00 90.40  ? 15  DG  B N9    1 
ATOM   299 C  C8    . DG  B 2 4  ? 0.024   3.461   15.067  1.00 90.25  ? 15  DG  B C8    1 
ATOM   300 N  N7    . DG  B 2 4  ? -0.786  4.211   14.351  1.00 86.52  ? 15  DG  B N7    1 
ATOM   301 C  C5    . DG  B 2 4  ? -1.107  3.413   13.259  1.00 81.39  ? 15  DG  B C5    1 
ATOM   302 C  C6    . DG  B 2 4  ? -1.939  3.690   12.152  1.00 76.40  ? 15  DG  B C6    1 
ATOM   303 O  O6    . DG  B 2 4  ? -2.577  4.743   11.914  1.00 75.96  ? 15  DG  B O6    1 
ATOM   304 N  N1    . DG  B 2 4  ? -1.993  2.593   11.276  1.00 68.28  ? 15  DG  B N1    1 
ATOM   305 C  C2    . DG  B 2 4  ? -1.322  1.392   11.465  1.00 67.06  ? 15  DG  B C2    1 
ATOM   306 N  N2    . DG  B 2 4  ? -1.483  0.462   10.528  1.00 66.18  ? 15  DG  B N2    1 
ATOM   307 N  N3    . DG  B 2 4  ? -0.541  1.126   12.494  1.00 70.29  ? 15  DG  B N3    1 
ATOM   308 C  C4    . DG  B 2 4  ? -0.475  2.172   13.347  1.00 80.75  ? 15  DG  B C4    1 
ATOM   309 P  P     . DC  B 2 5  ? 4.708   -0.821  16.033  1.00 95.88  ? 16  DC  B P     1 
ATOM   310 O  OP1   . DC  B 2 5  ? 5.121   -2.026  16.802  1.00 93.80  ? 16  DC  B OP1   1 
ATOM   311 O  OP2   . DC  B 2 5  ? 5.291   0.523   16.270  1.00 98.82  ? 16  DC  B OP2   1 
ATOM   312 O  "O5'" . DC  B 2 5  ? 4.909   -1.191  14.510  1.00 81.45  ? 16  DC  B "O5'" 1 
ATOM   313 C  "C5'" . DC  B 2 5  ? 4.568   -2.466  14.070  1.00 87.21  ? 16  DC  B "C5'" 1 
ATOM   314 C  "C4'" . DC  B 2 5  ? 4.458   -2.472  12.567  1.00 94.75  ? 16  DC  B "C4'" 1 
ATOM   315 O  "O4'" . DC  B 2 5  ? 3.520   -1.445  12.139  1.00 88.73  ? 16  DC  B "O4'" 1 
ATOM   316 C  "C3'" . DC  B 2 5  ? 5.756   -2.159  11.836  1.00 98.06  ? 16  DC  B "C3'" 1 
ATOM   317 O  "O3'" . DC  B 2 5  ? 5.790   -2.958  10.666  1.00 104.57 ? 16  DC  B "O3'" 1 
ATOM   318 C  "C2'" . DC  B 2 5  ? 5.616   -0.661  11.518  1.00 85.61  ? 16  DC  B "C2'" 1 
ATOM   319 C  "C1'" . DC  B 2 5  ? 4.143   -0.629  11.172  1.00 85.23  ? 16  DC  B "C1'" 1 
ATOM   320 N  N1    . DC  B 2 5  ? 3.487   0.708   11.187  1.00 81.61  ? 16  DC  B N1    1 
ATOM   321 C  C2    . DC  B 2 5  ? 2.637   1.061   10.119  1.00 79.47  ? 16  DC  B C2    1 
ATOM   322 O  O2    . DC  B 2 5  ? 2.486   0.265   9.175   1.00 73.59  ? 16  DC  B O2    1 
ATOM   323 N  N3    . DC  B 2 5  ? 2.012   2.266   10.143  1.00 69.36  ? 16  DC  B N3    1 
ATOM   324 C  C4    . DC  B 2 5  ? 2.201   3.084   11.169  1.00 71.65  ? 16  DC  B C4    1 
ATOM   325 N  N4    . DC  B 2 5  ? 1.565   4.253   11.144  1.00 72.68  ? 16  DC  B N4    1 
ATOM   326 C  C5    . DC  B 2 5  ? 3.055   2.741   12.269  1.00 71.94  ? 16  DC  B C5    1 
ATOM   327 C  C6    . DC  B 2 5  ? 3.668   1.551   12.239  1.00 71.44  ? 16  DC  B C6    1 
ATOM   328 P  P     . DA  B 2 6  ? 6.978   -2.790  9.611   1.00 108.67 ? 17  DA  B P     1 
ATOM   329 O  OP1   . DA  B 2 6  ? 7.081   -4.033  8.786   1.00 87.02  ? 17  DA  B OP1   1 
ATOM   330 O  OP2   . DA  B 2 6  ? 8.101   -2.249  10.421  1.00 92.70  ? 17  DA  B OP2   1 
ATOM   331 O  "O5'" . DA  B 2 6  ? 6.440   -1.630  8.668   1.00 90.17  ? 17  DA  B "O5'" 1 
ATOM   332 C  "C5'" . DA  B 2 6  ? 5.112   -1.697  8.220   1.00 93.86  ? 17  DA  B "C5'" 1 
ATOM   333 C  "C4'" . DA  B 2 6  ? 5.059   -1.832  6.735   1.00 94.85  ? 17  DA  B "C4'" 1 
ATOM   334 O  "O4'" . DA  B 2 6  ? 4.477   -0.636  6.184   1.00 95.80  ? 17  DA  B "O4'" 1 
ATOM   335 C  "C3'" . DA  B 2 6  ? 6.406   -1.921  6.088   1.00 86.64  ? 17  DA  B "C3'" 1 
ATOM   336 O  "O3'" . DA  B 2 6  ? 6.244   -2.482  4.816   1.00 93.16  ? 17  DA  B "O3'" 1 
ATOM   337 C  "C2'" . DA  B 2 6  ? 6.835   -0.442  6.024   1.00 83.80  ? 17  DA  B "C2'" 1 
ATOM   338 C  "C1'" . DA  B 2 6  ? 5.494   0.309   6.001   1.00 83.91  ? 17  DA  B "C1'" 1 
ATOM   339 N  N9    . DA  B 2 6  ? 5.360   1.324   7.028   1.00 71.67  ? 17  DA  B N9    1 
ATOM   340 C  C8    . DA  B 2 6  ? 6.080   1.449   8.174   1.00 74.29  ? 17  DA  B C8    1 
ATOM   341 N  N7    . DA  B 2 6  ? 5.740   2.484   8.904   1.00 70.91  ? 17  DA  B N7    1 
ATOM   342 C  C5    . DA  B 2 6  ? 4.720   3.072   8.181   1.00 74.63  ? 17  DA  B C5    1 
ATOM   343 C  C6    . DA  B 2 6  ? 3.911   4.220   8.410   1.00 75.59  ? 17  DA  B C6    1 
ATOM   344 N  N6    . DA  B 2 6  ? 4.024   5.012   9.483   1.00 75.46  ? 17  DA  B N6    1 
ATOM   345 N  N1    . DA  B 2 6  ? 2.978   4.520   7.483   1.00 73.91  ? 17  DA  B N1    1 
ATOM   346 C  C2    . DA  B 2 6  ? 2.866   3.725   6.401   1.00 77.64  ? 17  DA  B C2    1 
ATOM   347 N  N3    . DA  B 2 6  ? 3.565   2.627   6.082   1.00 77.08  ? 17  DA  B N3    1 
ATOM   348 C  C4    . DA  B 2 6  ? 4.478   2.357   7.021   1.00 74.47  ? 17  DA  B C4    1 
ATOM   349 P  P     . DC  B 2 7  ? 7.454   -2.475  3.770   1.00 104.55 ? 18  DC  B P     1 
ATOM   350 O  OP1   . DC  B 2 7  ? 7.161   -3.538  2.788   1.00 103.42 ? 18  DC  B OP1   1 
ATOM   351 O  OP2   . DC  B 2 7  ? 8.697   -2.525  4.573   1.00 101.74 ? 18  DC  B OP2   1 
ATOM   352 O  "O5'" . DC  B 2 7  ? 7.335   -1.061  3.013   1.00 92.45  ? 18  DC  B "O5'" 1 
ATOM   353 C  "C5'" . DC  B 2 7  ? 6.307   -0.878  2.079   1.00 89.03  ? 18  DC  B "C5'" 1 
ATOM   354 C  "C4'" . DC  B 2 7  ? 6.084   0.588   1.788   1.00 86.58  ? 18  DC  B "C4'" 1 
ATOM   355 O  "O4'" . DC  B 2 7  ? 5.871   1.332   3.023   1.00 83.46  ? 18  DC  B "O4'" 1 
ATOM   356 C  "C3'" . DC  B 2 7  ? 7.244   1.292   1.070   1.00 85.33  ? 18  DC  B "C3'" 1 
ATOM   357 O  "O3'" . DC  B 2 7  ? 6.812   1.743   -0.274  1.00 93.05  ? 18  DC  B "O3'" 1 
ATOM   358 C  "C2'" . DC  B 2 7  ? 7.591   2.441   2.024   1.00 96.80  ? 18  DC  B "C2'" 1 
ATOM   359 C  "C1'" . DC  B 2 7  ? 6.268   2.635   2.746   1.00 87.02  ? 18  DC  B "C1'" 1 
ATOM   360 N  N1    . DC  B 2 7  ? 6.364   3.487   4.003   1.00 84.53  ? 18  DC  B N1    1 
ATOM   361 C  C2    . DC  B 2 7  ? 5.551   4.628   4.142   1.00 80.32  ? 18  DC  B C2    1 
ATOM   362 O  O2    . DC  B 2 7  ? 4.713   4.880   3.267   1.00 78.61  ? 18  DC  B O2    1 
ATOM   363 N  N3    . DC  B 2 7  ? 5.683   5.410   5.255   1.00 76.77  ? 18  DC  B N3    1 
ATOM   364 C  C4    . DC  B 2 7  ? 6.592   5.107   6.179   1.00 75.22  ? 18  DC  B C4    1 
ATOM   365 N  N4    . DC  B 2 7  ? 6.688   5.894   7.253   1.00 72.15  ? 18  DC  B N4    1 
ATOM   366 C  C5    . DC  B 2 7  ? 7.443   3.976   6.041   1.00 85.43  ? 18  DC  B C5    1 
ATOM   367 C  C6    . DC  B 2 7  ? 7.305   3.206   4.945   1.00 86.90  ? 18  DC  B C6    1 
ATOM   368 P  P     . DT  B 2 8  ? 7.135   3.222   -0.866  1.00 107.65 ? 19  DT  B P     1 
ATOM   369 O  OP1   . DT  B 2 8  ? 6.666   3.312   -2.271  1.00 88.27  ? 19  DT  B OP1   1 
ATOM   370 O  OP2   . DT  B 2 8  ? 8.521   3.648   -0.531  1.00 97.63  ? 19  DT  B OP2   1 
ATOM   371 O  "O5'" . DT  B 2 8  ? 6.124   4.157   -0.082  1.00 99.83  ? 19  DT  B "O5'" 1 
ATOM   372 C  "C5'" . DT  B 2 8  ? 4.869   4.451   -0.644  1.00 98.83  ? 19  DT  B "C5'" 1 
ATOM   373 C  "C4'" . DT  B 2 8  ? 4.673   5.954   -0.739  1.00 104.46 ? 19  DT  B "C4'" 1 
ATOM   374 O  "O4'" . DT  B 2 8  ? 5.009   6.586   0.530   1.00 104.99 ? 19  DT  B "O4'" 1 
ATOM   375 C  "C3'" . DT  B 2 8  ? 5.530   6.669   -1.768  1.00 105.32 ? 19  DT  B "C3'" 1 
ATOM   376 O  "O3'" . DT  B 2 8  ? 4.832   7.808   -2.166  1.00 104.79 ? 19  DT  B "O3'" 1 
ATOM   377 C  "C2'" . DT  B 2 8  ? 6.769   7.045   -0.948  1.00 103.45 ? 19  DT  B "C2'" 1 
ATOM   378 C  "C1'" . DT  B 2 8  ? 6.107   7.474   0.358   1.00 98.58  ? 19  DT  B "C1'" 1 
ATOM   379 N  N1    . DT  B 2 8  ? 6.975   7.392   1.608   1.00 86.07  ? 19  DT  B N1    1 
ATOM   380 C  C2    . DT  B 2 8  ? 6.740   8.284   2.632   1.00 83.11  ? 19  DT  B C2    1 
ATOM   381 O  O2    . DT  B 2 8  ? 5.887   9.164   2.574   1.00 79.41  ? 19  DT  B O2    1 
ATOM   382 N  N3    . DT  B 2 8  ? 7.541   8.115   3.734   1.00 83.60  ? 19  DT  B N3    1 
ATOM   383 C  C4    . DT  B 2 8  ? 8.529   7.160   3.913   1.00 90.07  ? 19  DT  B C4    1 
ATOM   384 O  O4    . DT  B 2 8  ? 9.201   7.086   4.947   1.00 95.45  ? 19  DT  B O4    1 
ATOM   385 C  C5    . DT  B 2 8  ? 8.717   6.252   2.805   1.00 89.77  ? 19  DT  B C5    1 
ATOM   386 C  C7    . DT  B 2 8  ? 9.760   5.176   2.889   1.00 89.64  ? 19  DT  B C7    1 
ATOM   387 C  C6    . DT  B 2 8  ? 7.937   6.405   1.721   1.00 85.88  ? 19  DT  B C6    1 
ATOM   388 P  P     . DC  B 2 9  ? 5.088   8.456   -3.597  1.00 106.72 ? 20  DC  B P     1 
ATOM   389 O  OP1   . DC  B 2 9  ? 3.802   8.429   -4.329  1.00 107.26 ? 20  DC  B OP1   1 
ATOM   390 O  OP2   . DC  B 2 9  ? 6.323   7.834   -4.147  1.00 96.89  ? 20  DC  B OP2   1 
ATOM   391 O  "O5'" . DC  B 2 9  ? 5.304   9.983   -3.235  1.00 108.79 ? 20  DC  B "O5'" 1 
ATOM   392 C  "C5'" . DC  B 2 9  ? 4.335   10.645  -2.454  1.00 101.41 ? 20  DC  B "C5'" 1 
ATOM   393 C  "C4'" . DC  B 2 9  ? 4.875   11.965  -1.935  1.00 124.86 ? 20  DC  B "C4'" 1 
ATOM   394 O  "O4'" . DC  B 2 9  ? 5.653   11.758  -0.719  1.00 119.11 ? 20  DC  B "O4'" 1 
ATOM   395 C  "C3'" . DC  B 2 9  ? 5.793   12.722  -2.900  1.00 131.72 ? 20  DC  B "C3'" 1 
ATOM   396 O  "O3'" . DC  B 2 9  ? 5.464   14.113  -2.864  1.00 137.56 ? 20  DC  B "O3'" 1 
ATOM   397 C  "C2'" . DC  B 2 9  ? 7.191   12.445  -2.341  1.00 119.31 ? 20  DC  B "C2'" 1 
ATOM   398 C  "C1'" . DC  B 2 9  ? 6.914   12.395  -0.848  1.00 113.44 ? 20  DC  B "C1'" 1 
ATOM   399 N  N1    . DC  B 2 9  ? 7.905   11.591  -0.110  1.00 104.02 ? 20  DC  B N1    1 
ATOM   400 C  C2    . DC  B 2 9  ? 8.139   11.850  1.250   1.00 96.10  ? 20  DC  B C2    1 
ATOM   401 O  O2    . DC  B 2 9  ? 7.501   12.771  1.816   1.00 89.10  ? 20  DC  B O2    1 
ATOM   402 N  N3    . DC  B 2 9  ? 9.060   11.080  1.906   1.00 93.02  ? 20  DC  B N3    1 
ATOM   403 C  C4    . DC  B 2 9  ? 9.716   10.098  1.248   1.00 90.51  ? 20  DC  B C4    1 
ATOM   404 N  N4    . DC  B 2 9  ? 10.602  9.362   1.926   1.00 83.41  ? 20  DC  B N4    1 
ATOM   405 C  C5    . DC  B 2 9  ? 9.487   9.835   -0.136  1.00 95.10  ? 20  DC  B C5    1 
ATOM   406 C  C6    . DC  B 2 9  ? 8.586   10.595  -0.768  1.00 98.66  ? 20  DC  B C6    1 
ATOM   407 P  P     . DA  B 2 10 ? 6.400   15.218  -3.556  1.00 140.79 ? 21  DA  B P     1 
ATOM   408 O  OP1   . DA  B 2 10 ? 5.439   16.106  -4.260  1.00 142.30 ? 21  DA  B OP1   1 
ATOM   409 O  OP2   . DA  B 2 10 ? 7.526   14.565  -4.290  1.00 121.84 ? 21  DA  B OP2   1 
ATOM   410 O  "O5'" . DA  B 2 10 ? 6.986   16.041  -2.311  1.00 123.03 ? 21  DA  B "O5'" 1 
ATOM   411 C  "C5'" . DA  B 2 10 ? 6.085   16.686  -1.402  1.00 117.99 ? 21  DA  B "C5'" 1 
ATOM   412 C  "C4'" . DA  B 2 10 ? 6.833   17.280  -0.217  1.00 124.01 ? 21  DA  B "C4'" 1 
ATOM   413 O  "O4'" . DA  B 2 10 ? 7.784   16.311  0.315   1.00 121.02 ? 21  DA  B "O4'" 1 
ATOM   414 C  "C3'" . DA  B 2 10 ? 7.644   18.532  -0.520  1.00 121.58 ? 21  DA  B "C3'" 1 
ATOM   415 O  "O3'" . DA  B 2 10 ? 7.616   19.411  0.610   1.00 125.06 ? 21  DA  B "O3'" 1 
ATOM   416 C  "C2'" . DA  B 2 10 ? 9.047   17.976  -0.776  1.00 108.57 ? 21  DA  B "C2'" 1 
ATOM   417 C  "C1'" . DA  B 2 10 ? 9.108   16.790  0.177   1.00 101.63 ? 21  DA  B "C1'" 1 
ATOM   418 N  N9    . DA  B 2 10 ? 9.908   15.697  -0.329  1.00 93.89  ? 21  DA  B N9    1 
ATOM   419 C  C8    . DA  B 2 10 ? 10.024  15.301  -1.634  1.00 94.66  ? 21  DA  B C8    1 
ATOM   420 N  N7    . DA  B 2 10 ? 10.808  14.261  -1.806  1.00 97.77  ? 21  DA  B N7    1 
ATOM   421 C  C5    . DA  B 2 10 ? 11.232  13.944  -0.513  1.00 98.79  ? 21  DA  B C5    1 
ATOM   422 C  C6    . DA  B 2 10 ? 12.089  12.926  0.004   1.00 96.45  ? 21  DA  B C6    1 
ATOM   423 N  N6    . DA  B 2 10 ? 12.702  12.002  -0.768  1.00 88.01  ? 21  DA  B N6    1 
ATOM   424 N  N1    . DA  B 2 10 ? 12.292  12.903  1.351   1.00 92.65  ? 21  DA  B N1    1 
ATOM   425 C  C2    . DA  B 2 10 ? 11.679  13.827  2.116   1.00 91.93  ? 21  DA  B C2    1 
ATOM   426 N  N3    . DA  B 2 10 ? 10.855  14.822  1.746   1.00 93.88  ? 21  DA  B N3    1 
ATOM   427 C  C4    . DA  B 2 10 ? 10.676  14.826  0.409   1.00 95.50  ? 21  DA  B C4    1 
ATOM   428 P  P     . DC  C 3 1  ? -10.375 7.378   2.367   1.00 88.33  ? 1   DC  C P     1 
ATOM   429 O  OP1   . DC  C 3 1  ? -9.480  7.286   3.553   1.00 105.93 ? 1   DC  C OP1   1 
ATOM   430 O  OP2   . DC  C 3 1  ? -10.049 6.763   1.046   1.00 71.55  ? 1   DC  C OP2   1 
ATOM   431 O  "O5'" . DC  C 3 1  ? -11.788 6.817   2.846   1.00 77.48  ? 1   DC  C "O5'" 1 
ATOM   432 C  "C5'" . DC  C 3 1  ? -12.370 5.719   2.187   1.00 72.71  ? 1   DC  C "C5'" 1 
ATOM   433 C  "C4'" . DC  C 3 1  ? -12.487 4.540   3.108   1.00 67.66  ? 1   DC  C "C4'" 1 
ATOM   434 O  "O4'" . DC  C 3 1  ? -13.156 3.469   2.397   1.00 78.85  ? 1   DC  C "O4'" 1 
ATOM   435 C  "C3'" . DC  C 3 1  ? -11.174 3.943   3.504   1.00 66.45  ? 1   DC  C "C3'" 1 
ATOM   436 O  "O3'" . DC  C 3 1  ? -11.364 3.077   4.619   1.00 64.31  ? 1   DC  C "O3'" 1 
ATOM   437 C  "C2'" . DC  C 3 1  ? -10.848 3.158   2.238   1.00 75.63  ? 1   DC  C "C2'" 1 
ATOM   438 C  "C1'" . DC  C 3 1  ? -12.207 2.519   1.964   1.00 71.51  ? 1   DC  C "C1'" 1 
ATOM   439 N  N1    . DC  C 3 1  ? -12.494 2.213   0.522   1.00 66.71  ? 1   DC  C N1    1 
ATOM   440 C  C2    . DC  C 3 1  ? -13.342 1.136   0.200   1.00 69.68  ? 1   DC  C C2    1 
ATOM   441 O  O2    . DC  C 3 1  ? -13.818 0.459   1.111   1.00 73.83  ? 1   DC  C O2    1 
ATOM   442 N  N3    . DC  C 3 1  ? -13.617 0.869   -1.106  1.00 70.43  ? 1   DC  C N3    1 
ATOM   443 C  C4    . DC  C 3 1  ? -13.082 1.630   -2.064  1.00 73.73  ? 1   DC  C C4    1 
ATOM   444 N  N4    . DC  C 3 1  ? -13.372 1.335   -3.333  1.00 74.97  ? 1   DC  C N4    1 
ATOM   445 C  C5    . DC  C 3 1  ? -12.218 2.732   -1.757  1.00 75.31  ? 1   DC  C C5    1 
ATOM   446 C  C6    . DC  C 3 1  ? -11.960 2.988   -0.459  1.00 69.95  ? 1   DC  C C6    1 
ATOM   447 P  P     . DG  C 3 2  ? -10.090 2.578   5.458   1.00 68.30  ? 2   DG  C P     1 
ATOM   448 O  OP1   . DG  C 3 2  ? -10.441 2.548   6.891   1.00 65.63  ? 2   DG  C OP1   1 
ATOM   449 O  OP2   . DG  C 3 2  ? -8.942  3.378   4.959   1.00 70.04  ? 2   DG  C OP2   1 
ATOM   450 O  "O5'" . DG  C 3 2  ? -9.876  1.075   5.006   1.00 55.12  ? 2   DG  C "O5'" 1 
ATOM   451 C  "C5'" . DG  C 3 2  ? -10.579 0.076   5.659   1.00 62.18  ? 2   DG  C "C5'" 1 
ATOM   452 C  "C4'" . DG  C 3 2  ? -10.551 -1.163  4.825   1.00 62.45  ? 2   DG  C "C4'" 1 
ATOM   453 O  "O4'" . DG  C 3 2  ? -11.034 -0.836  3.522   1.00 71.72  ? 2   DG  C "O4'" 1 
ATOM   454 C  "C3'" . DG  C 3 2  ? -9.175  -1.636  4.547   1.00 56.63  ? 2   DG  C "C3'" 1 
ATOM   455 O  "O3'" . DG  C 3 2  ? -8.667  -2.415  5.635   1.00 66.25  ? 2   DG  C "O3'" 1 
ATOM   456 C  "C2'" . DG  C 3 2  ? -9.332  -2.427  3.262   1.00 54.16  ? 2   DG  C "C2'" 1 
ATOM   457 C  "C1'" . DG  C 3 2  ? -10.529 -1.775  2.608   1.00 64.22  ? 2   DG  C "C1'" 1 
ATOM   458 N  N9    . DG  C 3 2  ? -10.241 -1.105  1.350   1.00 61.28  ? 2   DG  C N9    1 
ATOM   459 C  C8    . DG  C 3 2  ? -9.406  -0.051  1.140   1.00 64.23  ? 2   DG  C C8    1 
ATOM   460 N  N7    . DG  C 3 2  ? -9.387  0.350   -0.109  1.00 68.58  ? 2   DG  C N7    1 
ATOM   461 C  C5    . DG  C 3 2  ? -10.289 -0.486  -0.747  1.00 64.28  ? 2   DG  C C5    1 
ATOM   462 C  C6    . DG  C 3 2  ? -10.700 -0.531  -2.095  1.00 63.58  ? 2   DG  C C6    1 
ATOM   463 O  O6    . DG  C 3 2  ? -10.333 0.184   -3.032  1.00 64.99  ? 2   DG  C O6    1 
ATOM   464 N  N1    . DG  C 3 2  ? -11.631 -1.535  -2.312  1.00 63.35  ? 2   DG  C N1    1 
ATOM   465 C  C2    . DG  C 3 2  ? -12.103 -2.383  -1.340  1.00 66.74  ? 2   DG  C C2    1 
ATOM   466 N  N2    . DG  C 3 2  ? -13.001 -3.297  -1.715  1.00 70.59  ? 2   DG  C N2    1 
ATOM   467 N  N3    . DG  C 3 2  ? -11.728 -2.343  -0.087  1.00 64.85  ? 2   DG  C N3    1 
ATOM   468 C  C4    . DG  C 3 2  ? -10.822 -1.377  0.138   1.00 62.14  ? 2   DG  C C4    1 
ATOM   469 P  P     . DC  C 3 3  ? -9.425  -3.687  6.265   1.00 74.73  ? 3   DC  C P     1 
ATOM   470 O  OP1   . DC  C 3 3  ? -9.949  -4.610  5.222   1.00 62.06  ? 3   DC  C OP1   1 
ATOM   471 O  OP2   . DC  C 3 3  ? -10.318 -3.057  7.263   1.00 73.83  ? 3   DC  C OP2   1 
ATOM   472 O  "O5'" . DC  C 3 3  ? -8.228  -4.450  7.070   1.00 68.58  ? 3   DC  C "O5'" 1 
ATOM   473 C  "C5'" . DC  C 3 3  ? -6.863  -4.482  6.506   1.00 65.38  ? 3   DC  C "C5'" 1 
ATOM   474 C  "C4'" . DC  C 3 3  ? -5.770  -4.144  7.541   1.00 60.68  ? 3   DC  C "C4'" 1 
ATOM   475 O  "O4'" . DC  C 3 3  ? -5.520  -2.727  7.592   1.00 50.70  ? 3   DC  C "O4'" 1 
ATOM   476 C  "C3'" . DC  C 3 3  ? -6.092  -4.482  8.968   1.00 66.81  ? 3   DC  C "C3'" 1 
ATOM   477 O  "O3'" . DC  C 3 3  ? -5.871  -5.838  9.193   1.00 71.06  ? 3   DC  C "O3'" 1 
ATOM   478 C  "C2'" . DC  C 3 3  ? -5.096  -3.623  9.738   1.00 61.02  ? 3   DC  C "C2'" 1 
ATOM   479 C  "C1'" . DC  C 3 3  ? -4.915  -2.408  8.822   1.00 49.95  ? 3   DC  C "C1'" 1 
ATOM   480 N  N1    . DC  C 3 3  ? -5.530  -1.156  9.308   1.00 44.55  ? 3   DC  C N1    1 
ATOM   481 C  C2    . DC  C 3 3  ? -5.268  -0.649  10.601  1.00 53.44  ? 3   DC  C C2    1 
ATOM   482 O  O2    . DC  C 3 3  ? -4.533  -1.260  11.372  1.00 60.06  ? 3   DC  C O2    1 
ATOM   483 N  N3    . DC  C 3 3  ? -5.837  0.506   10.975  1.00 55.52  ? 3   DC  C N3    1 
ATOM   484 C  C4    . DC  C 3 3  ? -6.627  1.157   10.132  1.00 57.51  ? 3   DC  C C4    1 
ATOM   485 N  N4    . DC  C 3 3  ? -7.179  2.306   10.543  1.00 60.14  ? 3   DC  C N4    1 
ATOM   486 C  C5    . DC  C 3 3  ? -6.894  0.666   8.828   1.00 56.47  ? 3   DC  C C5    1 
ATOM   487 C  C6    . DC  C 3 3  ? -6.322  -0.477  8.464   1.00 52.99  ? 3   DC  C C6    1 
ATOM   488 P  P     . DG  C 3 4  ? -6.821  -6.620  10.223  1.00 83.62  ? 4   DG  C P     1 
ATOM   489 O  OP1   . DG  C 3 4  ? -6.423  -8.050  10.179  1.00 72.49  ? 4   DG  C OP1   1 
ATOM   490 O  OP2   . DG  C 3 4  ? -8.238  -6.256  9.947   1.00 76.63  ? 4   DG  C OP2   1 
ATOM   491 O  "O5'" . DG  C 3 4  ? -6.403  -6.014  11.634  1.00 58.73  ? 4   DG  C "O5'" 1 
ATOM   492 C  "C5'" . DG  C 3 4  ? -5.516  -6.742  12.419  1.00 74.08  ? 4   DG  C "C5'" 1 
ATOM   493 C  "C4'" . DG  C 3 4  ? -4.999  -5.884  13.521  1.00 77.69  ? 4   DG  C "C4'" 1 
ATOM   494 O  "O4'" . DG  C 3 4  ? -5.072  -4.542  13.062  1.00 72.70  ? 4   DG  C "O4'" 1 
ATOM   495 C  "C3'" . DG  C 3 4  ? -5.840  -5.907  14.777  1.00 80.54  ? 4   DG  C "C3'" 1 
ATOM   496 O  "O3'" . DG  C 3 4  ? -5.356  -6.901  15.676  1.00 85.78  ? 4   DG  C "O3'" 1 
ATOM   497 C  "C2'" . DG  C 3 4  ? -5.645  -4.515  15.355  1.00 75.40  ? 4   DG  C "C2'" 1 
ATOM   498 C  "C1'" . DG  C 3 4  ? -5.324  -3.681  14.140  1.00 71.05  ? 4   DG  C "C1'" 1 
ATOM   499 N  N9    . DG  C 3 4  ? -6.382  -2.807  13.742  1.00 67.29  ? 4   DG  C N9    1 
ATOM   500 C  C8    . DG  C 3 4  ? -7.264  -2.994  12.708  1.00 67.40  ? 4   DG  C C8    1 
ATOM   501 N  N7    . DG  C 3 4  ? -8.083  -1.996  12.558  1.00 66.83  ? 4   DG  C N7    1 
ATOM   502 C  C5    . DG  C 3 4  ? -7.702  -1.104  13.543  1.00 65.60  ? 4   DG  C C5    1 
ATOM   503 C  C6    . DG  C 3 4  ? -8.228  0.152   13.873  1.00 70.78  ? 4   DG  C C6    1 
ATOM   504 O  O6    . DG  C 3 4  ? -9.166  0.740   13.333  1.00 77.81  ? 4   DG  C O6    1 
ATOM   505 N  N1    . DG  C 3 4  ? -7.560  0.727   14.946  1.00 74.69  ? 4   DG  C N1    1 
ATOM   506 C  C2    . DG  C 3 4  ? -6.509  0.146   15.614  1.00 76.90  ? 4   DG  C C2    1 
ATOM   507 N  N2    . DG  C 3 4  ? -5.991  0.850   16.623  1.00 82.70  ? 4   DG  C N2    1 
ATOM   508 N  N3    . DG  C 3 4  ? -6.002  -1.040  15.309  1.00 67.45  ? 4   DG  C N3    1 
ATOM   509 C  C4    . DG  C 3 4  ? -6.650  -1.597  14.272  1.00 65.55  ? 4   DG  C C4    1 
ATOM   510 P  P     . DT  C 3 5  ? -6.343  -7.503  16.796  1.00 99.81  ? 5   DT  C P     1 
ATOM   511 O  OP1   . DT  C 3 5  ? -5.596  -8.640  17.371  1.00 93.63  ? 5   DT  C OP1   1 
ATOM   512 O  OP2   . DT  C 3 5  ? -7.686  -7.730  16.197  1.00 100.66 ? 5   DT  C OP2   1 
ATOM   513 O  "O5'" . DT  C 3 5  ? -6.458  -6.334  17.888  1.00 75.17  ? 5   DT  C "O5'" 1 
ATOM   514 C  "C5'" . DT  C 3 5  ? -5.273  -5.809  18.429  1.00 76.78  ? 5   DT  C "C5'" 1 
ATOM   515 C  "C4'" . DT  C 3 5  ? -5.546  -4.564  19.239  1.00 83.94  ? 5   DT  C "C4'" 1 
ATOM   516 O  "O4'" . DT  C 3 5  ? -6.176  -3.553  18.426  1.00 81.82  ? 5   DT  C "O4'" 1 
ATOM   517 C  "C3'" . DT  C 3 5  ? -6.444  -4.769  20.445  1.00 76.67  ? 5   DT  C "C3'" 1 
ATOM   518 O  "O3'" . DT  C 3 5  ? -5.798  -4.219  21.555  1.00 66.35  ? 5   DT  C "O3'" 1 
ATOM   519 C  "C2'" . DT  C 3 5  ? -7.726  -4.011  20.077  1.00 75.58  ? 5   DT  C "C2'" 1 
ATOM   520 C  "C1'" . DT  C 3 5  ? -7.197  -2.931  19.155  1.00 73.14  ? 5   DT  C "C1'" 1 
ATOM   521 N  N1    . DT  C 3 5  ? -8.183  -2.446  18.157  1.00 75.39  ? 5   DT  C N1    1 
ATOM   522 C  C2    . DT  C 3 5  ? -8.652  -1.140  18.214  1.00 74.78  ? 5   DT  C C2    1 
ATOM   523 O  O2    . DT  C 3 5  ? -8.334  -0.344  19.074  1.00 77.58  ? 5   DT  C O2    1 
ATOM   524 N  N3    . DT  C 3 5  ? -9.528  -0.804  17.226  1.00 70.88  ? 5   DT  C N3    1 
ATOM   525 C  C4    . DT  C 3 5  ? -9.974  -1.608  16.201  1.00 72.44  ? 5   DT  C C4    1 
ATOM   526 O  O4    . DT  C 3 5  ? -10.768 -1.208  15.355  1.00 74.36  ? 5   DT  C O4    1 
ATOM   527 C  C5    . DT  C 3 5  ? -9.437  -2.949  16.188  1.00 73.96  ? 5   DT  C C5    1 
ATOM   528 C  C7    . DT  C 3 5  ? -9.848  -3.907  15.115  1.00 76.81  ? 5   DT  C C7    1 
ATOM   529 C  C6    . DT  C 3 5  ? -8.575  -3.298  17.149  1.00 72.99  ? 5   DT  C C6    1 
ATOM   530 O  "O5'" . DT  D 4 1  ? 24.621  7.762   -2.342  1.00 95.40  ? 1   DT  D "O5'" 1 
ATOM   531 C  "C5'" . DT  D 4 1  ? 23.358  7.234   -1.927  1.00 93.20  ? 1   DT  D "C5'" 1 
ATOM   532 C  "C4'" . DT  D 4 1  ? 22.871  7.973   -0.706  1.00 94.26  ? 1   DT  D "C4'" 1 
ATOM   533 O  "O4'" . DT  D 4 1  ? 22.253  9.221   -1.086  1.00 93.68  ? 1   DT  D "O4'" 1 
ATOM   534 C  "C3'" . DT  D 4 1  ? 21.858  7.242   0.176   1.00 89.07  ? 1   DT  D "C3'" 1 
ATOM   535 O  "O3'" . DT  D 4 1  ? 22.393  7.198   1.507   1.00 100.30 ? 1   DT  D "O3'" 1 
ATOM   536 C  "C2'" . DT  D 4 1  ? 20.612  8.139   0.095   1.00 87.24  ? 1   DT  D "C2'" 1 
ATOM   537 C  "C1'" . DT  D 4 1  ? 21.248  9.496   -0.161  1.00 85.89  ? 1   DT  D "C1'" 1 
ATOM   538 N  N1    . DT  D 4 1  ? 20.332  10.505  -0.751  1.00 82.76  ? 1   DT  D N1    1 
ATOM   539 C  C2    . DT  D 4 1  ? 20.122  11.705  -0.094  1.00 89.75  ? 1   DT  D C2    1 
ATOM   540 O  O2    . DT  D 4 1  ? 20.650  12.000  0.974   1.00 93.45  ? 1   DT  D O2    1 
ATOM   541 N  N3    . DT  D 4 1  ? 19.259  12.554  -0.732  1.00 87.56  ? 1   DT  D N3    1 
ATOM   542 C  C4    . DT  D 4 1  ? 18.616  12.336  -1.935  1.00 83.96  ? 1   DT  D C4    1 
ATOM   543 O  O4    . DT  D 4 1  ? 17.862  13.156  -2.432  1.00 83.21  ? 1   DT  D O4    1 
ATOM   544 C  C5    . DT  D 4 1  ? 18.894  11.082  -2.569  1.00 79.85  ? 1   DT  D C5    1 
ATOM   545 C  C7    . DT  D 4 1  ? 18.247  10.754  -3.873  1.00 80.69  ? 1   DT  D C7    1 
ATOM   546 C  C6    . DT  D 4 1  ? 19.725  10.235  -1.956  1.00 83.01  ? 1   DT  D C6    1 
ATOM   547 P  P     . DC  D 4 2  ? 21.863  6.154   2.608   1.00 103.56 ? 2   DC  D P     1 
ATOM   548 O  OP1   . DC  D 4 2  ? 23.041  5.631   3.348   1.00 96.06  ? 2   DC  D OP1   1 
ATOM   549 O  OP2   . DC  D 4 2  ? 20.948  5.202   1.944   1.00 106.24 ? 2   DC  D OP2   1 
ATOM   550 O  "O5'" . DC  D 4 2  ? 20.999  7.069   3.598   1.00 99.30  ? 2   DC  D "O5'" 1 
ATOM   551 C  "C5'" . DC  D 4 2  ? 21.620  7.701   4.701   1.00 94.44  ? 2   DC  D "C5'" 1 
ATOM   552 C  "C4'" . DC  D 4 2  ? 21.017  9.065   4.910   1.00 93.97  ? 2   DC  D "C4'" 1 
ATOM   553 O  "O4'" . DC  D 4 2  ? 20.334  9.475   3.719   1.00 92.27  ? 2   DC  D "O4'" 1 
ATOM   554 C  "C3'" . DC  D 4 2  ? 19.958  9.150   6.001   1.00 92.77  ? 2   DC  D "C3'" 1 
ATOM   555 O  "O3'" . DC  D 4 2  ? 20.525  9.685   7.163   1.00 99.52  ? 2   DC  D "O3'" 1 
ATOM   556 C  "C2'" . DC  D 4 2  ? 18.893  10.101  5.422   1.00 90.88  ? 2   DC  D "C2'" 1 
ATOM   557 C  "C1'" . DC  D 4 2  ? 19.500  10.533  4.093   1.00 92.39  ? 2   DC  D "C1'" 1 
ATOM   558 N  N1    . DC  D 4 2  ? 18.487  10.786  3.023   1.00 93.53  ? 2   DC  D N1    1 
ATOM   559 C  C2    . DC  D 4 2  ? 17.799  12.014  2.998   1.00 92.30  ? 2   DC  D C2    1 
ATOM   560 O  O2    . DC  D 4 2  ? 18.048  12.868  3.862   1.00 94.73  ? 2   DC  D O2    1 
ATOM   561 N  N3    . DC  D 4 2  ? 16.881  12.230  2.030   1.00 85.95  ? 2   DC  D N3    1 
ATOM   562 C  C4    . DC  D 4 2  ? 16.647  11.294  1.118   1.00 88.87  ? 2   DC  D C4    1 
ATOM   563 N  N4    . DC  D 4 2  ? 15.735  11.559  0.185   1.00 95.31  ? 2   DC  D N4    1 
ATOM   564 C  C5    . DC  D 4 2  ? 17.336  10.043  1.117   1.00 88.21  ? 2   DC  D C5    1 
ATOM   565 C  C6    . DC  D 4 2  ? 18.239  9.833   2.080   1.00 91.28  ? 2   DC  D C6    1 
ATOM   566 P  P     . DT  D 4 3  ? 19.829  9.412   8.576   1.00 113.98 ? 3   DT  D P     1 
ATOM   567 O  OP1   . DT  D 4 3  ? 20.734  9.866   9.662   1.00 118.85 ? 3   DT  D OP1   1 
ATOM   568 O  OP2   . DT  D 4 3  ? 19.361  8.008   8.513   1.00 106.57 ? 3   DT  D OP2   1 
ATOM   569 O  "O5'" . DT  D 4 3  ? 18.584  10.396  8.584   1.00 88.82  ? 3   DT  D "O5'" 1 
ATOM   570 C  "C5'" . DT  D 4 3  ? 18.779  11.740  8.769   1.00 76.67  ? 3   DT  D "C5'" 1 
ATOM   571 C  "C4'" . DT  D 4 3  ? 17.511  12.445  8.432   1.00 92.12  ? 3   DT  D "C4'" 1 
ATOM   572 O  "O4'" . DT  D 4 3  ? 17.048  12.006  7.145   1.00 93.04  ? 3   DT  D "O4'" 1 
ATOM   573 C  "C3'" . DT  D 4 3  ? 16.338  12.154  9.377   1.00 98.69  ? 3   DT  D "C3'" 1 
ATOM   574 O  "O3'" . DT  D 4 3  ? 16.005  13.322  10.049  1.00 101.50 ? 3   DT  D "O3'" 1 
ATOM   575 C  "C2'" . DT  D 4 3  ? 15.186  11.702  8.442   1.00 100.04 ? 3   DT  D "C2'" 1 
ATOM   576 C  "C1'" . DT  D 4 3  ? 15.666  12.265  7.132   1.00 96.71  ? 3   DT  D "C1'" 1 
ATOM   577 N  N1    . DT  D 4 3  ? 15.032  11.716  5.869   1.00 94.49  ? 3   DT  D N1    1 
ATOM   578 C  C2    . DT  D 4 3  ? 14.057  12.467  5.229   1.00 92.49  ? 3   DT  D C2    1 
ATOM   579 O  O2    . DT  D 4 3  ? 13.634  13.536  5.662   1.00 90.95  ? 3   DT  D O2    1 
ATOM   580 N  N3    . DT  D 4 3  ? 13.584  11.920  4.063   1.00 87.59  ? 3   DT  D N3    1 
ATOM   581 C  C4    . DT  D 4 3  ? 13.986  10.738  3.472   1.00 90.08  ? 3   DT  D C4    1 
ATOM   582 O  O4    . DT  D 4 3  ? 13.499  10.331  2.421   1.00 90.53  ? 3   DT  D O4    1 
ATOM   583 C  C5    . DT  D 4 3  ? 15.017  10.009  4.180   1.00 91.95  ? 3   DT  D C5    1 
ATOM   584 C  C7    . DT  D 4 3  ? 15.522  8.703   3.636   1.00 84.48  ? 3   DT  D C7    1 
ATOM   585 C  C6    . DT  D 4 3  ? 15.490  10.530  5.327   1.00 92.03  ? 3   DT  D C6    1 
ATOM   586 P  P     . DG  D 4 4  ? 15.404  13.226  11.524  1.00 110.46 ? 4   DG  D P     1 
ATOM   587 O  OP1   . DG  D 4 4  ? 16.210  14.104  12.416  1.00 116.64 ? 4   DG  D OP1   1 
ATOM   588 O  OP2   . DG  D 4 4  ? 15.347  11.766  11.817  1.00 94.72  ? 4   DG  D OP2   1 
ATOM   589 O  "O5'" . DG  D 4 4  ? 13.938  13.859  11.356  1.00 95.05  ? 4   DG  D "O5'" 1 
ATOM   590 C  "C5'" . DG  D 4 4  ? 13.781  15.256  11.311  1.00 85.79  ? 4   DG  D "C5'" 1 
ATOM   591 C  "C4'" . DG  D 4 4  ? 12.429  15.595  10.751  1.00 90.82  ? 4   DG  D "C4'" 1 
ATOM   592 O  "O4'" . DG  D 4 4  ? 12.228  14.858  9.529   1.00 97.07  ? 4   DG  D "O4'" 1 
ATOM   593 C  "C3'" . DG  D 4 4  ? 11.251  15.239  11.644  1.00 87.86  ? 4   DG  D "C3'" 1 
ATOM   594 O  "O3'" . DG  D 4 4  ? 10.319  16.302  11.574  1.00 90.59  ? 4   DG  D "O3'" 1 
ATOM   595 C  "C2'" . DG  D 4 4  ? 10.724  13.937  11.029  1.00 84.35  ? 4   DG  D "C2'" 1 
ATOM   596 C  "C1'" . DG  D 4 4  ? 10.979  14.191  9.566   1.00 92.05  ? 4   DG  D "C1'" 1 
ATOM   597 N  N9    . DG  D 4 4  ? 11.102  12.977  8.743   1.00 95.99  ? 4   DG  D N9    1 
ATOM   598 C  C8    . DG  D 4 4  ? 11.800  11.828  9.059   1.00 93.76  ? 4   DG  D C8    1 
ATOM   599 N  N7    . DG  D 4 4  ? 11.775  10.916  8.119   1.00 90.16  ? 4   DG  D N7    1 
ATOM   600 C  C5    . DG  D 4 4  ? 11.024  11.494  7.099   1.00 93.09  ? 4   DG  D C5    1 
ATOM   601 C  C6    . DG  D 4 4  ? 10.671  10.974  5.835   1.00 86.84  ? 4   DG  D C6    1 
ATOM   602 O  O6    . DG  D 4 4  ? 10.962  9.863   5.365   1.00 84.79  ? 4   DG  D O6    1 
ATOM   603 N  N1    . DG  D 4 4  ? 9.901   11.885  5.091   1.00 78.77  ? 4   DG  D N1    1 
ATOM   604 C  C2    . DG  D 4 4  ? 9.519   13.141  5.526   1.00 83.88  ? 4   DG  D C2    1 
ATOM   605 N  N2    . DG  D 4 4  ? 8.777   13.872  4.672   1.00 83.42  ? 4   DG  D N2    1 
ATOM   606 N  N3    . DG  D 4 4  ? 9.845   13.646  6.718   1.00 90.12  ? 4   DG  D N3    1 
ATOM   607 C  C4    . DG  D 4 4  ? 10.599  12.769  7.455   1.00 95.53  ? 4   DG  D C4    1 
ATOM   608 P  P     . DA  D 4 5  ? 8.742   16.069  11.760  1.00 115.77 ? 5   DA  D P     1 
ATOM   609 O  OP1   . DA  D 4 5  ? 8.240   17.387  12.245  1.00 102.83 ? 5   DA  D OP1   1 
ATOM   610 O  OP2   . DA  D 4 5  ? 8.451   14.815  12.504  1.00 98.07  ? 5   DA  D OP2   1 
ATOM   611 O  "O5'" . DA  D 4 5  ? 8.210   15.853  10.267  1.00 104.34 ? 5   DA  D "O5'" 1 
ATOM   612 C  "C5'" . DA  D 4 5  ? 7.867   16.985  9.462   1.00 102.53 ? 5   DA  D "C5'" 1 
ATOM   613 C  "C4'" . DA  D 4 5  ? 6.600   16.736  8.647   1.00 105.09 ? 5   DA  D "C4'" 1 
ATOM   614 O  "O4'" . DA  D 4 5  ? 6.735   15.519  7.868   1.00 97.48  ? 5   DA  D "O4'" 1 
ATOM   615 C  "C3'" . DA  D 4 5  ? 5.335   16.544  9.450   1.00 94.07  ? 5   DA  D "C3'" 1 
ATOM   616 O  "O3'" . DA  D 4 5  ? 4.240   16.878  8.658   1.00 95.36  ? 5   DA  D "O3'" 1 
ATOM   617 C  "C2'" . DA  D 4 5  ? 5.357   15.051  9.712   1.00 92.63  ? 5   DA  D "C2'" 1 
ATOM   618 C  "C1'" . DA  D 4 5  ? 5.856   14.537  8.369   1.00 89.18  ? 5   DA  D "C1'" 1 
ATOM   619 N  N9    . DA  D 4 5  ? 6.602   13.304  8.480   1.00 86.63  ? 5   DA  D N9    1 
ATOM   620 C  C8    . DA  D 4 5  ? 7.347   12.888  9.548   1.00 91.94  ? 5   DA  D C8    1 
ATOM   621 N  N7    . DA  D 4 5  ? 7.915   11.717  9.373   1.00 88.12  ? 5   DA  D N7    1 
ATOM   622 C  C5    . DA  D 4 5  ? 7.517   11.344  8.104   1.00 85.23  ? 5   DA  D C5    1 
ATOM   623 C  C6    . DA  D 4 5  ? 7.789   10.203  7.324   1.00 84.18  ? 5   DA  D C6    1 
ATOM   624 N  N6    . DA  D 4 5  ? 8.561   9.195   7.738   1.00 80.87  ? 5   DA  D N6    1 
ATOM   625 N  N1    . DA  D 4 5  ? 7.231   10.141  6.090   1.00 84.57  ? 5   DA  D N1    1 
ATOM   626 C  C2    . DA  D 4 5  ? 6.461   11.169  5.675   1.00 84.15  ? 5   DA  D C2    1 
ATOM   627 N  N3    . DA  D 4 5  ? 6.139   12.295  6.322   1.00 81.97  ? 5   DA  D N3    1 
ATOM   628 C  C4    . DA  D 4 5  ? 6.704   12.317  7.540   1.00 85.09  ? 5   DA  D C4    1 
ATOM   629 P  P     . DG  D 4 6  ? 2.877   17.323  9.368   1.00 125.34 ? 6   DG  D P     1 
ATOM   630 O  OP1   . DG  D 4 6  ? 2.577   18.707  8.924   1.00 127.96 ? 6   DG  D OP1   1 
ATOM   631 O  OP2   . DG  D 4 6  ? 3.035   17.011  10.807  1.00 122.19 ? 6   DG  D OP2   1 
ATOM   632 O  "O5'" . DG  D 4 6  ? 1.787   16.304  8.800   1.00 109.57 ? 6   DG  D "O5'" 1 
ATOM   633 C  "C5'" . DG  D 4 6  ? 2.150   14.962  8.567   1.00 100.90 ? 6   DG  D "C5'" 1 
ATOM   634 C  "C4'" . DG  D 4 6  ? 1.865   14.581  7.135   1.00 95.13  ? 6   DG  D "C4'" 1 
ATOM   635 O  "O4'" . DG  D 4 6  ? 2.849   13.625  6.689   1.00 81.79  ? 6   DG  D "O4'" 1 
ATOM   636 C  "C3'" . DG  D 4 6  ? 0.522   13.912  6.936   1.00 96.12  ? 6   DG  D "C3'" 1 
ATOM   637 O  "O3'" . DG  D 4 6  ? 0.006   14.191  5.651   1.00 97.86  ? 6   DG  D "O3'" 1 
ATOM   638 C  "C2'" . DG  D 4 6  ? 0.849   12.432  7.111   1.00 87.22  ? 6   DG  D "C2'" 1 
ATOM   639 C  "C1'" . DG  D 4 6  ? 2.268   12.340  6.567   1.00 75.47  ? 6   DG  D "C1'" 1 
ATOM   640 N  N9    . DG  D 4 6  ? 3.118   11.391  7.292   1.00 80.10  ? 6   DG  D N9    1 
ATOM   641 C  C8    . DG  D 4 6  ? 3.643   11.535  8.564   1.00 80.05  ? 6   DG  D C8    1 
ATOM   642 N  N7    . DG  D 4 6  ? 4.383   10.524  8.946   1.00 66.55  ? 6   DG  D N7    1 
ATOM   643 C  C5    . DG  D 4 6  ? 4.348   9.660   7.864   1.00 69.37  ? 6   DG  D C5    1 
ATOM   644 C  C6    . DG  D 4 6  ? 4.960   8.409   7.694   1.00 71.28  ? 6   DG  D C6    1 
ATOM   645 O  O6    . DG  D 4 6  ? 5.675   7.792   8.491   1.00 78.98  ? 6   DG  D O6    1 
ATOM   646 N  N1    . DG  D 4 6  ? 4.680   7.863   6.451   1.00 68.80  ? 6   DG  D N1    1 
ATOM   647 C  C2    . DG  D 4 6  ? 3.905   8.454   5.490   1.00 68.74  ? 6   DG  D C2    1 
ATOM   648 N  N2    . DG  D 4 6  ? 3.745   7.764   4.356   1.00 73.46  ? 6   DG  D N2    1 
ATOM   649 N  N3    . DG  D 4 6  ? 3.314   9.628   5.630   1.00 69.87  ? 6   DG  D N3    1 
ATOM   650 C  C4    . DG  D 4 6  ? 3.578   10.173  6.838   1.00 74.97  ? 6   DG  D C4    1 
ATOM   651 P  P     . DT  D 4 7  ? -1.512  13.779  5.322   1.00 119.38 ? 7   DT  D P     1 
ATOM   652 O  OP1   . DT  D 4 7  ? -1.966  14.529  4.123   1.00 122.00 ? 7   DT  D OP1   1 
ATOM   653 O  OP2   . DT  D 4 7  ? -2.272  13.841  6.603   1.00 103.06 ? 7   DT  D OP2   1 
ATOM   654 O  "O5'" . DT  D 4 7  ? -1.400  12.241  4.911   1.00 99.82  ? 7   DT  D "O5'" 1 
ATOM   655 C  "C5'" . DT  D 4 7  ? -0.463  11.831  3.912   1.00 97.63  ? 7   DT  D "C5'" 1 
ATOM   656 C  "C4'" . DT  D 4 7  ? -0.900  10.519  3.278   1.00 94.60  ? 7   DT  D "C4'" 1 
ATOM   657 O  "O4'" . DT  D 4 7  ? -0.050  9.429   3.744   1.00 78.46  ? 7   DT  D "O4'" 1 
ATOM   658 C  "C3'" . DT  D 4 7  ? -2.336  10.099  3.594   1.00 82.58  ? 7   DT  D "C3'" 1 
ATOM   659 O  "O3'" . DT  D 4 7  ? -2.862  9.385   2.480   1.00 85.11  ? 7   DT  D "O3'" 1 
ATOM   660 C  "C2'" . DT  D 4 7  ? -2.147  9.209   4.815   1.00 76.14  ? 7   DT  D "C2'" 1 
ATOM   661 C  "C1'" . DT  D 4 7  ? -0.820  8.521   4.503   1.00 71.95  ? 7   DT  D "C1'" 1 
ATOM   662 N  N1    . DT  D 4 7  ? -0.056  8.163   5.715   1.00 66.28  ? 7   DT  D N1    1 
ATOM   663 C  C2    . DT  D 4 7  ? 0.742   7.032   5.699   1.00 70.00  ? 7   DT  D C2    1 
ATOM   664 O  O2    . DT  D 4 7  ? 0.870   6.297   4.717   1.00 69.68  ? 7   DT  D O2    1 
ATOM   665 N  N3    . DT  D 4 7  ? 1.401   6.787   6.873   1.00 72.35  ? 7   DT  D N3    1 
ATOM   666 C  C4    . DT  D 4 7  ? 1.351   7.537   8.032   1.00 68.96  ? 7   DT  D C4    1 
ATOM   667 O  O4    . DT  D 4 7  ? 1.992   7.232   9.036   1.00 64.49  ? 7   DT  D O4    1 
ATOM   668 C  C5    . DT  D 4 7  ? 0.491   8.702   7.982   1.00 65.12  ? 7   DT  D C5    1 
ATOM   669 C  C7    . DT  D 4 7  ? 0.359   9.582   9.187   1.00 68.70  ? 7   DT  D C7    1 
ATOM   670 C  C6    . DT  D 4 7  ? -0.164  8.956   6.839   1.00 58.41  ? 7   DT  D C6    1 
ATOM   671 P  P     . DG  D 4 8  ? -4.176  8.465   2.587   1.00 88.83  ? 8   DG  D P     1 
ATOM   672 O  OP1   . DG  D 4 8  ? -4.720  8.537   1.213   1.00 87.88  ? 8   DG  D OP1   1 
ATOM   673 O  OP2   . DG  D 4 8  ? -5.019  8.796   3.768   1.00 83.96  ? 8   DG  D OP2   1 
ATOM   674 O  "O5'" . DG  D 4 8  ? -3.596  6.987   2.717   1.00 63.13  ? 8   DG  D "O5'" 1 
ATOM   675 C  "C5'" . DG  D 4 8  ? -2.747  6.520   1.699   1.00 65.56  ? 8   DG  D "C5'" 1 
ATOM   676 C  "C4'" . DG  D 4 8  ? -2.679  5.000   1.648   1.00 69.35  ? 8   DG  D "C4'" 1 
ATOM   677 O  "O4'" . DG  D 4 8  ? -2.033  4.477   2.829   1.00 66.53  ? 8   DG  D "O4'" 1 
ATOM   678 C  "C3'" . DG  D 4 8  ? -3.989  4.251   1.574   1.00 58.63  ? 8   DG  D "C3'" 1 
ATOM   679 O  "O3'" . DG  D 4 8  ? -3.715  2.983   1.008   1.00 56.19  ? 8   DG  D "O3'" 1 
ATOM   680 C  "C2'" . DG  D 4 8  ? -4.354  4.134   3.050   1.00 59.19  ? 8   DG  D "C2'" 1 
ATOM   681 C  "C1'" . DG  D 4 8  ? -2.990  3.891   3.686   1.00 55.53  ? 8   DG  D "C1'" 1 
ATOM   682 N  N9    . DG  D 4 8  ? -2.796  4.508   4.984   1.00 55.09  ? 8   DG  D N9    1 
ATOM   683 C  C8    . DG  D 4 8  ? -3.327  5.693   5.452   1.00 59.54  ? 8   DG  D C8    1 
ATOM   684 N  N7    . DG  D 4 8  ? -2.912  6.010   6.650   1.00 58.47  ? 8   DG  D N7    1 
ATOM   685 C  C5    . DG  D 4 8  ? -2.032  4.975   6.978   1.00 59.26  ? 8   DG  D C5    1 
ATOM   686 C  C6    . DG  D 4 8  ? -1.273  4.758   8.153   1.00 62.61  ? 8   DG  D C6    1 
ATOM   687 O  O6    . DG  D 4 8  ? -1.225  5.465   9.188   1.00 58.88  ? 8   DG  D O6    1 
ATOM   688 N  N1    . DG  D 4 8  ? -0.517  3.574   8.055   1.00 66.46  ? 8   DG  D N1    1 
ATOM   689 C  C2    . DG  D 4 8  ? -0.510  2.722   6.957   1.00 60.26  ? 8   DG  D C2    1 
ATOM   690 N  N2    . DG  D 4 8  ? 0.272   1.638   7.033   1.00 58.69  ? 8   DG  D N2    1 
ATOM   691 N  N3    . DG  D 4 8  ? -1.222  2.921   5.871   1.00 56.47  ? 8   DG  D N3    1 
ATOM   692 C  C4    . DG  D 4 8  ? -1.955  4.056   5.951   1.00 55.83  ? 8   DG  D C4    1 
ATOM   693 P  P     . DC  D 4 9  ? -4.876  1.913   0.753   1.00 67.39  ? 9   DC  D P     1 
ATOM   694 O  OP1   . DC  D 4 9  ? -4.529  1.091   -0.451  1.00 63.14  ? 9   DC  D OP1   1 
ATOM   695 O  OP2   . DC  D 4 9  ? -6.150  2.679   0.832   1.00 63.60  ? 9   DC  D OP2   1 
ATOM   696 O  "O5'" . DC  D 4 9  ? -4.763  0.924   1.999   1.00 53.58  ? 9   DC  D "O5'" 1 
ATOM   697 C  "C5'" . DC  D 4 9  ? -4.209  -0.359  1.822   1.00 50.53  ? 9   DC  D "C5'" 1 
ATOM   698 C  "C4'" . DC  D 4 9  ? -3.894  -0.946  3.163   1.00 50.43  ? 9   DC  D "C4'" 1 
ATOM   699 O  "O4'" . DC  D 4 9  ? -3.745  0.147   4.092   1.00 57.18  ? 9   DC  D "O4'" 1 
ATOM   700 C  "C3'" . DC  D 4 9  ? -4.993  -1.822  3.746   1.00 47.43  ? 9   DC  D "C3'" 1 
ATOM   701 O  "O3'" . DC  D 4 9  ? -4.512  -3.124  3.961   1.00 42.78  ? 9   DC  D "O3'" 1 
ATOM   702 C  "C2'" . DC  D 4 9  ? -5.364  -1.118  5.069   1.00 50.05  ? 9   DC  D "C2'" 1 
ATOM   703 C  "C1'" . DC  D 4 9  ? -4.130  -0.304  5.344   1.00 51.54  ? 9   DC  D "C1'" 1 
ATOM   704 N  N1    . DC  D 4 9  ? -4.326  0.874   6.251   1.00 49.50  ? 9   DC  D N1    1 
ATOM   705 C  C2    . DC  D 4 9  ? -3.527  0.996   7.396   1.00 54.69  ? 9   DC  D C2    1 
ATOM   706 O  O2    . DC  D 4 9  ? -2.692  0.103   7.628   1.00 56.30  ? 9   DC  D O2    1 
ATOM   707 N  N3    . DC  D 4 9  ? -3.691  2.077   8.224   1.00 48.62  ? 9   DC  D N3    1 
ATOM   708 C  C4    . DC  D 4 9  ? -4.602  3.001   7.920   1.00 51.37  ? 9   DC  D C4    1 
ATOM   709 N  N4    . DC  D 4 9  ? -4.760  4.046   8.749   1.00 50.56  ? 9   DC  D N4    1 
ATOM   710 C  C5    . DC  D 4 9  ? -5.402  2.892   6.747   1.00 51.00  ? 9   DC  D C5    1 
ATOM   711 C  C6    . DC  D 4 9  ? -5.229  1.824   5.948   1.00 48.03  ? 9   DC  D C6    1 
ATOM   712 P  P     . DG  D 4 10 ? -4.521  -4.191  2.762   1.00 61.58  ? 10  DG  D P     1 
ATOM   713 O  OP1   . DG  D 4 10 ? -3.444  -5.179  2.921   1.00 81.18  ? 10  DG  D OP1   1 
ATOM   714 O  OP2   . DG  D 4 10 ? -4.692  -3.429  1.531   1.00 53.31  ? 10  DG  D OP2   1 
ATOM   715 O  "O5'" . DG  D 4 10 ? -5.841  -5.047  2.957   1.00 65.20  ? 10  DG  D "O5'" 1 
ATOM   716 C  "C5'" . DG  D 4 10 ? -6.995  -4.578  2.395   1.00 61.17  ? 10  DG  D "C5'" 1 
ATOM   717 C  "C4'" . DG  D 4 10 ? -7.968  -5.671  2.050   1.00 57.86  ? 10  DG  D "C4'" 1 
ATOM   718 O  "O4'" . DG  D 4 10 ? -9.148  -5.026  1.564   1.00 66.12  ? 10  DG  D "O4'" 1 
ATOM   719 C  "C3'" . DG  D 4 10 ? -7.514  -6.598  0.940   1.00 63.73  ? 10  DG  D "C3'" 1 
ATOM   720 O  "O3'" . DG  D 4 10 ? -7.291  -7.855  1.452   1.00 70.39  ? 10  DG  D "O3'" 1 
ATOM   721 C  "C2'" . DG  D 4 10 ? -8.675  -6.638  -0.041  1.00 65.00  ? 10  DG  D "C2'" 1 
ATOM   722 C  "C1'" . DG  D 4 10 ? -9.362  -5.330  0.213   1.00 64.55  ? 10  DG  D "C1'" 1 
ATOM   723 N  N9    . DG  D 4 10 ? -8.873  -4.245  -0.614  1.00 58.39  ? 10  DG  D N9    1 
ATOM   724 C  C8    . DG  D 4 10 ? -8.030  -3.251  -0.249  1.00 60.76  ? 10  DG  D C8    1 
ATOM   725 N  N7    . DG  D 4 10 ? -7.775  -2.420  -1.204  1.00 65.88  ? 10  DG  D N7    1 
ATOM   726 C  C5    . DG  D 4 10 ? -8.489  -2.891  -2.263  1.00 60.33  ? 10  DG  D C5    1 
ATOM   727 C  C6    . DG  D 4 10 ? -8.586  -2.380  -3.550  1.00 67.67  ? 10  DG  D C6    1 
ATOM   728 O  O6    . DG  D 4 10 ? -8.032  -1.371  -3.994  1.00 73.29  ? 10  DG  D O6    1 
ATOM   729 N  N1    . DG  D 4 10 ? -9.432  -3.142  -4.350  1.00 72.71  ? 10  DG  D N1    1 
ATOM   730 C  C2    . DG  D 4 10 ? -10.100 -4.275  -3.927  1.00 75.79  ? 10  DG  D C2    1 
ATOM   731 N  N2    . DG  D 4 10 ? -10.876 -4.892  -4.840  1.00 81.82  ? 10  DG  D N2    1 
ATOM   732 N  N3    . DG  D 4 10 ? -10.008 -4.768  -2.692  1.00 71.36  ? 10  DG  D N3    1 
ATOM   733 C  C4    . DG  D 4 10 ? -9.182  -4.015  -1.923  1.00 64.14  ? 10  DG  D C4    1 
ATOM   734 P  P     . DG  D 4 11 ? -6.249  -8.820  0.702   1.00 87.02  ? 11  DG  D P     1 
ATOM   735 O  OP1   . DG  D 4 11 ? -6.297  -10.124 1.424   1.00 72.61  ? 11  DG  D OP1   1 
ATOM   736 O  OP2   . DG  D 4 11 ? -4.960  -8.071  0.586   1.00 82.34  ? 11  DG  D OP2   1 
ATOM   737 O  "O5'" . DG  D 4 11 ? -6.848  -8.973  -0.775  1.00 62.58  ? 11  DG  D "O5'" 1 
ATOM   738 C  "C5'" . DG  D 4 11 ? -7.793  -9.960  -1.018  1.00 71.55  ? 11  DG  D "C5'" 1 
ATOM   739 C  "C4'" . DG  D 4 11 ? -8.420  -9.774  -2.378  1.00 77.66  ? 11  DG  D "C4'" 1 
ATOM   740 O  "O4'" . DG  D 4 11 ? -8.624  -8.380  -2.624  1.00 63.56  ? 11  DG  D "O4'" 1 
ATOM   741 C  "C3'" . DG  D 4 11 ? -7.567  -10.240 -3.537  1.00 84.59  ? 11  DG  D "C3'" 1 
ATOM   742 O  "O3'" . DG  D 4 11 ? -7.767  -11.642 -3.731  1.00 90.94  ? 11  DG  D "O3'" 1 
ATOM   743 C  "C2'" . DG  D 4 11 ? -8.118  -9.413  -4.699  1.00 72.76  ? 11  DG  D "C2'" 1 
ATOM   744 C  "C1'" . DG  D 4 11 ? -8.582  -8.138  -4.008  1.00 65.12  ? 11  DG  D "C1'" 1 
ATOM   745 N  N9    . DG  D 4 11 ? -7.708  -7.014  -4.209  1.00 68.49  ? 11  DG  D N9    1 
ATOM   746 C  C8    . DG  D 4 11 ? -6.838  -6.480  -3.298  1.00 68.50  ? 11  DG  D C8    1 
ATOM   747 N  N7    . DG  D 4 11 ? -6.208  -5.434  -3.743  1.00 67.00  ? 11  DG  D N7    1 
ATOM   748 C  C5    . DG  D 4 11 ? -6.692  -5.268  -5.023  1.00 67.54  ? 11  DG  D C5    1 
ATOM   749 C  C6    . DG  D 4 11 ? -6.363  -4.308  -5.992  1.00 75.83  ? 11  DG  D C6    1 
ATOM   750 O  O6    . DG  D 4 11 ? -5.550  -3.381  -5.907  1.00 79.43  ? 11  DG  D O6    1 
ATOM   751 N  N1    . DG  D 4 11 ? -7.084  -4.500  -7.164  1.00 79.84  ? 11  DG  D N1    1 
ATOM   752 C  C2    . DG  D 4 11 ? -8.006  -5.498  -7.361  1.00 79.86  ? 11  DG  D C2    1 
ATOM   753 N  N2    . DG  D 4 11 ? -8.604  -5.523  -8.557  1.00 90.48  ? 11  DG  D N2    1 
ATOM   754 N  N3    . DG  D 4 11 ? -8.318  -6.408  -6.457  1.00 72.16  ? 11  DG  D N3    1 
ATOM   755 C  C4    . DG  D 4 11 ? -7.620  -6.233  -5.321  1.00 69.20  ? 11  DG  D C4    1 
ATOM   756 P  P     . DT  D 4 12 ? -6.806  -12.476 -4.704  1.00 95.77  ? 12  DT  D P     1 
ATOM   757 O  OP1   . DT  D 4 12 ? -7.336  -13.870 -4.647  1.00 87.70  ? 12  DT  D OP1   1 
ATOM   758 O  OP2   . DT  D 4 12 ? -5.386  -12.206 -4.347  1.00 86.26  ? 12  DT  D OP2   1 
ATOM   759 O  "O5'" . DT  D 4 12 ? -7.101  -11.838 -6.141  1.00 74.55  ? 12  DT  D "O5'" 1 
ATOM   760 C  "C5'" . DT  D 4 12 ? -8.270  -12.233 -6.840  1.00 78.35  ? 12  DT  D "C5'" 1 
ATOM   761 C  "C4'" . DT  D 4 12 ? -8.304  -11.619 -8.222  1.00 86.01  ? 12  DT  D "C4'" 1 
ATOM   762 O  "O4'" . DT  D 4 12 ? -7.924  -10.225 -8.131  1.00 85.23  ? 12  DT  D "O4'" 1 
ATOM   763 C  "C3'" . DT  D 4 12 ? -7.351  -12.233 -9.255  1.00 87.03  ? 12  DT  D "C3'" 1 
ATOM   764 O  "O3'" . DT  D 4 12 ? -7.967  -12.198 -10.526 1.00 88.61  ? 12  DT  D "O3'" 1 
ATOM   765 C  "C2'" . DT  D 4 12 ? -6.168  -11.277 -9.208  1.00 79.72  ? 12  DT  D "C2'" 1 
ATOM   766 C  "C1'" . DT  D 4 12 ? -6.890  -9.960  -9.042  1.00 78.11  ? 12  DT  D "C1'" 1 
ATOM   767 N  N1    . DT  D 4 12 ? -6.047  -8.931  -8.461  1.00 83.03  ? 12  DT  D N1    1 
ATOM   768 C  C2    . DT  D 4 12 ? -5.840  -7.755  -9.159  1.00 82.09  ? 12  DT  D C2    1 
ATOM   769 O  O2    . DT  D 4 12 ? -6.338  -7.527  -10.249 1.00 81.15  ? 12  DT  D O2    1 
ATOM   770 N  N3    . DT  D 4 12 ? -5.026  -6.854  -8.526  1.00 79.39  ? 12  DT  D N3    1 
ATOM   771 C  C4    . DT  D 4 12 ? -4.409  -7.016  -7.288  1.00 81.81  ? 12  DT  D C4    1 
ATOM   772 O  O4    . DT  D 4 12 ? -3.690  -6.151  -6.792  1.00 81.29  ? 12  DT  D O4    1 
ATOM   773 C  C5    . DT  D 4 12 ? -4.675  -8.271  -6.613  1.00 74.28  ? 12  DT  D C5    1 
ATOM   774 C  C7    . DT  D 4 12 ? -4.071  -8.544  -5.275  1.00 63.43  ? 12  DT  D C7    1 
ATOM   775 C  C6    . DT  D 4 12 ? -5.474  -9.157  -7.223  1.00 76.81  ? 12  DT  D C6    1 
ATOM   776 P  P     . DC  D 4 13 ? -7.303  -12.919 -11.790 1.00 80.15  ? 13  DC  D P     1 
ATOM   777 O  OP1   . DC  D 4 13 ? -8.222  -14.019 -12.146 1.00 90.31  ? 13  DC  D OP1   1 
ATOM   778 O  OP2   . DC  D 4 13 ? -5.859  -13.151 -11.577 1.00 73.27  ? 13  DC  D OP2   1 
ATOM   779 O  "O5'" . DC  D 4 13 ? -7.413  -11.825 -12.908 1.00 64.90  ? 13  DC  D "O5'" 1 
ATOM   780 C  "C5'" . DC  D 4 13 ? -7.213  -10.519 -12.564 1.00 72.78  ? 13  DC  D "C5'" 1 
ATOM   781 C  "C4'" . DC  D 4 13 ? -6.844  -9.763  -13.792 1.00 84.15  ? 13  DC  D "C4'" 1 
ATOM   782 O  "O4'" . DC  D 4 13 ? -5.950  -8.679  -13.427 1.00 88.58  ? 13  DC  D "O4'" 1 
ATOM   783 C  "C3'" . DC  D 4 13 ? -6.081  -10.594 -14.791 1.00 81.16  ? 13  DC  D "C3'" 1 
ATOM   784 O  "O3'" . DC  D 4 13 ? -6.225  -10.025 -16.093 1.00 84.38  ? 13  DC  D "O3'" 1 
ATOM   785 C  "C2'" . DC  D 4 13 ? -4.653  -10.471 -14.244 1.00 88.89  ? 13  DC  D "C2'" 1 
ATOM   786 C  "C1'" . DC  D 4 13 ? -4.623  -9.027  -13.732 1.00 82.05  ? 13  DC  D "C1'" 1 
ATOM   787 N  N1    . DC  D 4 13 ? -3.779  -8.804  -12.498 1.00 82.91  ? 13  DC  D N1    1 
ATOM   788 C  C2    . DC  D 4 13 ? -3.027  -7.630  -12.397 1.00 84.14  ? 13  DC  D C2    1 
ATOM   789 O  O2    . DC  D 4 13 ? -3.074  -6.812  -13.327 1.00 87.01  ? 13  DC  D O2    1 
ATOM   790 N  N3    . DC  D 4 13 ? -2.265  -7.419  -11.289 1.00 82.75  ? 13  DC  D N3    1 
ATOM   791 C  C4    . DC  D 4 13 ? -2.243  -8.324  -10.308 1.00 85.67  ? 13  DC  D C4    1 
ATOM   792 N  N4    . DC  D 4 13 ? -1.477  -8.066  -9.239  1.00 85.54  ? 13  DC  D N4    1 
ATOM   793 C  C5    . DC  D 4 13 ? -3.006  -9.532  -10.384 1.00 84.92  ? 13  DC  D C5    1 
ATOM   794 C  C6    . DC  D 4 13 ? -3.756  -9.729  -11.487 1.00 86.37  ? 13  DC  D C6    1 
ATOM   795 P  P     . DT  D 4 14 ? -5.487  -10.657 -17.379 1.00 98.26  ? 14  DT  D P     1 
ATOM   796 O  OP1   . DT  D 4 14 ? -6.446  -10.533 -18.507 1.00 85.19  ? 14  DT  D OP1   1 
ATOM   797 O  OP2   . DT  D 4 14 ? -4.868  -11.961 -17.020 1.00 85.91  ? 14  DT  D OP2   1 
ATOM   798 O  "O5'" . DT  D 4 14 ? -4.270  -9.663  -17.666 1.00 80.82  ? 14  DT  D "O5'" 1 
ATOM   799 C  "C5'" . DT  D 4 14 ? -4.522  -8.352  -18.091 1.00 78.28  ? 14  DT  D "C5'" 1 
ATOM   800 C  "C4'" . DT  D 4 14 ? -3.221  -7.609  -18.331 1.00 86.26  ? 14  DT  D "C4'" 1 
ATOM   801 O  "O4'" . DT  D 4 14 ? -2.525  -7.411  -17.068 1.00 89.75  ? 14  DT  D "O4'" 1 
ATOM   802 C  "C3'" . DT  D 4 14 ? -2.216  -8.325  -19.227 1.00 83.82  ? 14  DT  D "C3'" 1 
ATOM   803 O  "O3'" . DT  D 4 14 ? -1.466  -7.370  -19.947 1.00 85.90  ? 14  DT  D "O3'" 1 
ATOM   804 C  "C2'" . DT  D 4 14 ? -1.337  -9.030  -18.205 1.00 93.94  ? 14  DT  D "C2'" 1 
ATOM   805 C  "C1'" . DT  D 4 14 ? -1.218  -7.924  -17.186 1.00 84.51  ? 14  DT  D "C1'" 1 
ATOM   806 N  N1    . DT  D 4 14 ? -0.763  -8.345  -15.854 1.00 78.08  ? 14  DT  D N1    1 
ATOM   807 C  C2    . DT  D 4 14 ? 0.066   -7.506  -15.178 1.00 80.38  ? 14  DT  D C2    1 
ATOM   808 O  O2    . DT  D 4 14 ? 0.455   -6.449  -15.646 1.00 75.83  ? 14  DT  D O2    1 
ATOM   809 N  N3    . DT  D 4 14 ? 0.434   -7.945  -13.931 1.00 87.17  ? 14  DT  D N3    1 
ATOM   810 C  C4    . DT  D 4 14 ? 0.052   -9.124  -13.305 1.00 86.12  ? 14  DT  D C4    1 
ATOM   811 O  O4    . DT  D 4 14 ? 0.441   -9.433  -12.180 1.00 86.86  ? 14  DT  D O4    1 
ATOM   812 C  C5    . DT  D 4 14 ? -0.821  -9.970  -14.071 1.00 85.76  ? 14  DT  D C5    1 
ATOM   813 C  C7    . DT  D 4 14 ? -1.293  -11.272 -13.487 1.00 76.97  ? 14  DT  D C7    1 
ATOM   814 C  C6    . DT  D 4 14 ? -1.194  -9.545  -15.302 1.00 82.76  ? 14  DT  D C6    1 
ATOM   815 P  P     . DG  D 4 15 ? -1.401  -7.471  -21.543 1.00 103.24 ? 15  DG  D P     1 
ATOM   816 O  OP1   . DG  D 4 15 ? -2.406  -6.536  -22.134 1.00 92.84  ? 15  DG  D OP1   1 
ATOM   817 O  OP2   . DG  D 4 15 ? -1.473  -8.944  -21.755 1.00 85.30  ? 15  DG  D OP2   1 
ATOM   818 O  "O5'" . DG  D 4 15 ? 0.074   -6.955  -21.950 1.00 93.04  ? 15  DG  D "O5'" 1 
ATOM   819 C  "C5'" . DG  D 4 15 ? 0.704   -5.865  -21.293 1.00 86.20  ? 15  DG  D "C5'" 1 
ATOM   820 C  "C4'" . DG  D 4 15 ? 2.089   -6.278  -20.865 1.00 80.75  ? 15  DG  D "C4'" 1 
ATOM   821 O  "O4'" . DG  D 4 15 ? 2.044   -6.707  -19.495 1.00 88.76  ? 15  DG  D "O4'" 1 
ATOM   822 C  "C3'" . DG  D 4 15 ? 2.601   -7.491  -21.613 1.00 82.78  ? 15  DG  D "C3'" 1 
ATOM   823 O  "O3'" . DG  D 4 15 ? 3.453   -7.161  -22.741 1.00 91.06  ? 15  DG  D "O3'" 1 
ATOM   824 C  "C2'" . DG  D 4 15 ? 3.329   -8.337  -20.567 1.00 81.36  ? 15  DG  D "C2'" 1 
ATOM   825 C  "C1'" . DG  D 4 15 ? 3.129   -7.573  -19.276 1.00 87.33  ? 15  DG  D "C1'" 1 
ATOM   826 N  N9    . DG  D 4 15 ? 2.819   -8.449  -18.169 1.00 83.69  ? 15  DG  D N9    1 
ATOM   827 C  C8    . DG  D 4 15 ? 2.102   -9.619  -18.233 1.00 85.51  ? 15  DG  D C8    1 
ATOM   828 N  N7    . DG  D 4 15 ? 1.973   -10.217 -17.082 1.00 85.25  ? 15  DG  D N7    1 
ATOM   829 C  C5    . DG  D 4 15 ? 2.658   -9.396  -16.197 1.00 86.21  ? 15  DG  D C5    1 
ATOM   830 C  C6    . DG  D 4 15 ? 2.854   -9.536  -14.808 1.00 83.78  ? 15  DG  D C6    1 
ATOM   831 O  O6    . DG  D 4 15 ? 2.441   -10.446 -14.070 1.00 78.76  ? 15  DG  D O6    1 
ATOM   832 N  N1    . DG  D 4 15 ? 3.612   -8.475  -14.279 1.00 85.53  ? 15  DG  D N1    1 
ATOM   833 C  C2    . DG  D 4 15 ? 4.117   -7.416  -15.018 1.00 83.99  ? 15  DG  D C2    1 
ATOM   834 N  N2    . DG  D 4 15 ? 4.828   -6.496  -14.338 1.00 76.91  ? 15  DG  D N2    1 
ATOM   835 N  N3    . DG  D 4 15 ? 3.932   -7.274  -16.333 1.00 82.82  ? 15  DG  D N3    1 
ATOM   836 C  C4    . DG  D 4 15 ? 3.195   -8.300  -16.853 1.00 84.68  ? 15  DG  D C4    1 
ATOM   837 P  P     . DC  D 4 16 ? 4.390   -5.858  -22.823 1.00 103.65 ? 16  DC  D P     1 
ATOM   838 O  OP1   . DC  D 4 16 ? 3.528   -4.652  -22.874 1.00 102.98 ? 16  DC  D OP1   1 
ATOM   839 O  OP2   . DC  D 4 16 ? 5.269   -6.144  -23.986 1.00 92.65  ? 16  DC  D OP2   1 
ATOM   840 O  "O5'" . DC  D 4 16 ? 5.307   -5.902  -21.486 1.00 113.50 ? 16  DC  D "O5'" 1 
ATOM   841 C  "C5'" . DC  D 4 16 ? 6.330   -6.954  -21.286 1.00 107.95 ? 16  DC  D "C5'" 1 
ATOM   842 C  "C4'" . DC  D 4 16 ? 7.134   -6.742  -19.982 1.00 107.60 ? 16  DC  D "C4'" 1 
ATOM   843 O  "O4'" . DC  D 4 16 ? 6.503   -7.425  -18.848 1.00 97.86  ? 16  DC  D "O4'" 1 
ATOM   844 C  "C3'" . DC  D 4 16 ? 8.578   -7.244  -20.014 1.00 107.89 ? 16  DC  D "C3'" 1 
ATOM   845 O  "O3'" . DC  D 4 16 ? 9.432   -6.258  -19.451 1.00 110.14 ? 16  DC  D "O3'" 1 
ATOM   846 C  "C2'" . DC  D 4 16 ? 8.539   -8.528  -19.163 1.00 92.81  ? 16  DC  D "C2'" 1 
ATOM   847 C  "C1'" . DC  D 4 16 ? 7.464   -8.187  -18.140 1.00 91.36  ? 16  DC  D "C1'" 1 
ATOM   848 N  N1    . DC  D 4 16 ? 6.762   -9.386  -17.553 1.00 84.37  ? 16  DC  D N1    1 
ATOM   849 C  C2    . DC  D 4 16 ? 6.672   -9.558  -16.161 1.00 82.00  ? 16  DC  D C2    1 
ATOM   850 O  O2    . DC  D 4 16 ? 7.200   -8.733  -15.404 1.00 86.64  ? 16  DC  D O2    1 
ATOM   851 N  N3    . DC  D 4 16 ? 6.013   -10.629 -15.681 1.00 74.54  ? 16  DC  D N3    1 
ATOM   852 C  C4    . DC  D 4 16 ? 5.454   -11.487 -16.513 1.00 71.75  ? 16  DC  D C4    1 
ATOM   853 N  N4    . DC  D 4 16 ? 4.815   -12.529 -16.001 1.00 73.40  ? 16  DC  D N4    1 
ATOM   854 C  C5    . DC  D 4 16 ? 5.531   -11.328 -17.908 1.00 76.65  ? 16  DC  D C5    1 
ATOM   855 C  C6    . DC  D 4 16 ? 6.181   -10.273 -18.382 1.00 81.91  ? 16  DC  D C6    1 
HETATM 856 AS AS    . CAC E 5 .  ? -3.260  -2.966  -2.745  1.00 150.11 ? 101 CAC D AS    1 
# 
loop_
_pdbx_poly_seq_scheme.asym_id 
_pdbx_poly_seq_scheme.entity_id 
_pdbx_poly_seq_scheme.seq_id 
_pdbx_poly_seq_scheme.mon_id 
_pdbx_poly_seq_scheme.ndb_seq_num 
_pdbx_poly_seq_scheme.pdb_seq_num 
_pdbx_poly_seq_scheme.auth_seq_num 
_pdbx_poly_seq_scheme.pdb_mon_id 
_pdbx_poly_seq_scheme.auth_mon_id 
_pdbx_poly_seq_scheme.pdb_strand_id 
_pdbx_poly_seq_scheme.pdb_ins_code 
_pdbx_poly_seq_scheme.hetero 
A 1 1  DG 1  1  1  DG DG A . n 
A 1 2  DA 2  2  2  DA DA A . n 
A 1 3  DG 3  3  3  DG DG A . n 
A 1 4  DC 4  4  4  DC DC A . n 
A 1 5  DA 5  5  5  DA DA A . n 
A 1 6  DG 6  6  6  DG DG A . n 
A 1 7  DA 7  7  7  DA DA A . n 
A 1 8  DC 8  8  8  DC DC A . n 
A 1 9  DC 9  9  9  DC DC A . n 
A 1 10 DC 10 10 10 DC DC A . n 
A 1 11 DG 11 11 11 DG DG A . n 
B 2 1  DA 1  12 12 DA DA B . n 
B 2 2  DC 2  13 13 DC DC B . n 
B 2 3  DG 3  14 14 DG DG B . n 
B 2 4  DG 4  15 15 DG DG B . n 
B 2 5  DC 5  16 16 DC DC B . n 
B 2 6  DA 6  17 17 DA DA B . n 
B 2 7  DC 7  18 18 DC DC B . n 
B 2 8  DT 8  19 19 DT DT B . n 
B 2 9  DC 9  20 20 DC DC B . n 
B 2 10 DA 10 21 21 DA DA B . n 
C 3 1  DC 1  1  1  DC DC C . n 
C 3 2  DG 2  2  2  DG DG C . n 
C 3 3  DC 3  3  3  DC DC C . n 
C 3 4  DG 4  4  4  DG DG C . n 
C 3 5  DT 5  5  5  DT DT C . n 
D 4 1  DT 1  1  1  DT DT D . n 
D 4 2  DC 2  2  2  DC DC D . n 
D 4 3  DT 3  3  3  DT DT D . n 
D 4 4  DG 4  4  4  DG DG D . n 
D 4 5  DA 5  5  5  DA DA D . n 
D 4 6  DG 6  6  6  DG DG D . n 
D 4 7  DT 7  7  7  DT DT D . n 
D 4 8  DG 8  8  8  DG DG D . n 
D 4 9  DC 9  9  9  DC DC D . n 
D 4 10 DG 10 10 10 DG DG D . n 
D 4 11 DG 11 11 11 DG DG D . n 
D 4 12 DT 12 12 12 DT DT D . n 
D 4 13 DC 13 13 13 DC DC D . n 
D 4 14 DT 14 14 14 DT DT D . n 
D 4 15 DG 15 15 15 DG DG D . n 
D 4 16 DC 16 16 16 DC DC D . n 
# 
_pdbx_nonpoly_scheme.asym_id         E 
_pdbx_nonpoly_scheme.entity_id       5 
_pdbx_nonpoly_scheme.mon_id          CAC 
_pdbx_nonpoly_scheme.ndb_seq_num     1 
_pdbx_nonpoly_scheme.pdb_seq_num     101 
_pdbx_nonpoly_scheme.auth_seq_num    1 
_pdbx_nonpoly_scheme.pdb_mon_id      CAC 
_pdbx_nonpoly_scheme.auth_mon_id     AS 
_pdbx_nonpoly_scheme.pdb_strand_id   D 
_pdbx_nonpoly_scheme.pdb_ins_code    . 
# 
_pdbx_struct_assembly.id                   1 
_pdbx_struct_assembly.details              author_defined_assembly 
_pdbx_struct_assembly.method_details       ? 
_pdbx_struct_assembly.oligomeric_details   tetrameric 
_pdbx_struct_assembly.oligomeric_count     4 
# 
_pdbx_struct_assembly_gen.assembly_id       1 
_pdbx_struct_assembly_gen.oper_expression   1 
_pdbx_struct_assembly_gen.asym_id_list      A,B,C,D,E 
# 
_pdbx_struct_oper_list.id                   1 
_pdbx_struct_oper_list.type                 'identity operation' 
_pdbx_struct_oper_list.name                 1_555 
_pdbx_struct_oper_list.symmetry_operation   x,y,z 
_pdbx_struct_oper_list.matrix[1][1]         1.0000000000 
_pdbx_struct_oper_list.matrix[1][2]         0.0000000000 
_pdbx_struct_oper_list.matrix[1][3]         0.0000000000 
_pdbx_struct_oper_list.vector[1]            0.0000000000 
_pdbx_struct_oper_list.matrix[2][1]         0.0000000000 
_pdbx_struct_oper_list.matrix[2][2]         1.0000000000 
_pdbx_struct_oper_list.matrix[2][3]         0.0000000000 
_pdbx_struct_oper_list.vector[2]            0.0000000000 
_pdbx_struct_oper_list.matrix[3][1]         0.0000000000 
_pdbx_struct_oper_list.matrix[3][2]         0.0000000000 
_pdbx_struct_oper_list.matrix[3][3]         1.0000000000 
_pdbx_struct_oper_list.vector[3]            0.0000000000 
# 
loop_
_pdbx_audit_revision_history.ordinal 
_pdbx_audit_revision_history.data_content_type 
_pdbx_audit_revision_history.major_revision 
_pdbx_audit_revision_history.minor_revision 
_pdbx_audit_revision_history.revision_date 
1 'Structure model' 1 0 2021-07-14 
2 'Structure model' 1 1 2022-07-06 
3 'Structure model' 1 2 2023-10-18 
# 
_pdbx_audit_revision_details.ordinal             1 
_pdbx_audit_revision_details.revision_ordinal    1 
_pdbx_audit_revision_details.data_content_type   'Structure model' 
_pdbx_audit_revision_details.provider            repository 
_pdbx_audit_revision_details.type                'Initial release' 
_pdbx_audit_revision_details.description         ? 
_pdbx_audit_revision_details.details             ? 
# 
loop_
_pdbx_audit_revision_group.ordinal 
_pdbx_audit_revision_group.revision_ordinal 
_pdbx_audit_revision_group.data_content_type 
_pdbx_audit_revision_group.group 
1 2 'Structure model' 'Database references'    
2 3 'Structure model' 'Data collection'        
3 3 'Structure model' 'Refinement description' 
# 
loop_
_pdbx_audit_revision_category.ordinal 
_pdbx_audit_revision_category.revision_ordinal 
_pdbx_audit_revision_category.data_content_type 
_pdbx_audit_revision_category.category 
1 2 'Structure model' citation                      
2 2 'Structure model' citation_author               
3 2 'Structure model' database_2                    
4 3 'Structure model' chem_comp_atom                
5 3 'Structure model' chem_comp_bond                
6 3 'Structure model' pdbx_initial_refinement_model 
# 
loop_
_pdbx_audit_revision_item.ordinal 
_pdbx_audit_revision_item.revision_ordinal 
_pdbx_audit_revision_item.data_content_type 
_pdbx_audit_revision_item.item 
1  2 'Structure model' '_citation.country'                   
2  2 'Structure model' '_citation.journal_abbrev'            
3  2 'Structure model' '_citation.journal_id_CSD'            
4  2 'Structure model' '_citation.journal_id_ISSN'           
5  2 'Structure model' '_citation.journal_volume'            
6  2 'Structure model' '_citation.page_first'                
7  2 'Structure model' '_citation.page_last'                 
8  2 'Structure model' '_citation.pdbx_database_id_DOI'      
9  2 'Structure model' '_citation.pdbx_database_id_PubMed'   
10 2 'Structure model' '_citation.title'                     
11 2 'Structure model' '_citation.year'                      
12 2 'Structure model' '_database_2.pdbx_DOI'                
13 2 'Structure model' '_database_2.pdbx_database_accession' 
# 
loop_
_software.citation_id 
_software.classification 
_software.compiler_name 
_software.compiler_version 
_software.contact_author 
_software.contact_author_email 
_software.date 
_software.description 
_software.dependencies 
_software.hardware 
_software.language 
_software.location 
_software.mods 
_software.name 
_software.os 
_software.os_version 
_software.type 
_software.version 
_software.pdbx_ordinal 
? 'data reduction'  ? ? ? ? ? ? ? ? ? ? ? HKL-2000    ? ? ? .           1 
? 'data scaling'    ? ? ? ? ? ? ? ? ? ? ? HKL-2000    ? ? ? .           2 
? refinement        ? ? ? ? ? ? ? ? ? ? ? PHENIX      ? ? ? 1.11.1_2575 3 
? 'data extraction' ? ? ? ? ? ? ? ? ? ? ? PDB_EXTRACT ? ? ? 3.25        4 
? phasing           ? ? ? ? ? ? ? ? ? ? ? PHASER      ? ? ? .           5 
# 
_pdbx_entry_details.entry_id                 6XDW 
_pdbx_entry_details.has_ligand_of_interest   N 
_pdbx_entry_details.compound_details         ? 
_pdbx_entry_details.source_details           ? 
_pdbx_entry_details.nonpolymer_details       ? 
_pdbx_entry_details.sequence_details         ? 
# 
_pdbx_validate_rmsd_bond.id                        1 
_pdbx_validate_rmsd_bond.PDB_model_num             1 
_pdbx_validate_rmsd_bond.auth_atom_id_1            "O3'" 
_pdbx_validate_rmsd_bond.auth_asym_id_1            D 
_pdbx_validate_rmsd_bond.auth_comp_id_1            DG 
_pdbx_validate_rmsd_bond.auth_seq_id_1             10 
_pdbx_validate_rmsd_bond.PDB_ins_code_1            ? 
_pdbx_validate_rmsd_bond.label_alt_id_1            ? 
_pdbx_validate_rmsd_bond.auth_atom_id_2            "C3'" 
_pdbx_validate_rmsd_bond.auth_asym_id_2            D 
_pdbx_validate_rmsd_bond.auth_comp_id_2            DG 
_pdbx_validate_rmsd_bond.auth_seq_id_2             10 
_pdbx_validate_rmsd_bond.PDB_ins_code_2            ? 
_pdbx_validate_rmsd_bond.label_alt_id_2            ? 
_pdbx_validate_rmsd_bond.bond_value                1.376 
_pdbx_validate_rmsd_bond.bond_target_value         1.419 
_pdbx_validate_rmsd_bond.bond_deviation            -0.043 
_pdbx_validate_rmsd_bond.bond_standard_deviation   0.006 
_pdbx_validate_rmsd_bond.linker_flag               N 
# 
loop_
_pdbx_validate_rmsd_angle.id 
_pdbx_validate_rmsd_angle.PDB_model_num 
_pdbx_validate_rmsd_angle.auth_atom_id_1 
_pdbx_validate_rmsd_angle.auth_asym_id_1 
_pdbx_validate_rmsd_angle.auth_comp_id_1 
_pdbx_validate_rmsd_angle.auth_seq_id_1 
_pdbx_validate_rmsd_angle.PDB_ins_code_1 
_pdbx_validate_rmsd_angle.label_alt_id_1 
_pdbx_validate_rmsd_angle.auth_atom_id_2 
_pdbx_validate_rmsd_angle.auth_asym_id_2 
_pdbx_validate_rmsd_angle.auth_comp_id_2 
_pdbx_validate_rmsd_angle.auth_seq_id_2 
_pdbx_validate_rmsd_angle.PDB_ins_code_2 
_pdbx_validate_rmsd_angle.label_alt_id_2 
_pdbx_validate_rmsd_angle.auth_atom_id_3 
_pdbx_validate_rmsd_angle.auth_asym_id_3 
_pdbx_validate_rmsd_angle.auth_comp_id_3 
_pdbx_validate_rmsd_angle.auth_seq_id_3 
_pdbx_validate_rmsd_angle.PDB_ins_code_3 
_pdbx_validate_rmsd_angle.label_alt_id_3 
_pdbx_validate_rmsd_angle.angle_value 
_pdbx_validate_rmsd_angle.angle_target_value 
_pdbx_validate_rmsd_angle.angle_deviation 
_pdbx_validate_rmsd_angle.angle_standard_deviation 
_pdbx_validate_rmsd_angle.linker_flag 
1 1 "O4'" A DC 9  ? ? "C1'" A DC 9  ? ? N1 A DC 9  ? ? 110.29 108.30 1.99 0.30 N 
2 1 "O4'" B DC 18 ? ? "C1'" B DC 18 ? ? N1 B DC 18 ? ? 112.23 108.30 3.93 0.30 N 
3 1 "O4'" D DT 3  ? ? "C1'" D DT 3  ? ? N1 D DT 3  ? ? 110.63 108.30 2.33 0.30 N 
# 
loop_
_pdbx_unobs_or_zero_occ_atoms.id 
_pdbx_unobs_or_zero_occ_atoms.PDB_model_num 
_pdbx_unobs_or_zero_occ_atoms.polymer_flag 
_pdbx_unobs_or_zero_occ_atoms.occupancy_flag 
_pdbx_unobs_or_zero_occ_atoms.auth_asym_id 
_pdbx_unobs_or_zero_occ_atoms.auth_comp_id 
_pdbx_unobs_or_zero_occ_atoms.auth_seq_id 
_pdbx_unobs_or_zero_occ_atoms.PDB_ins_code 
_pdbx_unobs_or_zero_occ_atoms.auth_atom_id 
_pdbx_unobs_or_zero_occ_atoms.label_alt_id 
_pdbx_unobs_or_zero_occ_atoms.label_asym_id 
_pdbx_unobs_or_zero_occ_atoms.label_comp_id 
_pdbx_unobs_or_zero_occ_atoms.label_seq_id 
_pdbx_unobs_or_zero_occ_atoms.label_atom_id 
1 1 N 1 D CAC 101 ? O1 ? E CAC 1 O1 
2 1 N 1 D CAC 101 ? O2 ? E CAC 1 O2 
3 1 N 1 D CAC 101 ? C1 ? E CAC 1 C1 
4 1 N 1 D CAC 101 ? C2 ? E CAC 1 C2 
# 
loop_
_chem_comp_atom.comp_id 
_chem_comp_atom.atom_id 
_chem_comp_atom.type_symbol 
_chem_comp_atom.pdbx_aromatic_flag 
_chem_comp_atom.pdbx_stereo_config 
_chem_comp_atom.pdbx_ordinal 
CAC AS     AS N N 1   
CAC O1     O  N N 2   
CAC O2     O  N N 3   
CAC C1     C  N N 4   
CAC C2     C  N N 5   
CAC H11    H  N N 6   
CAC H12    H  N N 7   
CAC H13    H  N N 8   
CAC H21    H  N N 9   
CAC H22    H  N N 10  
CAC H23    H  N N 11  
DA  OP3    O  N N 12  
DA  P      P  N N 13  
DA  OP1    O  N N 14  
DA  OP2    O  N N 15  
DA  "O5'"  O  N N 16  
DA  "C5'"  C  N N 17  
DA  "C4'"  C  N R 18  
DA  "O4'"  O  N N 19  
DA  "C3'"  C  N S 20  
DA  "O3'"  O  N N 21  
DA  "C2'"  C  N N 22  
DA  "C1'"  C  N R 23  
DA  N9     N  Y N 24  
DA  C8     C  Y N 25  
DA  N7     N  Y N 26  
DA  C5     C  Y N 27  
DA  C6     C  Y N 28  
DA  N6     N  N N 29  
DA  N1     N  Y N 30  
DA  C2     C  Y N 31  
DA  N3     N  Y N 32  
DA  C4     C  Y N 33  
DA  HOP3   H  N N 34  
DA  HOP2   H  N N 35  
DA  "H5'"  H  N N 36  
DA  "H5''" H  N N 37  
DA  "H4'"  H  N N 38  
DA  "H3'"  H  N N 39  
DA  "HO3'" H  N N 40  
DA  "H2'"  H  N N 41  
DA  "H2''" H  N N 42  
DA  "H1'"  H  N N 43  
DA  H8     H  N N 44  
DA  H61    H  N N 45  
DA  H62    H  N N 46  
DA  H2     H  N N 47  
DC  OP3    O  N N 48  
DC  P      P  N N 49  
DC  OP1    O  N N 50  
DC  OP2    O  N N 51  
DC  "O5'"  O  N N 52  
DC  "C5'"  C  N N 53  
DC  "C4'"  C  N R 54  
DC  "O4'"  O  N N 55  
DC  "C3'"  C  N S 56  
DC  "O3'"  O  N N 57  
DC  "C2'"  C  N N 58  
DC  "C1'"  C  N R 59  
DC  N1     N  N N 60  
DC  C2     C  N N 61  
DC  O2     O  N N 62  
DC  N3     N  N N 63  
DC  C4     C  N N 64  
DC  N4     N  N N 65  
DC  C5     C  N N 66  
DC  C6     C  N N 67  
DC  HOP3   H  N N 68  
DC  HOP2   H  N N 69  
DC  "H5'"  H  N N 70  
DC  "H5''" H  N N 71  
DC  "H4'"  H  N N 72  
DC  "H3'"  H  N N 73  
DC  "HO3'" H  N N 74  
DC  "H2'"  H  N N 75  
DC  "H2''" H  N N 76  
DC  "H1'"  H  N N 77  
DC  H41    H  N N 78  
DC  H42    H  N N 79  
DC  H5     H  N N 80  
DC  H6     H  N N 81  
DG  OP3    O  N N 82  
DG  P      P  N N 83  
DG  OP1    O  N N 84  
DG  OP2    O  N N 85  
DG  "O5'"  O  N N 86  
DG  "C5'"  C  N N 87  
DG  "C4'"  C  N R 88  
DG  "O4'"  O  N N 89  
DG  "C3'"  C  N S 90  
DG  "O3'"  O  N N 91  
DG  "C2'"  C  N N 92  
DG  "C1'"  C  N R 93  
DG  N9     N  Y N 94  
DG  C8     C  Y N 95  
DG  N7     N  Y N 96  
DG  C5     C  Y N 97  
DG  C6     C  N N 98  
DG  O6     O  N N 99  
DG  N1     N  N N 100 
DG  C2     C  N N 101 
DG  N2     N  N N 102 
DG  N3     N  N N 103 
DG  C4     C  Y N 104 
DG  HOP3   H  N N 105 
DG  HOP2   H  N N 106 
DG  "H5'"  H  N N 107 
DG  "H5''" H  N N 108 
DG  "H4'"  H  N N 109 
DG  "H3'"  H  N N 110 
DG  "HO3'" H  N N 111 
DG  "H2'"  H  N N 112 
DG  "H2''" H  N N 113 
DG  "H1'"  H  N N 114 
DG  H8     H  N N 115 
DG  H1     H  N N 116 
DG  H21    H  N N 117 
DG  H22    H  N N 118 
DT  OP3    O  N N 119 
DT  P      P  N N 120 
DT  OP1    O  N N 121 
DT  OP2    O  N N 122 
DT  "O5'"  O  N N 123 
DT  "C5'"  C  N N 124 
DT  "C4'"  C  N R 125 
DT  "O4'"  O  N N 126 
DT  "C3'"  C  N S 127 
DT  "O3'"  O  N N 128 
DT  "C2'"  C  N N 129 
DT  "C1'"  C  N R 130 
DT  N1     N  N N 131 
DT  C2     C  N N 132 
DT  O2     O  N N 133 
DT  N3     N  N N 134 
DT  C4     C  N N 135 
DT  O4     O  N N 136 
DT  C5     C  N N 137 
DT  C7     C  N N 138 
DT  C6     C  N N 139 
DT  HOP3   H  N N 140 
DT  HOP2   H  N N 141 
DT  "H5'"  H  N N 142 
DT  "H5''" H  N N 143 
DT  "H4'"  H  N N 144 
DT  "H3'"  H  N N 145 
DT  "HO3'" H  N N 146 
DT  "H2'"  H  N N 147 
DT  "H2''" H  N N 148 
DT  "H1'"  H  N N 149 
DT  H3     H  N N 150 
DT  H71    H  N N 151 
DT  H72    H  N N 152 
DT  H73    H  N N 153 
DT  H6     H  N N 154 
# 
loop_
_chem_comp_bond.comp_id 
_chem_comp_bond.atom_id_1 
_chem_comp_bond.atom_id_2 
_chem_comp_bond.value_order 
_chem_comp_bond.pdbx_aromatic_flag 
_chem_comp_bond.pdbx_stereo_config 
_chem_comp_bond.pdbx_ordinal 
CAC AS    O1     doub N N 1   
CAC AS    O2     sing N N 2   
CAC AS    C1     sing N N 3   
CAC AS    C2     sing N N 4   
CAC C1    H11    sing N N 5   
CAC C1    H12    sing N N 6   
CAC C1    H13    sing N N 7   
CAC C2    H21    sing N N 8   
CAC C2    H22    sing N N 9   
CAC C2    H23    sing N N 10  
DA  OP3   P      sing N N 11  
DA  OP3   HOP3   sing N N 12  
DA  P     OP1    doub N N 13  
DA  P     OP2    sing N N 14  
DA  P     "O5'"  sing N N 15  
DA  OP2   HOP2   sing N N 16  
DA  "O5'" "C5'"  sing N N 17  
DA  "C5'" "C4'"  sing N N 18  
DA  "C5'" "H5'"  sing N N 19  
DA  "C5'" "H5''" sing N N 20  
DA  "C4'" "O4'"  sing N N 21  
DA  "C4'" "C3'"  sing N N 22  
DA  "C4'" "H4'"  sing N N 23  
DA  "O4'" "C1'"  sing N N 24  
DA  "C3'" "O3'"  sing N N 25  
DA  "C3'" "C2'"  sing N N 26  
DA  "C3'" "H3'"  sing N N 27  
DA  "O3'" "HO3'" sing N N 28  
DA  "C2'" "C1'"  sing N N 29  
DA  "C2'" "H2'"  sing N N 30  
DA  "C2'" "H2''" sing N N 31  
DA  "C1'" N9     sing N N 32  
DA  "C1'" "H1'"  sing N N 33  
DA  N9    C8     sing Y N 34  
DA  N9    C4     sing Y N 35  
DA  C8    N7     doub Y N 36  
DA  C8    H8     sing N N 37  
DA  N7    C5     sing Y N 38  
DA  C5    C6     sing Y N 39  
DA  C5    C4     doub Y N 40  
DA  C6    N6     sing N N 41  
DA  C6    N1     doub Y N 42  
DA  N6    H61    sing N N 43  
DA  N6    H62    sing N N 44  
DA  N1    C2     sing Y N 45  
DA  C2    N3     doub Y N 46  
DA  C2    H2     sing N N 47  
DA  N3    C4     sing Y N 48  
DC  OP3   P      sing N N 49  
DC  OP3   HOP3   sing N N 50  
DC  P     OP1    doub N N 51  
DC  P     OP2    sing N N 52  
DC  P     "O5'"  sing N N 53  
DC  OP2   HOP2   sing N N 54  
DC  "O5'" "C5'"  sing N N 55  
DC  "C5'" "C4'"  sing N N 56  
DC  "C5'" "H5'"  sing N N 57  
DC  "C5'" "H5''" sing N N 58  
DC  "C4'" "O4'"  sing N N 59  
DC  "C4'" "C3'"  sing N N 60  
DC  "C4'" "H4'"  sing N N 61  
DC  "O4'" "C1'"  sing N N 62  
DC  "C3'" "O3'"  sing N N 63  
DC  "C3'" "C2'"  sing N N 64  
DC  "C3'" "H3'"  sing N N 65  
DC  "O3'" "HO3'" sing N N 66  
DC  "C2'" "C1'"  sing N N 67  
DC  "C2'" "H2'"  sing N N 68  
DC  "C2'" "H2''" sing N N 69  
DC  "C1'" N1     sing N N 70  
DC  "C1'" "H1'"  sing N N 71  
DC  N1    C2     sing N N 72  
DC  N1    C6     sing N N 73  
DC  C2    O2     doub N N 74  
DC  C2    N3     sing N N 75  
DC  N3    C4     doub N N 76  
DC  C4    N4     sing N N 77  
DC  C4    C5     sing N N 78  
DC  N4    H41    sing N N 79  
DC  N4    H42    sing N N 80  
DC  C5    C6     doub N N 81  
DC  C5    H5     sing N N 82  
DC  C6    H6     sing N N 83  
DG  OP3   P      sing N N 84  
DG  OP3   HOP3   sing N N 85  
DG  P     OP1    doub N N 86  
DG  P     OP2    sing N N 87  
DG  P     "O5'"  sing N N 88  
DG  OP2   HOP2   sing N N 89  
DG  "O5'" "C5'"  sing N N 90  
DG  "C5'" "C4'"  sing N N 91  
DG  "C5'" "H5'"  sing N N 92  
DG  "C5'" "H5''" sing N N 93  
DG  "C4'" "O4'"  sing N N 94  
DG  "C4'" "C3'"  sing N N 95  
DG  "C4'" "H4'"  sing N N 96  
DG  "O4'" "C1'"  sing N N 97  
DG  "C3'" "O3'"  sing N N 98  
DG  "C3'" "C2'"  sing N N 99  
DG  "C3'" "H3'"  sing N N 100 
DG  "O3'" "HO3'" sing N N 101 
DG  "C2'" "C1'"  sing N N 102 
DG  "C2'" "H2'"  sing N N 103 
DG  "C2'" "H2''" sing N N 104 
DG  "C1'" N9     sing N N 105 
DG  "C1'" "H1'"  sing N N 106 
DG  N9    C8     sing Y N 107 
DG  N9    C4     sing Y N 108 
DG  C8    N7     doub Y N 109 
DG  C8    H8     sing N N 110 
DG  N7    C5     sing Y N 111 
DG  C5    C6     sing N N 112 
DG  C5    C4     doub Y N 113 
DG  C6    O6     doub N N 114 
DG  C6    N1     sing N N 115 
DG  N1    C2     sing N N 116 
DG  N1    H1     sing N N 117 
DG  C2    N2     sing N N 118 
DG  C2    N3     doub N N 119 
DG  N2    H21    sing N N 120 
DG  N2    H22    sing N N 121 
DG  N3    C4     sing N N 122 
DT  OP3   P      sing N N 123 
DT  OP3   HOP3   sing N N 124 
DT  P     OP1    doub N N 125 
DT  P     OP2    sing N N 126 
DT  P     "O5'"  sing N N 127 
DT  OP2   HOP2   sing N N 128 
DT  "O5'" "C5'"  sing N N 129 
DT  "C5'" "C4'"  sing N N 130 
DT  "C5'" "H5'"  sing N N 131 
DT  "C5'" "H5''" sing N N 132 
DT  "C4'" "O4'"  sing N N 133 
DT  "C4'" "C3'"  sing N N 134 
DT  "C4'" "H4'"  sing N N 135 
DT  "O4'" "C1'"  sing N N 136 
DT  "C3'" "O3'"  sing N N 137 
DT  "C3'" "C2'"  sing N N 138 
DT  "C3'" "H3'"  sing N N 139 
DT  "O3'" "HO3'" sing N N 140 
DT  "C2'" "C1'"  sing N N 141 
DT  "C2'" "H2'"  sing N N 142 
DT  "C2'" "H2''" sing N N 143 
DT  "C1'" N1     sing N N 144 
DT  "C1'" "H1'"  sing N N 145 
DT  N1    C2     sing N N 146 
DT  N1    C6     sing N N 147 
DT  C2    O2     doub N N 148 
DT  C2    N3     sing N N 149 
DT  N3    C4     sing N N 150 
DT  N3    H3     sing N N 151 
DT  C4    O4     doub N N 152 
DT  C4    C5     sing N N 153 
DT  C5    C7     sing N N 154 
DT  C5    C6     doub N N 155 
DT  C7    H71    sing N N 156 
DT  C7    H72    sing N N 157 
DT  C7    H73    sing N N 158 
DT  C6    H6     sing N N 159 
# 
loop_
_ndb_struct_conf_na.entry_id 
_ndb_struct_conf_na.feature 
6XDW 'double helix'        
6XDW 'a-form double helix' 
6XDW 'b-form double helix' 
# 
loop_
_ndb_struct_na_base_pair.model_number 
_ndb_struct_na_base_pair.i_label_asym_id 
_ndb_struct_na_base_pair.i_label_comp_id 
_ndb_struct_na_base_pair.i_label_seq_id 
_ndb_struct_na_base_pair.i_symmetry 
_ndb_struct_na_base_pair.j_label_asym_id 
_ndb_struct_na_base_pair.j_label_comp_id 
_ndb_struct_na_base_pair.j_label_seq_id 
_ndb_struct_na_base_pair.j_symmetry 
_ndb_struct_na_base_pair.shear 
_ndb_struct_na_base_pair.stretch 
_ndb_struct_na_base_pair.stagger 
_ndb_struct_na_base_pair.buckle 
_ndb_struct_na_base_pair.propeller 
_ndb_struct_na_base_pair.opening 
_ndb_struct_na_base_pair.pair_number 
_ndb_struct_na_base_pair.pair_name 
_ndb_struct_na_base_pair.i_auth_asym_id 
_ndb_struct_na_base_pair.i_auth_seq_id 
_ndb_struct_na_base_pair.i_PDB_ins_code 
_ndb_struct_na_base_pair.j_auth_asym_id 
_ndb_struct_na_base_pair.j_auth_seq_id 
_ndb_struct_na_base_pair.j_PDB_ins_code 
_ndb_struct_na_base_pair.hbond_type_28 
_ndb_struct_na_base_pair.hbond_type_12 
1 A DG 3  1_555 D DC 16 1_555 -0.362 -0.230 -0.326 -13.473 -13.206 -1.262  1  A_DG3:DC16_D A 3  ? D 16 ? 19 1 
1 A DC 4  1_555 D DG 15 1_555 -0.851 0.270  -0.378 -8.298  -6.236  -4.944  2  A_DC4:DG15_D A 4  ? D 15 ? 19 1 
1 A DA 5  1_555 D DT 14 1_555 0.743  0.204  0.413  5.497   -5.756  -0.649  3  A_DA5:DT14_D A 5  ? D 14 ? 20 1 
1 A DG 6  1_555 D DC 13 1_555 0.054  -0.478 0.396  2.687   -10.280 4.604   4  A_DG6:DC13_D A 6  ? D 13 ? 22 1 
1 A DA 7  1_555 D DT 12 1_555 0.154  -0.338 -0.071 -6.957  -10.192 -1.146  5  A_DA7:DT12_D A 7  ? D 12 ? 20 1 
1 A DC 8  1_555 D DG 11 1_555 0.742  -0.389 0.492  -2.069  -16.262 4.770   6  A_DC8:DG11_D A 8  ? D 11 ? 19 1 
1 A DC 9  1_555 D DG 10 1_555 -0.594 -0.205 0.165  -3.048  -6.044  -2.305  7  A_DC9:DG10_D A 9  ? D 10 ? 19 1 
1 A DC 10 1_555 C DG 2  1_555 -0.280 0.039  0.384  -4.867  -7.264  14.137  8  A_DC10:DG2_C A 10 ? C 2  ? 19 1 
1 A DG 11 1_555 C DC 1  1_555 0.415  0.365  0.697  4.344   -10.371 -0.504  9  A_DG11:DC1_C A 11 ? C 1  ? 19 1 
1 B DA 1  1_555 C DT 5  1_555 0.440  -0.115 0.698  2.109   -17.300 -1.552  10 B_DA12:DT5_C B 12 ? C 5  ? 20 1 
1 B DC 2  1_555 C DG 4  1_555 -0.033 -0.412 1.350  -5.368  -26.194 -5.817  11 B_DC13:DG4_C B 13 ? C 4  ? 19 1 
1 B DG 3  1_555 C DC 3  1_555 0.126  -0.201 1.030  10.188  -3.780  -8.701  12 B_DG14:DC3_C B 14 ? C 3  ? 19 1 
1 B DG 4  1_555 D DC 9  1_555 0.314  0.643  -0.026 -2.926  -9.298  8.424   13 B_DG15:DC9_D B 15 ? D 9  ? ?  1 
1 B DC 5  1_555 D DG 8  1_555 -0.588 0.526  0.481  0.090   -7.146  0.763   14 B_DC16:DG8_D B 16 ? D 8  ? 19 1 
1 B DA 6  1_555 D DT 7  1_555 0.609  -0.111 -0.204 5.032   -10.095 3.334   15 B_DA17:DT7_D B 17 ? D 7  ? 20 1 
1 B DC 7  1_555 D DG 6  1_555 -0.924 -0.207 -0.017 7.132   -9.200  -12.109 16 B_DC18:DG6_D B 18 ? D 6  ? 19 1 
1 B DT 8  1_555 D DA 5  1_555 -0.201 0.254  0.055  6.545   -10.495 6.723   17 B_DT19:DA5_D B 19 ? D 5  ? 20 1 
1 B DC 9  1_555 D DG 4  1_555 0.192  0.397  -0.011 7.591   -16.847 -0.174  18 B_DC20:DG4_D B 20 ? D 4  ? 19 1 
1 B DA 10 1_555 D DT 3  1_555 1.586  0.006  0.833  12.592  -21.224 4.977   19 B_DA21:DT3_D B 21 ? D 3  ? 20 1 
# 
loop_
_ndb_struct_na_base_pair_step.model_number 
_ndb_struct_na_base_pair_step.i_label_asym_id_1 
_ndb_struct_na_base_pair_step.i_label_comp_id_1 
_ndb_struct_na_base_pair_step.i_label_seq_id_1 
_ndb_struct_na_base_pair_step.i_symmetry_1 
_ndb_struct_na_base_pair_step.j_label_asym_id_1 
_ndb_struct_na_base_pair_step.j_label_comp_id_1 
_ndb_struct_na_base_pair_step.j_label_seq_id_1 
_ndb_struct_na_base_pair_step.j_symmetry_1 
_ndb_struct_na_base_pair_step.i_label_asym_id_2 
_ndb_struct_na_base_pair_step.i_label_comp_id_2 
_ndb_struct_na_base_pair_step.i_label_seq_id_2 
_ndb_struct_na_base_pair_step.i_symmetry_2 
_ndb_struct_na_base_pair_step.j_label_asym_id_2 
_ndb_struct_na_base_pair_step.j_label_comp_id_2 
_ndb_struct_na_base_pair_step.j_label_seq_id_2 
_ndb_struct_na_base_pair_step.j_symmetry_2 
_ndb_struct_na_base_pair_step.shift 
_ndb_struct_na_base_pair_step.slide 
_ndb_struct_na_base_pair_step.rise 
_ndb_struct_na_base_pair_step.tilt 
_ndb_struct_na_base_pair_step.roll 
_ndb_struct_na_base_pair_step.twist 
_ndb_struct_na_base_pair_step.x_displacement 
_ndb_struct_na_base_pair_step.y_displacement 
_ndb_struct_na_base_pair_step.helical_rise 
_ndb_struct_na_base_pair_step.inclination 
_ndb_struct_na_base_pair_step.tip 
_ndb_struct_na_base_pair_step.helical_twist 
_ndb_struct_na_base_pair_step.step_number 
_ndb_struct_na_base_pair_step.step_name 
_ndb_struct_na_base_pair_step.i_auth_asym_id_1 
_ndb_struct_na_base_pair_step.i_auth_seq_id_1 
_ndb_struct_na_base_pair_step.i_PDB_ins_code_1 
_ndb_struct_na_base_pair_step.j_auth_asym_id_1 
_ndb_struct_na_base_pair_step.j_auth_seq_id_1 
_ndb_struct_na_base_pair_step.j_PDB_ins_code_1 
_ndb_struct_na_base_pair_step.i_auth_asym_id_2 
_ndb_struct_na_base_pair_step.i_auth_seq_id_2 
_ndb_struct_na_base_pair_step.i_PDB_ins_code_2 
_ndb_struct_na_base_pair_step.j_auth_asym_id_2 
_ndb_struct_na_base_pair_step.j_auth_seq_id_2 
_ndb_struct_na_base_pair_step.j_PDB_ins_code_2 
1 A DG 3  1_555 D DC 16 1_555 A DC 4  1_555 D DG 15 1_555 -1.052 -0.545 3.053 -4.192 1.001  28.780 -1.293 1.218  3.151 2.000  
8.375   29.095 1  AA_DG3DC4:DG15DC16_DD A 3  ? D 16 ? A 4  ? D 15 ? 
1 A DC 4  1_555 D DG 15 1_555 A DA 5  1_555 D DT 14 1_555 0.133  0.822  3.103 -2.486 7.508  38.440 0.353  -0.486 3.187 11.259 
3.727   39.215 2  AA_DC4DA5:DT14DG15_DD A 4  ? D 15 ? A 5  ? D 14 ? 
1 A DA 5  1_555 D DT 14 1_555 A DG 6  1_555 D DC 13 1_555 0.471  -0.248 3.328 -0.761 1.290  30.412 -0.734 -1.051 3.303 2.458  
1.450   30.448 3  AA_DA5DG6:DC13DT14_DD A 5  ? D 14 ? A 6  ? D 13 ? 
1 A DG 6  1_555 D DC 13 1_555 A DA 7  1_555 D DT 12 1_555 -0.018 -0.666 3.546 2.017  -0.733 37.376 -0.934 0.316  3.553 -1.143 
-3.145  37.436 4  AA_DG6DA7:DT12DC13_DD A 6  ? D 13 ? A 7  ? D 12 ? 
1 A DA 7  1_555 D DT 12 1_555 A DC 8  1_555 D DG 11 1_555 0.868  -0.816 3.183 -5.910 -0.492 34.440 -1.289 -2.298 3.008 -0.823 
9.891   34.932 5  AA_DA7DC8:DG11DT12_DD A 7  ? D 12 ? A 8  ? D 11 ? 
1 A DC 8  1_555 D DG 11 1_555 A DC 9  1_555 D DG 10 1_555 -0.523 -1.497 3.247 -1.343 0.311  25.953 -3.414 0.797  3.252 0.692  
2.988   25.989 6  AA_DC8DC9:DG10DG11_DD A 8  ? D 11 ? A 9  ? D 10 ? 
1 A DC 9  1_555 D DG 10 1_555 A DC 10 1_555 C DG 2  1_555 -0.374 -1.023 3.164 -1.952 4.326  33.797 -2.397 0.343  3.030 7.397  
3.338   34.119 7  AA_DC9DC10:DG2DG10_CD A 9  ? D 10 ? A 10 ? C 2  ? 
1 A DC 10 1_555 C DG 2  1_555 A DG 11 1_555 C DC 1  1_555 -1.049 1.243  3.198 -1.453 3.532  35.548 1.514  1.499  3.341 5.765  
2.372   35.746 8  AA_DC10DG11:DC1DG2_CC A 10 ? C 2  ? A 11 ? C 1  ? 
1 B DA 1  1_555 C DT 5  1_555 B DC 2  1_555 C DG 4  1_555 0.519  -1.145 3.300 -6.753 1.885  28.305 -2.679 -2.477 3.017 3.782  
13.548  29.143 9  BB_DA12DC13:DG4DT5_CC B 12 ? C 5  ? B 13 ? C 4  ? 
1 B DC 2  1_555 C DG 4  1_555 B DG 3  1_555 C DC 3  1_555 0.097  -0.870 2.697 -0.810 -2.222 38.180 -1.095 -0.233 2.739 -3.394 
1.237   38.251 10 BB_DC13DG14:DC3DG4_CC B 13 ? C 4  ? B 14 ? C 3  ? 
1 B DG 3  1_555 C DC 3  1_555 B DG 4  1_555 D DC 9  1_555 -0.477 -0.543 3.558 6.200  2.792  33.340 -1.404 1.874  3.363 4.804  
-10.669 34.007 11 BB_DG14DG15:DC9DC3_DC B 14 ? C 3  ? B 15 ? D 9  ? 
1 B DG 4  1_555 D DC 9  1_555 B DC 5  1_555 D DG 8  1_555 -0.884 0.158  3.194 -4.156 2.705  30.015 -0.238 0.856  3.285 5.179  
7.955   30.412 12 BB_DG15DC16:DG8DC9_DD B 15 ? D 9  ? B 16 ? D 8  ? 
1 B DC 5  1_555 D DG 8  1_555 B DA 6  1_555 D DT 7  1_555 0.076  0.522  3.244 4.292  4.699  43.725 0.254  0.301  3.273 6.270  
-5.727  44.163 13 BB_DC16DA17:DT7DG8_DD B 16 ? D 8  ? B 17 ? D 7  ? 
1 B DA 6  1_555 D DT 7  1_555 B DC 7  1_555 D DG 6  1_555 0.008  -0.593 3.223 -3.483 -1.491 23.921 -0.944 -1.113 3.220 -3.570 
8.335   24.215 14 BB_DA17DC18:DG6DT7_DD B 17 ? D 7  ? B 18 ? D 6  ? 
1 B DC 7  1_555 D DG 6  1_555 B DT 8  1_555 D DA 5  1_555 0.651  -0.725 3.308 2.843  1.244  36.230 -1.339 -0.641 3.322 1.996  
-4.561  36.359 15 BB_DC18DT19:DA5DG6_DD B 18 ? D 6  ? B 19 ? D 5  ? 
1 B DT 8  1_555 D DA 5  1_555 B DC 9  1_555 D DG 4  1_555 -0.179 0.500  3.258 3.528  3.031  40.365 0.384  0.649  3.259 4.375  
-5.092  40.621 16 BB_DT19DC20:DG4DA5_DD B 19 ? D 5  ? B 20 ? D 4  ? 
1 B DC 9  1_555 D DG 4  1_555 B DA 10 1_555 D DT 3  1_555 0.875  1.189  3.436 -0.920 -2.479 48.205 1.655  -1.145 3.358 -3.033 
1.126   48.273 17 BB_DC20DA21:DT3DG4_DD B 20 ? D 4  ? B 21 ? D 3  ? 
# 
loop_
_pdbx_audit_support.funding_organization 
_pdbx_audit_support.country 
_pdbx_audit_support.grant_number 
_pdbx_audit_support.ordinal 
'National Science Foundation (NSF, United States)'                                         'United States' 1360635     1 
'National Institutes of Health/National Institute of General Medical Sciences (NIH/NIGMS)' 'United States' R01GM104960 2 
'National Science Foundation (NSF, United States)'                                         'United States' NSF2004250  3 
# 
_pdbx_entity_nonpoly.entity_id   5 
_pdbx_entity_nonpoly.name        'CACODYLATE ION' 
_pdbx_entity_nonpoly.comp_id     CAC 
# 
_pdbx_initial_refinement_model.id               1 
_pdbx_initial_refinement_model.entity_id_list   ? 
_pdbx_initial_refinement_model.type             'experimental model' 
_pdbx_initial_refinement_model.source_name      PDB 
_pdbx_initial_refinement_model.accession_code   6X8C 
_pdbx_initial_refinement_model.details          ? 
# 
_pdbx_struct_assembly_auth_evidence.id                     1 
_pdbx_struct_assembly_auth_evidence.assembly_id            1 
_pdbx_struct_assembly_auth_evidence.experimental_support   none 
_pdbx_struct_assembly_auth_evidence.details                ? 
# 
